data_5XOV
#
_entry.id   5XOV
#
_cell.length_a   101.992
_cell.length_b   73.789
_cell.length_c   163.781
_cell.angle_alpha   90.00
_cell.angle_beta   90.00
_cell.angle_gamma   90.00
#
_symmetry.space_group_name_H-M   'P 1 21 1'
#
loop_
_entity.id
_entity.type
_entity.pdbx_description
1 polymer 'HLA class I histocompatibility antigen, A-24 alpha chain'
2 polymer Beta-2-microglobulin
3 polymer 'HIV-1 Nef138-10 peptide'
4 polymer 'V-delta chain of T cell receptor'
5 polymer 'V-beta chain of T cell receptor'
6 water water
#
loop_
_entity_poly.entity_id
_entity_poly.type
_entity_poly.pdbx_seq_one_letter_code
_entity_poly.pdbx_strand_id
1 'polypeptide(L)'
;GSHSMRYFSTSVSRPGRGEPRFIAVGYVDDTQFVRFDSDAASQRMEPRAPWIEQEGPEYWDEETGKVKAHSQTDRENLRI
ALRYYNQSEAGSHTLQMMFGCDVGSDGRFLRGYHQYAYDGKDYIALKEDLRSWTAADMAAQITKRKWEAAHVAEQQRAYL
EGTCVDGLRRYLENGKETLQRTDPPKTHMTHHPISDHEATLRCWALGFYPAEITLTWQRDGEDQTQDTELVETRPAGDGT
FQKWAAVVVPSGEEQRYTCHVQHEGLPKPLTLRW
;
A,D
2 'polypeptide(L)'
;MIQRTPKIQVYSRHPAENGKSNFLNCYVSGFHPSDIEVDLLKNGERIEKVEHSDLSFSKDWSFYLLYYTEFTPTEKDEYA
CRVNHVTLSQPKIVKWDRDM
;
B,E
3 'polypeptide(L)' RYPLTFGWCF C,F
4 'polypeptide(L)'
;QKVTQAQSSVSMPVRKAVTLNCLYETSWWSYYIFWYKQLPSKEMIFLIRQGSDEQNAKSGRYSVNFKKAAKSVALTISAL
QLEDSAKYFCALGELARSGGYQKVTFGTGTKLQVIPNIQNPDPAVYQLRDSKSSDKSVCLFTDFDSQTNVSQSKDSDVYI
TDKCVLDMRSMDFKSNSAVAWSNKSDFACANAFNNSIIPEDTFFPSP
;
I,G
5 'polypeptide(L)'
;SQTIHQWPATLVQPVGSPLSLECTVEGTSNPNLYWYRQAAGRGLQLLFYSVGIGQISSEVPQNLSASRPQDRQFILSSKK
LLLSDSGFYLCAWSVSVGAGVPTIYFGEGSWLTVVEDLNKVFPPEVAVFEPSEAEISHTQKATLVCLATGFFPDHVELSW
WVNGKEVHSGVCTDPQPLKEQPALNDSRYALSSRLRVSATFWQNPRNHFRCQVQFYGLSENDEWTQDRAKPVTQIVSAEA
WGRAD
;
J,H
#
# COMPACT_ATOMS: atom_id res chain seq x y z
N GLY A 1 -19.10 -31.99 6.71
CA GLY A 1 -18.27 -32.66 5.73
C GLY A 1 -18.03 -31.80 4.50
N SER A 2 -17.85 -32.45 3.36
CA SER A 2 -17.60 -31.75 2.10
C SER A 2 -18.74 -30.80 1.75
N HIS A 3 -18.46 -29.85 0.85
CA HIS A 3 -19.49 -28.98 0.31
C HIS A 3 -19.22 -28.68 -1.16
N SER A 4 -20.20 -28.07 -1.82
CA SER A 4 -20.09 -27.81 -3.24
C SER A 4 -20.81 -26.53 -3.64
N MET A 5 -20.31 -25.88 -4.69
CA MET A 5 -21.00 -24.76 -5.31
C MET A 5 -21.20 -25.12 -6.78
N ARG A 6 -22.35 -24.75 -7.34
CA ARG A 6 -22.65 -25.06 -8.72
C ARG A 6 -23.41 -23.95 -9.41
N TYR A 7 -23.04 -23.70 -10.66
CA TYR A 7 -23.85 -22.86 -11.52
C TYR A 7 -24.29 -23.67 -12.73
N PHE A 8 -25.59 -23.63 -12.98
CA PHE A 8 -26.15 -24.29 -14.14
C PHE A 8 -26.84 -23.22 -14.95
N SER A 9 -26.53 -23.19 -16.24
CA SER A 9 -27.21 -22.28 -17.14
C SER A 9 -27.76 -23.09 -18.28
N THR A 10 -28.83 -22.59 -18.89
CA THR A 10 -29.46 -23.29 -19.99
C THR A 10 -29.86 -22.27 -21.03
N SER A 11 -29.37 -22.47 -22.25
CA SER A 11 -29.75 -21.61 -23.37
C SER A 11 -30.50 -22.43 -24.41
N VAL A 12 -31.69 -21.97 -24.74
CA VAL A 12 -32.53 -22.67 -25.71
C VAL A 12 -32.91 -21.71 -26.82
N SER A 13 -32.48 -22.01 -28.04
CA SER A 13 -32.86 -21.20 -29.18
C SER A 13 -34.34 -21.44 -29.50
N ARG A 14 -34.99 -20.42 -30.05
CA ARG A 14 -36.38 -20.51 -30.47
C ARG A 14 -36.55 -19.76 -31.79
N PRO A 15 -36.19 -20.43 -32.90
CA PRO A 15 -36.07 -19.85 -34.24
C PRO A 15 -37.32 -19.10 -34.72
N GLY A 16 -37.10 -17.92 -35.31
CA GLY A 16 -38.19 -17.10 -35.80
C GLY A 16 -39.07 -16.52 -34.70
N ARG A 17 -38.63 -16.66 -33.45
CA ARG A 17 -39.42 -16.15 -32.33
C ARG A 17 -38.57 -15.33 -31.36
N GLY A 18 -37.38 -14.97 -31.80
CA GLY A 18 -36.53 -14.07 -31.03
C GLY A 18 -35.19 -14.67 -30.62
N GLU A 19 -34.52 -13.98 -29.70
CA GLU A 19 -33.25 -14.45 -29.15
C GLU A 19 -33.48 -15.64 -28.22
N PRO A 20 -32.48 -16.53 -28.15
CA PRO A 20 -32.54 -17.67 -27.23
C PRO A 20 -32.81 -17.22 -25.81
N ARG A 21 -33.52 -18.04 -25.03
CA ARG A 21 -33.73 -17.72 -23.64
C ARG A 21 -32.61 -18.30 -22.77
N PHE A 22 -32.12 -17.47 -21.85
CA PHE A 22 -31.01 -17.88 -21.00
C PHE A 22 -31.46 -17.91 -19.56
N ILE A 23 -31.31 -19.06 -18.92
CA ILE A 23 -31.67 -19.20 -17.52
C ILE A 23 -30.50 -19.82 -16.75
N ALA A 24 -30.07 -19.14 -15.70
CA ALA A 24 -28.97 -19.64 -14.90
C ALA A 24 -29.35 -19.65 -13.44
N VAL A 25 -28.95 -20.70 -12.74
CA VAL A 25 -29.21 -20.80 -11.32
C VAL A 25 -27.92 -21.20 -10.64
N GLY A 26 -27.80 -20.87 -9.36
CA GLY A 26 -26.63 -21.24 -8.58
C GLY A 26 -26.99 -21.95 -7.29
N TYR A 27 -26.15 -22.89 -6.89
CA TYR A 27 -26.42 -23.70 -5.71
C TYR A 27 -25.23 -23.75 -4.79
N VAL A 28 -25.51 -23.88 -3.50
CA VAL A 28 -24.53 -24.36 -2.55
C VAL A 28 -25.10 -25.68 -2.03
N ASP A 29 -24.43 -26.78 -2.34
CA ASP A 29 -24.99 -28.08 -2.02
C ASP A 29 -26.36 -28.27 -2.68
N ASP A 30 -27.36 -28.59 -1.87
CA ASP A 30 -28.69 -28.89 -2.38
C ASP A 30 -29.63 -27.70 -2.26
N THR A 31 -29.06 -26.50 -2.15
CA THR A 31 -29.84 -25.29 -1.94
C THR A 31 -29.55 -24.21 -2.99
N GLN A 32 -30.57 -23.82 -3.73
CA GLN A 32 -30.42 -22.75 -4.71
C GLN A 32 -30.37 -21.40 -3.99
N PHE A 33 -29.52 -20.50 -4.48
CA PHE A 33 -29.38 -19.18 -3.84
C PHE A 33 -29.46 -17.99 -4.80
N VAL A 34 -29.25 -18.23 -6.10
CA VAL A 34 -29.41 -17.16 -7.08
C VAL A 34 -30.01 -17.64 -8.40
N ARG A 35 -30.51 -16.69 -9.18
CA ARG A 35 -30.98 -16.99 -10.52
C ARG A 35 -30.77 -15.78 -11.45
N PHE A 36 -30.73 -16.05 -12.74
CA PHE A 36 -30.82 -15.01 -13.75
C PHE A 36 -31.65 -15.54 -14.89
N ASP A 37 -32.56 -14.71 -15.40
CA ASP A 37 -33.48 -15.12 -16.44
C ASP A 37 -33.56 -14.03 -17.50
N SER A 38 -33.03 -14.33 -18.68
CA SER A 38 -32.93 -13.34 -19.76
C SER A 38 -34.28 -12.76 -20.19
N ASP A 39 -35.37 -13.43 -19.82
CA ASP A 39 -36.70 -12.96 -20.19
C ASP A 39 -37.35 -12.19 -19.05
N ALA A 40 -36.64 -12.08 -17.93
CA ALA A 40 -37.17 -11.37 -16.78
C ALA A 40 -36.98 -9.86 -16.91
N ALA A 41 -37.74 -9.08 -16.16
CA ALA A 41 -37.68 -7.64 -16.26
C ALA A 41 -36.43 -7.07 -15.60
N SER A 42 -36.09 -7.60 -14.43
CA SER A 42 -35.00 -7.03 -13.64
C SER A 42 -33.73 -6.97 -14.46
N GLN A 43 -33.49 -8.02 -15.26
CA GLN A 43 -32.30 -8.10 -16.07
C GLN A 43 -31.06 -8.00 -15.17
N ARG A 44 -31.18 -8.57 -13.97
CA ARG A 44 -30.07 -8.64 -13.03
C ARG A 44 -30.03 -10.00 -12.36
N MET A 45 -28.88 -10.34 -11.78
CA MET A 45 -28.75 -11.55 -10.99
C MET A 45 -29.56 -11.38 -9.72
N GLU A 46 -30.52 -12.27 -9.51
CA GLU A 46 -31.46 -12.16 -8.39
C GLU A 46 -31.14 -13.15 -7.26
N PRO A 47 -31.47 -12.75 -6.02
CA PRO A 47 -31.30 -13.63 -4.85
C PRO A 47 -32.43 -14.65 -4.74
N ARG A 48 -32.10 -15.86 -4.33
CA ARG A 48 -33.08 -16.93 -4.20
C ARG A 48 -32.92 -17.64 -2.86
N ALA A 49 -32.21 -17.00 -1.94
CA ALA A 49 -32.04 -17.50 -0.59
C ALA A 49 -31.73 -16.32 0.33
N PRO A 50 -32.29 -16.34 1.54
CA PRO A 50 -32.18 -15.16 2.40
C PRO A 50 -30.73 -14.82 2.76
N TRP A 51 -29.90 -15.83 2.93
CA TRP A 51 -28.54 -15.60 3.44
C TRP A 51 -27.61 -14.90 2.45
N ILE A 52 -28.03 -14.79 1.20
CA ILE A 52 -27.25 -14.12 0.19
C ILE A 52 -27.76 -12.69 -0.01
N GLU A 53 -28.92 -12.38 0.56
CA GLU A 53 -29.49 -11.05 0.43
C GLU A 53 -28.60 -10.01 1.12
N GLN A 54 -27.66 -10.50 1.94
CA GLN A 54 -26.80 -9.62 2.71
C GLN A 54 -25.60 -9.08 1.93
N GLU A 55 -25.31 -9.68 0.78
CA GLU A 55 -24.31 -9.12 -0.12
C GLU A 55 -24.78 -7.74 -0.60
N GLY A 56 -23.86 -6.79 -0.66
CA GLY A 56 -24.18 -5.42 -1.04
C GLY A 56 -24.30 -5.21 -2.54
N PRO A 57 -24.73 -4.01 -2.95
CA PRO A 57 -25.00 -3.72 -4.37
C PRO A 57 -23.83 -4.05 -5.29
N GLU A 58 -22.61 -4.04 -4.77
CA GLU A 58 -21.43 -4.32 -5.58
C GLU A 58 -21.41 -5.77 -6.03
N TYR A 59 -21.74 -6.67 -5.11
CA TYR A 59 -21.90 -8.09 -5.42
C TYR A 59 -22.89 -8.28 -6.58
N TRP A 60 -24.07 -7.69 -6.45
CA TRP A 60 -25.08 -7.84 -7.47
C TRP A 60 -24.64 -7.23 -8.81
N ASP A 61 -23.93 -6.11 -8.74
CA ASP A 61 -23.45 -5.47 -9.96
C ASP A 61 -22.40 -6.35 -10.67
N GLU A 62 -21.40 -6.80 -9.93
CA GLU A 62 -20.38 -7.67 -10.51
C GLU A 62 -20.96 -9.00 -11.00
N GLU A 63 -21.83 -9.61 -10.19
CA GLU A 63 -22.40 -10.90 -10.57
C GLU A 63 -23.29 -10.75 -11.80
N THR A 64 -24.10 -9.71 -11.83
CA THR A 64 -24.92 -9.41 -13.00
C THR A 64 -24.04 -9.30 -14.25
N GLY A 65 -23.00 -8.48 -14.16
CA GLY A 65 -22.04 -8.37 -15.24
C GLY A 65 -21.58 -9.73 -15.75
N LYS A 66 -21.08 -10.57 -14.85
CA LYS A 66 -20.55 -11.86 -15.27
C LYS A 66 -21.61 -12.71 -15.98
N VAL A 67 -22.78 -12.85 -15.35
CA VAL A 67 -23.83 -13.68 -15.94
C VAL A 67 -24.33 -13.12 -17.27
N LYS A 68 -24.38 -11.79 -17.39
CA LYS A 68 -24.77 -11.17 -18.65
C LYS A 68 -23.76 -11.51 -19.74
N ALA A 69 -22.48 -11.35 -19.42
CA ALA A 69 -21.41 -11.65 -20.37
C ALA A 69 -21.53 -13.11 -20.84
N HIS A 70 -21.80 -14.02 -19.90
CA HIS A 70 -21.96 -15.42 -20.25
C HIS A 70 -23.19 -15.63 -21.16
N SER A 71 -24.31 -15.04 -20.78
CA SER A 71 -25.54 -15.21 -21.53
C SER A 71 -25.37 -14.76 -22.99
N GLN A 72 -24.64 -13.68 -23.19
CA GLN A 72 -24.38 -13.19 -24.54
C GLN A 72 -23.45 -14.11 -25.33
N THR A 73 -22.43 -14.67 -24.69
CA THR A 73 -21.56 -15.56 -25.46
C THR A 73 -22.21 -16.93 -25.75
N ASP A 74 -23.06 -17.42 -24.85
CA ASP A 74 -23.73 -18.69 -25.12
C ASP A 74 -24.78 -18.50 -26.20
N ARG A 75 -25.34 -17.30 -26.28
CA ARG A 75 -26.23 -16.96 -27.38
C ARG A 75 -25.46 -17.14 -28.67
N GLU A 76 -24.28 -16.54 -28.74
CA GLU A 76 -23.45 -16.64 -29.91
C GLU A 76 -22.95 -18.08 -30.12
N ASN A 77 -22.70 -18.78 -29.02
CA ASN A 77 -22.26 -20.17 -29.10
C ASN A 77 -23.27 -21.09 -29.79
N LEU A 78 -24.55 -20.92 -29.48
CA LEU A 78 -25.57 -21.70 -30.16
C LEU A 78 -25.39 -21.58 -31.66
N ARG A 79 -25.18 -20.35 -32.12
CA ARG A 79 -25.01 -20.08 -33.55
C ARG A 79 -23.77 -20.77 -34.11
N ILE A 80 -22.70 -20.79 -33.33
CA ILE A 80 -21.46 -21.39 -33.78
C ILE A 80 -21.57 -22.91 -33.88
N ALA A 81 -22.21 -23.52 -32.89
CA ALA A 81 -22.44 -24.97 -32.91
C ALA A 81 -23.30 -25.32 -34.10
N LEU A 82 -24.37 -24.53 -34.31
CA LEU A 82 -25.24 -24.72 -35.44
C LEU A 82 -24.43 -24.79 -36.73
N ARG A 83 -23.52 -23.84 -36.90
CA ARG A 83 -22.67 -23.80 -38.09
C ARG A 83 -21.65 -24.93 -38.06
N TYR A 84 -21.08 -25.21 -36.89
CA TYR A 84 -20.13 -26.30 -36.78
C TYR A 84 -20.75 -27.61 -37.25
N TYR A 85 -22.00 -27.85 -36.88
CA TYR A 85 -22.67 -29.11 -37.22
C TYR A 85 -23.40 -29.01 -38.54
N ASN A 86 -23.40 -27.81 -39.12
CA ASN A 86 -24.21 -27.54 -40.30
C ASN A 86 -25.65 -28.04 -40.12
N GLN A 87 -26.31 -27.55 -39.09
CA GLN A 87 -27.70 -27.93 -38.83
C GLN A 87 -28.64 -26.83 -39.29
N SER A 88 -29.93 -27.15 -39.34
CA SER A 88 -30.93 -26.23 -39.85
C SER A 88 -31.29 -25.15 -38.84
N GLU A 89 -31.43 -23.92 -39.32
CA GLU A 89 -31.83 -22.80 -38.47
C GLU A 89 -33.30 -22.90 -38.08
N ALA A 90 -33.98 -23.93 -38.58
CA ALA A 90 -35.39 -24.12 -38.31
C ALA A 90 -35.60 -24.84 -36.97
N GLY A 91 -34.59 -25.58 -36.54
CA GLY A 91 -34.69 -26.37 -35.33
C GLY A 91 -34.24 -25.67 -34.06
N SER A 92 -34.94 -25.95 -32.97
CA SER A 92 -34.55 -25.45 -31.66
C SER A 92 -33.39 -26.29 -31.12
N HIS A 93 -32.45 -25.63 -30.45
CA HIS A 93 -31.32 -26.33 -29.85
C HIS A 93 -31.02 -25.85 -28.43
N THR A 94 -30.23 -26.62 -27.71
CA THR A 94 -29.97 -26.34 -26.32
C THR A 94 -28.48 -26.36 -26.02
N LEU A 95 -28.03 -25.39 -25.24
CA LEU A 95 -26.67 -25.41 -24.72
C LEU A 95 -26.72 -25.27 -23.20
N GLN A 96 -26.11 -26.24 -22.51
CA GLN A 96 -26.09 -26.26 -21.05
C GLN A 96 -24.66 -26.12 -20.56
N MET A 97 -24.48 -25.42 -19.45
CA MET A 97 -23.16 -25.27 -18.85
C MET A 97 -23.21 -25.59 -17.37
N MET A 98 -22.21 -26.31 -16.88
CA MET A 98 -22.08 -26.55 -15.46
C MET A 98 -20.71 -26.10 -14.96
N PHE A 99 -20.69 -25.37 -13.85
CA PHE A 99 -19.45 -24.84 -13.31
C PHE A 99 -19.49 -24.81 -11.79
N GLY A 100 -18.33 -25.03 -11.16
CA GLY A 100 -18.26 -25.00 -9.71
C GLY A 100 -17.14 -25.85 -9.13
N CYS A 101 -17.03 -25.83 -7.80
CA CYS A 101 -15.97 -26.53 -7.08
C CYS A 101 -16.51 -27.34 -5.89
N ASP A 102 -15.78 -28.38 -5.51
CA ASP A 102 -16.05 -29.09 -4.26
C ASP A 102 -14.94 -28.80 -3.25
N VAL A 103 -15.31 -28.55 -2.00
CA VAL A 103 -14.33 -28.41 -0.92
C VAL A 103 -14.54 -29.47 0.14
N GLY A 104 -13.49 -29.76 0.91
CA GLY A 104 -13.57 -30.74 1.98
C GLY A 104 -14.08 -30.19 3.29
N SER A 105 -14.05 -31.03 4.31
CA SER A 105 -14.52 -30.64 5.64
C SER A 105 -13.71 -29.46 6.15
N ASP A 106 -12.46 -29.38 5.71
CA ASP A 106 -11.55 -28.32 6.13
C ASP A 106 -11.59 -27.06 5.27
N GLY A 107 -12.57 -26.97 4.37
CA GLY A 107 -12.75 -25.80 3.53
C GLY A 107 -11.69 -25.65 2.45
N ARG A 108 -11.05 -26.75 2.08
CA ARG A 108 -9.98 -26.71 1.09
C ARG A 108 -10.34 -27.40 -0.22
N PHE A 109 -9.79 -26.89 -1.32
CA PHE A 109 -10.13 -27.35 -2.66
C PHE A 109 -10.10 -28.87 -2.79
N LEU A 110 -11.06 -29.41 -3.53
CA LEU A 110 -11.20 -30.84 -3.70
C LEU A 110 -11.28 -31.14 -5.20
N ARG A 111 -12.29 -30.58 -5.86
CA ARG A 111 -12.44 -30.74 -7.31
C ARG A 111 -13.05 -29.50 -7.97
N GLY A 112 -12.78 -29.34 -9.26
CA GLY A 112 -13.34 -28.25 -10.04
C GLY A 112 -13.95 -28.74 -11.34
N TYR A 113 -15.02 -28.07 -11.78
CA TYR A 113 -15.74 -28.49 -12.97
C TYR A 113 -16.04 -27.32 -13.89
N HIS A 114 -15.91 -27.57 -15.19
CA HIS A 114 -16.32 -26.61 -16.21
C HIS A 114 -16.67 -27.39 -17.47
N GLN A 115 -17.97 -27.61 -17.67
CA GLN A 115 -18.45 -28.49 -18.74
C GLN A 115 -19.63 -27.90 -19.52
N TYR A 116 -19.66 -28.20 -20.81
CA TYR A 116 -20.78 -27.82 -21.68
C TYR A 116 -21.46 -29.08 -22.25
N ALA A 117 -22.78 -29.04 -22.38
CA ALA A 117 -23.51 -30.06 -23.13
C ALA A 117 -24.37 -29.43 -24.23
N TYR A 118 -24.31 -30.02 -25.43
CA TYR A 118 -25.12 -29.54 -26.54
C TYR A 118 -26.21 -30.56 -26.85
N ASP A 119 -27.43 -30.06 -26.94
CA ASP A 119 -28.60 -30.91 -27.13
C ASP A 119 -28.59 -32.10 -26.18
N GLY A 120 -28.20 -31.85 -24.94
CA GLY A 120 -28.30 -32.84 -23.90
C GLY A 120 -27.18 -33.87 -23.86
N LYS A 121 -26.16 -33.68 -24.68
CA LYS A 121 -25.00 -34.57 -24.61
C LYS A 121 -23.68 -33.82 -24.59
N ASP A 122 -22.69 -34.42 -23.94
CA ASP A 122 -21.37 -33.83 -23.78
C ASP A 122 -20.85 -33.13 -25.03
N TYR A 123 -20.34 -31.92 -24.84
CA TYR A 123 -19.70 -31.19 -25.91
C TYR A 123 -18.21 -31.01 -25.58
N ILE A 124 -17.95 -30.25 -24.52
CA ILE A 124 -16.58 -30.05 -24.05
C ILE A 124 -16.58 -29.99 -22.53
N ALA A 125 -15.50 -30.47 -21.92
CA ALA A 125 -15.42 -30.51 -20.46
C ALA A 125 -13.98 -30.50 -19.97
N LEU A 126 -13.74 -29.77 -18.89
CA LEU A 126 -12.40 -29.66 -18.32
C LEU A 126 -12.10 -30.89 -17.49
N LYS A 127 -10.91 -31.46 -17.68
CA LYS A 127 -10.55 -32.72 -17.01
C LYS A 127 -10.28 -32.54 -15.52
N GLU A 128 -10.12 -33.65 -14.82
CA GLU A 128 -9.94 -33.63 -13.38
C GLU A 128 -8.69 -32.85 -12.98
N ASP A 129 -7.66 -32.91 -13.81
CA ASP A 129 -6.41 -32.21 -13.54
C ASP A 129 -6.49 -30.71 -13.86
N LEU A 130 -7.67 -30.27 -14.30
CA LEU A 130 -7.90 -28.86 -14.61
C LEU A 130 -6.89 -28.29 -15.61
N ARG A 131 -6.37 -29.14 -16.48
CA ARG A 131 -5.26 -28.74 -17.36
C ARG A 131 -5.56 -28.93 -18.85
N SER A 132 -6.49 -29.83 -19.16
CA SER A 132 -6.80 -30.13 -20.56
C SER A 132 -8.30 -30.40 -20.76
N TRP A 133 -8.74 -30.33 -22.00
CA TRP A 133 -10.16 -30.49 -22.32
C TRP A 133 -10.49 -31.86 -22.90
N THR A 134 -11.67 -32.37 -22.54
CA THR A 134 -12.22 -33.55 -23.19
C THR A 134 -13.22 -33.10 -24.26
N ALA A 135 -12.83 -33.21 -25.52
CA ALA A 135 -13.70 -32.86 -26.64
C ALA A 135 -14.51 -34.06 -27.12
N ALA A 136 -15.82 -34.01 -26.91
CA ALA A 136 -16.71 -35.10 -27.27
C ALA A 136 -16.63 -35.49 -28.75
N ASP A 137 -16.44 -34.52 -29.64
CA ASP A 137 -16.48 -34.82 -31.07
C ASP A 137 -15.68 -33.84 -31.93
N MET A 138 -15.83 -33.96 -33.25
CA MET A 138 -15.03 -33.20 -34.20
C MET A 138 -15.26 -31.70 -34.03
N ALA A 139 -16.52 -31.31 -33.81
CA ALA A 139 -16.87 -29.91 -33.63
C ALA A 139 -16.24 -29.34 -32.36
N ALA A 140 -16.46 -30.03 -31.24
CA ALA A 140 -15.86 -29.63 -29.97
C ALA A 140 -14.35 -29.48 -30.08
N GLN A 141 -13.72 -30.21 -31.00
CA GLN A 141 -12.28 -30.15 -31.13
C GLN A 141 -11.83 -28.82 -31.71
N ILE A 142 -12.65 -28.24 -32.58
CA ILE A 142 -12.41 -26.90 -33.07
C ILE A 142 -12.35 -25.96 -31.87
N THR A 143 -13.29 -26.14 -30.95
CA THR A 143 -13.39 -25.33 -29.75
C THR A 143 -12.22 -25.61 -28.81
N LYS A 144 -11.94 -26.88 -28.58
CA LYS A 144 -10.80 -27.28 -27.76
C LYS A 144 -9.55 -26.56 -28.25
N ARG A 145 -9.48 -26.29 -29.54
CA ARG A 145 -8.33 -25.59 -30.10
C ARG A 145 -8.39 -24.10 -29.80
N LYS A 146 -9.58 -23.52 -29.87
CA LYS A 146 -9.74 -22.13 -29.50
C LYS A 146 -9.34 -21.93 -28.05
N TRP A 147 -9.91 -22.75 -27.17
CA TRP A 147 -9.70 -22.62 -25.73
C TRP A 147 -8.24 -22.86 -25.34
N GLU A 148 -7.59 -23.80 -26.02
CA GLU A 148 -6.16 -24.02 -25.82
C GLU A 148 -5.37 -22.75 -26.14
N ALA A 149 -5.67 -22.14 -27.29
CA ALA A 149 -4.99 -20.92 -27.72
C ALA A 149 -5.23 -19.75 -26.77
N ALA A 150 -6.41 -19.73 -26.15
CA ALA A 150 -6.80 -18.63 -25.28
C ALA A 150 -6.47 -18.90 -23.81
N HIS A 151 -5.88 -20.06 -23.53
CA HIS A 151 -5.45 -20.40 -22.17
C HIS A 151 -6.61 -20.44 -21.18
N VAL A 152 -7.80 -20.79 -21.67
CA VAL A 152 -8.98 -20.87 -20.82
C VAL A 152 -8.75 -21.83 -19.65
N ALA A 153 -8.16 -22.99 -19.95
CA ALA A 153 -7.92 -24.01 -18.94
C ALA A 153 -7.20 -23.43 -17.73
N GLU A 154 -6.00 -22.91 -17.94
CA GLU A 154 -5.21 -22.44 -16.81
C GLU A 154 -5.91 -21.28 -16.11
N GLN A 155 -6.61 -20.46 -16.88
CA GLN A 155 -7.37 -19.37 -16.31
C GLN A 155 -8.46 -19.86 -15.36
N GLN A 156 -9.26 -20.82 -15.81
CA GLN A 156 -10.35 -21.37 -14.99
C GLN A 156 -9.82 -22.18 -13.80
N ARG A 157 -8.70 -22.86 -14.00
CA ARG A 157 -8.06 -23.58 -12.91
C ARG A 157 -7.83 -22.64 -11.73
N ALA A 158 -7.25 -21.50 -12.03
CA ALA A 158 -6.90 -20.52 -10.99
C ALA A 158 -8.15 -20.01 -10.27
N TYR A 159 -9.24 -19.84 -11.03
CA TYR A 159 -10.50 -19.35 -10.49
C TYR A 159 -11.17 -20.41 -9.60
N LEU A 160 -11.27 -21.63 -10.10
CA LEU A 160 -11.83 -22.72 -9.34
C LEU A 160 -11.08 -22.91 -8.02
N GLU A 161 -9.76 -22.97 -8.10
CA GLU A 161 -8.94 -23.23 -6.92
C GLU A 161 -8.87 -22.02 -6.01
N GLY A 162 -9.24 -20.85 -6.53
CA GLY A 162 -9.16 -19.62 -5.78
C GLY A 162 -10.51 -18.96 -5.50
N THR A 163 -10.96 -18.12 -6.43
CA THR A 163 -12.19 -17.35 -6.25
C THR A 163 -13.39 -18.21 -5.85
N CYS A 164 -13.58 -19.33 -6.55
CA CYS A 164 -14.69 -20.24 -6.31
C CYS A 164 -14.63 -20.86 -4.90
N VAL A 165 -13.48 -21.41 -4.54
CA VAL A 165 -13.29 -22.00 -3.21
C VAL A 165 -13.62 -21.00 -2.11
N ASP A 166 -12.99 -19.83 -2.19
CA ASP A 166 -13.16 -18.80 -1.17
C ASP A 166 -14.61 -18.34 -1.07
N GLY A 167 -15.26 -18.13 -2.21
CA GLY A 167 -16.65 -17.77 -2.25
C GLY A 167 -17.52 -18.81 -1.56
N LEU A 168 -17.17 -20.07 -1.75
CA LEU A 168 -17.89 -21.18 -1.11
C LEU A 168 -17.76 -21.10 0.41
N ARG A 169 -16.55 -20.82 0.87
CA ARG A 169 -16.29 -20.60 2.28
C ARG A 169 -17.12 -19.42 2.82
N ARG A 170 -17.14 -18.33 2.08
CA ARG A 170 -17.94 -17.17 2.49
C ARG A 170 -19.41 -17.50 2.61
N TYR A 171 -19.94 -18.22 1.61
CA TYR A 171 -21.36 -18.59 1.62
C TYR A 171 -21.68 -19.49 2.80
N LEU A 172 -20.92 -20.57 2.96
CA LEU A 172 -21.10 -21.49 4.07
C LEU A 172 -21.12 -20.78 5.43
N GLU A 173 -20.39 -19.67 5.55
CA GLU A 173 -20.44 -18.84 6.75
C GLU A 173 -21.66 -17.93 6.79
N ASN A 174 -21.84 -17.13 5.74
CA ASN A 174 -23.00 -16.25 5.63
C ASN A 174 -24.31 -16.97 5.92
N GLY A 175 -24.36 -18.25 5.57
CA GLY A 175 -25.58 -19.03 5.71
C GLY A 175 -25.41 -20.22 6.62
N LYS A 176 -24.45 -20.10 7.54
CA LYS A 176 -24.15 -21.15 8.52
C LYS A 176 -25.42 -21.82 9.05
N GLU A 177 -26.31 -21.00 9.62
CA GLU A 177 -27.52 -21.49 10.28
C GLU A 177 -28.40 -22.35 9.37
N THR A 178 -28.30 -22.15 8.06
CA THR A 178 -29.12 -22.88 7.11
C THR A 178 -28.30 -23.93 6.37
N LEU A 179 -27.17 -23.50 5.80
CA LEU A 179 -26.37 -24.36 4.94
C LEU A 179 -25.67 -25.49 5.68
N GLN A 180 -25.29 -25.23 6.94
CA GLN A 180 -24.59 -26.23 7.73
C GLN A 180 -25.51 -26.93 8.72
N ARG A 181 -26.80 -26.69 8.59
CA ARG A 181 -27.79 -27.42 9.39
C ARG A 181 -27.82 -28.86 8.91
N THR A 182 -28.39 -29.74 9.73
CA THR A 182 -28.63 -31.10 9.31
C THR A 182 -30.03 -31.49 9.76
N ASP A 183 -30.81 -32.06 8.85
CA ASP A 183 -32.17 -32.46 9.15
C ASP A 183 -32.35 -33.95 9.04
N PRO A 184 -32.52 -34.63 10.18
CA PRO A 184 -32.81 -36.05 10.15
C PRO A 184 -34.16 -36.26 9.46
N PRO A 185 -34.29 -37.37 8.72
CA PRO A 185 -35.58 -37.69 8.09
C PRO A 185 -36.58 -38.14 9.15
N LYS A 186 -37.75 -37.54 9.16
CA LYS A 186 -38.85 -38.01 9.98
C LYS A 186 -39.51 -39.19 9.26
N THR A 187 -39.47 -40.37 9.88
CA THR A 187 -39.87 -41.60 9.20
C THR A 187 -41.20 -42.20 9.66
N HIS A 188 -41.68 -43.19 8.90
CA HIS A 188 -42.86 -43.98 9.26
C HIS A 188 -43.25 -44.96 8.16
N MET A 189 -43.92 -46.05 8.55
CA MET A 189 -44.40 -47.06 7.60
C MET A 189 -45.87 -46.88 7.29
N THR A 190 -46.28 -47.30 6.09
CA THR A 190 -47.69 -47.37 5.77
C THR A 190 -48.00 -48.71 5.14
N HIS A 191 -49.25 -49.14 5.29
CA HIS A 191 -49.66 -50.46 4.84
C HIS A 191 -50.80 -50.31 3.85
N HIS A 192 -50.67 -50.95 2.70
CA HIS A 192 -51.68 -50.80 1.65
C HIS A 192 -51.97 -52.14 1.00
N PRO A 193 -53.13 -52.71 1.35
CA PRO A 193 -53.50 -54.00 0.75
C PRO A 193 -53.81 -53.84 -0.74
N ILE A 194 -53.30 -54.76 -1.55
CA ILE A 194 -53.65 -54.80 -2.96
C ILE A 194 -54.69 -55.89 -3.21
N SER A 195 -54.47 -57.06 -2.61
CA SER A 195 -55.39 -58.19 -2.69
C SER A 195 -55.74 -58.68 -1.30
N ASP A 196 -56.48 -59.78 -1.25
CA ASP A 196 -56.68 -60.50 0.02
C ASP A 196 -55.40 -61.22 0.40
N HIS A 197 -54.49 -61.37 -0.57
CA HIS A 197 -53.26 -62.12 -0.36
C HIS A 197 -51.99 -61.27 -0.41
N GLU A 198 -52.10 -60.02 -0.84
CA GLU A 198 -50.92 -59.15 -0.88
C GLU A 198 -51.16 -57.73 -0.38
N ALA A 199 -50.09 -57.10 0.07
CA ALA A 199 -50.15 -55.74 0.55
C ALA A 199 -48.84 -55.02 0.29
N THR A 200 -48.92 -53.71 0.14
CA THR A 200 -47.74 -52.88 -0.04
C THR A 200 -47.28 -52.31 1.29
N LEU A 201 -46.02 -52.53 1.62
CA LEU A 201 -45.41 -51.83 2.74
C LEU A 201 -44.60 -50.67 2.17
N ARG A 202 -44.84 -49.46 2.67
CA ARG A 202 -44.11 -48.30 2.20
C ARG A 202 -43.42 -47.57 3.34
N CYS A 203 -42.11 -47.39 3.20
CA CYS A 203 -41.29 -46.73 4.21
C CYS A 203 -41.01 -45.28 3.82
N TRP A 204 -41.44 -44.35 4.65
CA TRP A 204 -41.29 -42.93 4.34
C TRP A 204 -40.14 -42.25 5.08
N ALA A 205 -39.51 -41.30 4.41
CA ALA A 205 -38.58 -40.36 5.03
C ALA A 205 -38.98 -38.97 4.56
N LEU A 206 -39.07 -38.02 5.48
CA LEU A 206 -39.67 -36.72 5.18
C LEU A 206 -38.95 -35.55 5.86
N GLY A 207 -38.89 -34.42 5.17
CA GLY A 207 -38.33 -33.20 5.73
C GLY A 207 -36.85 -33.28 6.08
N PHE A 208 -36.09 -34.05 5.31
CA PHE A 208 -34.65 -34.18 5.56
C PHE A 208 -33.77 -33.30 4.66
N TYR A 209 -32.54 -33.08 5.11
CA TYR A 209 -31.55 -32.29 4.38
C TYR A 209 -30.17 -32.55 4.95
N PRO A 210 -29.15 -32.71 4.08
CA PRO A 210 -29.20 -32.68 2.61
C PRO A 210 -30.02 -33.83 2.03
N ALA A 211 -30.09 -33.87 0.70
CA ALA A 211 -30.92 -34.84 0.01
C ALA A 211 -30.32 -36.24 -0.05
N GLU A 212 -29.06 -36.39 0.36
CA GLU A 212 -28.43 -37.70 0.32
C GLU A 212 -29.07 -38.62 1.36
N ILE A 213 -29.56 -39.77 0.89
CA ILE A 213 -30.23 -40.71 1.79
C ILE A 213 -30.19 -42.14 1.22
N THR A 214 -30.25 -43.11 2.12
CA THR A 214 -30.32 -44.51 1.71
C THR A 214 -31.49 -45.21 2.39
N LEU A 215 -32.40 -45.75 1.58
CA LEU A 215 -33.55 -46.51 2.06
C LEU A 215 -33.48 -47.92 1.52
N THR A 216 -33.49 -48.91 2.41
CA THR A 216 -33.42 -50.31 1.99
C THR A 216 -34.46 -51.18 2.69
N TRP A 217 -34.93 -52.20 1.98
CA TRP A 217 -35.84 -53.19 2.56
C TRP A 217 -35.11 -54.51 2.80
N GLN A 218 -35.53 -55.23 3.84
CA GLN A 218 -34.94 -56.52 4.15
C GLN A 218 -35.98 -57.55 4.60
N ARG A 219 -36.06 -58.66 3.87
CA ARG A 219 -36.92 -59.77 4.25
C ARG A 219 -36.17 -60.69 5.22
N ASP A 220 -36.47 -60.56 6.50
CA ASP A 220 -35.73 -61.27 7.55
C ASP A 220 -34.22 -61.06 7.43
N GLY A 221 -33.81 -59.81 7.43
CA GLY A 221 -32.40 -59.45 7.41
C GLY A 221 -31.68 -59.87 6.14
N GLU A 222 -32.25 -59.52 5.00
CA GLU A 222 -31.68 -59.90 3.71
C GLU A 222 -32.22 -59.00 2.60
N ASP A 223 -31.33 -58.54 1.75
CA ASP A 223 -31.65 -57.49 0.77
C ASP A 223 -32.75 -57.86 -0.22
N GLN A 224 -33.53 -56.85 -0.61
CA GLN A 224 -34.65 -57.03 -1.53
C GLN A 224 -34.58 -55.98 -2.63
N THR A 225 -33.36 -55.61 -3.00
CA THR A 225 -33.13 -54.51 -3.94
C THR A 225 -33.82 -54.68 -5.30
N GLN A 226 -34.05 -55.93 -5.69
CA GLN A 226 -34.73 -56.21 -6.94
C GLN A 226 -36.25 -56.07 -6.82
N ASP A 227 -36.77 -56.34 -5.62
CA ASP A 227 -38.21 -56.33 -5.40
C ASP A 227 -38.69 -55.11 -4.62
N THR A 228 -37.77 -54.18 -4.39
CA THR A 228 -38.10 -52.94 -3.72
C THR A 228 -38.36 -51.84 -4.75
N GLU A 229 -39.45 -51.09 -4.58
CA GLU A 229 -39.70 -49.92 -5.41
C GLU A 229 -39.16 -48.67 -4.72
N LEU A 230 -38.36 -47.90 -5.46
CA LEU A 230 -37.68 -46.74 -4.91
C LEU A 230 -37.98 -45.53 -5.77
N VAL A 231 -38.52 -44.47 -5.18
CA VAL A 231 -38.81 -43.27 -5.95
C VAL A 231 -37.63 -42.31 -5.88
N GLU A 232 -37.40 -41.60 -6.98
CA GLU A 232 -36.36 -40.59 -6.99
C GLU A 232 -36.64 -39.62 -5.85
N THR A 233 -35.58 -39.24 -5.12
CA THR A 233 -35.71 -38.24 -4.07
C THR A 233 -36.35 -36.99 -4.65
N ARG A 234 -37.05 -36.23 -3.82
CA ARG A 234 -37.87 -35.13 -4.32
C ARG A 234 -37.97 -33.97 -3.34
N PRO A 235 -38.07 -32.74 -3.88
CA PRO A 235 -38.13 -31.53 -3.05
C PRO A 235 -39.48 -31.39 -2.34
N ALA A 236 -39.45 -31.07 -1.06
CA ALA A 236 -40.67 -30.83 -0.31
C ALA A 236 -41.20 -29.46 -0.67
N GLY A 237 -40.31 -28.59 -1.17
CA GLY A 237 -40.70 -27.26 -1.56
C GLY A 237 -40.38 -26.23 -0.50
N ASP A 238 -39.66 -26.67 0.53
CA ASP A 238 -39.31 -25.76 1.62
C ASP A 238 -37.86 -25.96 2.07
N GLY A 239 -37.04 -26.46 1.15
CA GLY A 239 -35.63 -26.67 1.45
C GLY A 239 -35.36 -28.01 2.11
N THR A 240 -36.37 -28.86 2.19
CA THR A 240 -36.19 -30.22 2.70
C THR A 240 -36.55 -31.23 1.63
N PHE A 241 -36.32 -32.52 1.91
CA PHE A 241 -36.59 -33.54 0.92
C PHE A 241 -37.42 -34.72 1.44
N GLN A 242 -37.93 -35.51 0.51
CA GLN A 242 -38.76 -36.66 0.81
C GLN A 242 -38.32 -37.84 -0.04
N LYS A 243 -38.52 -39.05 0.46
CA LYS A 243 -38.28 -40.24 -0.33
C LYS A 243 -39.04 -41.41 0.27
N TRP A 244 -39.39 -42.39 -0.56
CA TRP A 244 -39.99 -43.61 -0.04
C TRP A 244 -39.60 -44.88 -0.78
N ALA A 245 -39.41 -45.94 -0.02
CA ALA A 245 -39.14 -47.26 -0.58
C ALA A 245 -40.35 -48.15 -0.29
N ALA A 246 -40.59 -49.15 -1.13
CA ALA A 246 -41.78 -49.99 -0.96
C ALA A 246 -41.59 -51.40 -1.48
N VAL A 247 -42.18 -52.36 -0.78
CA VAL A 247 -42.16 -53.75 -1.20
C VAL A 247 -43.57 -54.30 -1.17
N VAL A 248 -43.89 -55.19 -2.12
CA VAL A 248 -45.16 -55.88 -2.06
C VAL A 248 -44.97 -57.15 -1.24
N VAL A 249 -45.93 -57.41 -0.34
CA VAL A 249 -45.78 -58.46 0.63
C VAL A 249 -46.97 -59.41 0.60
N PRO A 250 -46.69 -60.72 0.68
CA PRO A 250 -47.77 -61.70 0.81
C PRO A 250 -48.35 -61.62 2.22
N SER A 251 -49.67 -61.56 2.33
CA SER A 251 -50.33 -61.47 3.62
C SER A 251 -49.77 -62.46 4.64
N GLY A 252 -49.54 -61.99 5.86
CA GLY A 252 -48.99 -62.83 6.90
C GLY A 252 -47.51 -62.61 7.11
N GLU A 253 -46.80 -62.32 6.02
CA GLU A 253 -45.35 -62.18 6.09
C GLU A 253 -44.86 -60.76 6.41
N GLU A 254 -45.79 -59.84 6.67
CA GLU A 254 -45.44 -58.45 6.96
C GLU A 254 -44.29 -58.31 7.94
N GLN A 255 -44.42 -58.89 9.12
CA GLN A 255 -43.42 -58.70 10.18
C GLN A 255 -42.03 -59.26 9.80
N ARG A 256 -41.99 -60.06 8.73
CA ARG A 256 -40.72 -60.53 8.18
C ARG A 256 -39.82 -59.39 7.67
N TYR A 257 -40.44 -58.36 7.12
CA TYR A 257 -39.70 -57.28 6.46
C TYR A 257 -39.26 -56.15 7.41
N THR A 258 -38.15 -55.52 7.04
CA THR A 258 -37.60 -54.41 7.80
C THR A 258 -37.13 -53.27 6.90
N CYS A 259 -37.40 -52.04 7.32
CA CYS A 259 -36.96 -50.88 6.58
C CYS A 259 -35.75 -50.25 7.26
N HIS A 260 -34.74 -49.92 6.47
CA HIS A 260 -33.50 -49.33 6.99
C HIS A 260 -33.19 -47.98 6.37
N VAL A 261 -32.86 -47.01 7.21
CA VAL A 261 -32.69 -45.63 6.77
C VAL A 261 -31.38 -45.03 7.23
N GLN A 262 -30.56 -44.60 6.30
CA GLN A 262 -29.31 -43.90 6.64
C GLN A 262 -29.33 -42.49 6.12
N HIS A 263 -29.01 -41.53 6.99
CA HIS A 263 -28.93 -40.14 6.58
C HIS A 263 -27.95 -39.38 7.46
N GLU A 264 -27.28 -38.40 6.88
CA GLU A 264 -26.26 -37.65 7.58
C GLU A 264 -26.68 -37.23 8.99
N GLY A 265 -27.95 -36.83 9.14
CA GLY A 265 -28.45 -36.32 10.40
C GLY A 265 -28.97 -37.38 11.35
N LEU A 266 -28.64 -38.64 11.07
CA LEU A 266 -29.01 -39.76 11.94
C LEU A 266 -27.77 -40.36 12.60
N PRO A 267 -27.62 -40.13 13.92
CA PRO A 267 -26.52 -40.70 14.69
C PRO A 267 -26.29 -42.17 14.36
N LYS A 268 -27.39 -42.92 14.19
CA LYS A 268 -27.30 -44.33 13.81
C LYS A 268 -28.41 -44.69 12.84
N PRO A 269 -28.14 -45.67 11.96
CA PRO A 269 -29.13 -46.17 11.00
C PRO A 269 -30.43 -46.56 11.72
N LEU A 270 -31.56 -46.08 11.22
CA LEU A 270 -32.86 -46.44 11.78
C LEU A 270 -33.35 -47.73 11.16
N THR A 271 -34.06 -48.53 11.96
CA THR A 271 -34.74 -49.72 11.45
C THR A 271 -36.22 -49.61 11.84
N LEU A 272 -37.10 -49.83 10.88
CA LEU A 272 -38.53 -49.74 11.13
C LEU A 272 -39.20 -51.07 10.85
N ARG A 273 -40.23 -51.39 11.64
CA ARG A 273 -40.94 -52.65 11.48
C ARG A 273 -42.44 -52.40 11.55
N TRP A 274 -43.21 -53.19 10.81
CA TRP A 274 -44.67 -53.01 10.76
C TRP A 274 -45.35 -53.53 12.02
N MET B 1 -29.15 -36.65 -30.48
CA MET B 1 -30.26 -35.74 -30.22
C MET B 1 -31.46 -36.52 -29.64
N ILE B 2 -31.15 -37.52 -28.81
CA ILE B 2 -32.20 -38.35 -28.23
C ILE B 2 -32.94 -37.61 -27.11
N GLN B 3 -34.27 -37.73 -27.12
CA GLN B 3 -35.12 -36.99 -26.21
C GLN B 3 -35.53 -37.88 -25.03
N ARG B 4 -35.57 -37.29 -23.84
CA ARG B 4 -35.94 -38.03 -22.65
C ARG B 4 -37.31 -37.58 -22.14
N THR B 5 -38.13 -38.53 -21.72
CA THR B 5 -39.48 -38.23 -21.26
C THR B 5 -39.53 -37.95 -19.75
N PRO B 6 -40.43 -37.04 -19.34
CA PRO B 6 -40.54 -36.59 -17.95
C PRO B 6 -41.02 -37.67 -17.00
N LYS B 7 -40.33 -37.81 -15.87
CA LYS B 7 -40.86 -38.55 -14.73
C LYS B 7 -41.74 -37.60 -13.93
N ILE B 8 -42.84 -38.12 -13.38
CA ILE B 8 -43.81 -37.28 -12.68
C ILE B 8 -44.15 -37.80 -11.28
N GLN B 9 -44.03 -36.94 -10.28
CA GLN B 9 -44.48 -37.26 -8.94
C GLN B 9 -45.36 -36.14 -8.41
N VAL B 10 -46.59 -36.47 -8.06
CA VAL B 10 -47.47 -35.46 -7.46
C VAL B 10 -47.72 -35.79 -6.00
N TYR B 11 -47.66 -34.78 -5.15
CA TYR B 11 -47.64 -35.00 -3.72
C TYR B 11 -47.70 -33.70 -2.95
N SER B 12 -47.93 -33.82 -1.65
CA SER B 12 -48.07 -32.65 -0.79
C SER B 12 -46.78 -32.42 -0.03
N ARG B 13 -46.55 -31.18 0.39
CA ARG B 13 -45.36 -30.84 1.14
C ARG B 13 -45.36 -31.55 2.49
N HIS B 14 -46.48 -31.41 3.19
CA HIS B 14 -46.67 -32.10 4.47
C HIS B 14 -47.72 -33.16 4.30
N PRO B 15 -47.73 -34.15 5.21
CA PRO B 15 -48.76 -35.20 5.15
C PRO B 15 -50.15 -34.57 5.16
N ALA B 16 -51.07 -35.20 4.43
CA ALA B 16 -52.39 -34.64 4.24
C ALA B 16 -53.26 -34.81 5.47
N GLU B 17 -53.99 -33.75 5.81
CA GLU B 17 -55.09 -33.86 6.76
C GLU B 17 -56.14 -32.78 6.50
N ASN B 18 -57.32 -33.23 6.06
CA ASN B 18 -58.40 -32.35 5.65
C ASN B 18 -58.57 -31.12 6.53
N GLY B 19 -58.83 -29.98 5.89
CA GLY B 19 -59.07 -28.74 6.60
C GLY B 19 -57.81 -27.95 6.90
N LYS B 20 -56.66 -28.58 6.70
CA LYS B 20 -55.38 -27.92 6.95
C LYS B 20 -54.68 -27.52 5.65
N SER B 21 -54.35 -26.23 5.52
CA SER B 21 -53.67 -25.73 4.34
C SER B 21 -52.33 -26.42 4.16
N ASN B 22 -52.01 -26.74 2.91
CA ASN B 22 -50.80 -27.47 2.59
C ASN B 22 -50.23 -26.90 1.29
N PHE B 23 -49.31 -27.65 0.69
CA PHE B 23 -48.81 -27.29 -0.63
C PHE B 23 -48.88 -28.53 -1.51
N LEU B 24 -49.43 -28.34 -2.71
CA LEU B 24 -49.54 -29.44 -3.66
C LEU B 24 -48.40 -29.35 -4.65
N ASN B 25 -47.57 -30.38 -4.70
CA ASN B 25 -46.37 -30.35 -5.55
C ASN B 25 -46.52 -31.26 -6.76
N CYS B 26 -45.96 -30.83 -7.88
CA CYS B 26 -45.81 -31.71 -9.02
C CYS B 26 -44.38 -31.60 -9.54
N TYR B 27 -43.61 -32.66 -9.32
CA TYR B 27 -42.19 -32.65 -9.64
C TYR B 27 -41.96 -33.39 -10.93
N VAL B 28 -41.37 -32.70 -11.89
CA VAL B 28 -41.05 -33.27 -13.19
C VAL B 28 -39.54 -33.29 -13.37
N SER B 29 -39.01 -34.45 -13.70
CA SER B 29 -37.57 -34.62 -13.77
C SER B 29 -37.16 -35.56 -14.88
N GLY B 30 -35.87 -35.55 -15.20
CA GLY B 30 -35.31 -36.49 -16.17
C GLY B 30 -35.81 -36.31 -17.59
N PHE B 31 -36.24 -35.10 -17.94
CA PHE B 31 -36.68 -34.85 -19.32
C PHE B 31 -35.69 -34.04 -20.14
N HIS B 32 -35.92 -34.02 -21.46
CA HIS B 32 -35.10 -33.28 -22.42
C HIS B 32 -35.76 -33.37 -23.79
N PRO B 33 -35.96 -32.22 -24.45
CA PRO B 33 -35.51 -30.90 -24.01
C PRO B 33 -36.35 -30.31 -22.88
N SER B 34 -36.12 -29.03 -22.58
CA SER B 34 -36.70 -28.41 -21.40
C SER B 34 -38.13 -27.90 -21.61
N ASP B 35 -38.49 -27.53 -22.82
CA ASP B 35 -39.88 -27.10 -23.08
C ASP B 35 -40.83 -28.14 -22.49
N ILE B 36 -41.72 -27.71 -21.61
CA ILE B 36 -42.66 -28.62 -20.95
C ILE B 36 -43.89 -27.88 -20.44
N GLU B 37 -45.05 -28.54 -20.52
CA GLU B 37 -46.30 -27.97 -20.04
C GLU B 37 -46.77 -28.68 -18.77
N VAL B 38 -46.97 -27.92 -17.69
CA VAL B 38 -47.42 -28.50 -16.44
C VAL B 38 -48.60 -27.76 -15.81
N ASP B 39 -49.65 -28.52 -15.51
CA ASP B 39 -50.79 -27.95 -14.82
C ASP B 39 -51.15 -28.74 -13.56
N LEU B 40 -51.71 -28.04 -12.58
CA LEU B 40 -52.32 -28.69 -11.44
C LEU B 40 -53.84 -28.56 -11.53
N LEU B 41 -54.54 -29.68 -11.52
CA LEU B 41 -55.98 -29.68 -11.65
C LEU B 41 -56.69 -29.86 -10.31
N LYS B 42 -57.76 -29.12 -10.12
CA LYS B 42 -58.67 -29.38 -9.01
C LYS B 42 -59.98 -29.91 -9.57
N ASN B 43 -60.26 -31.18 -9.34
CA ASN B 43 -61.43 -31.83 -9.91
C ASN B 43 -61.46 -31.66 -11.42
N GLY B 44 -60.32 -31.89 -12.07
CA GLY B 44 -60.22 -31.81 -13.51
C GLY B 44 -60.15 -30.40 -14.07
N GLU B 45 -60.35 -29.40 -13.20
CA GLU B 45 -60.28 -28.00 -13.63
C GLU B 45 -58.92 -27.38 -13.33
N ARG B 46 -58.33 -26.76 -14.35
CA ARG B 46 -57.02 -26.13 -14.23
C ARG B 46 -56.95 -25.11 -13.09
N ILE B 47 -55.92 -25.22 -12.27
CA ILE B 47 -55.71 -24.29 -11.16
C ILE B 47 -54.92 -23.06 -11.65
N GLU B 48 -55.30 -21.88 -11.19
CA GLU B 48 -54.78 -20.64 -11.76
C GLU B 48 -53.36 -20.25 -11.36
N LYS B 49 -53.17 -19.81 -10.12
CA LYS B 49 -51.88 -19.25 -9.72
C LYS B 49 -50.85 -20.30 -9.30
N VAL B 50 -50.39 -21.09 -10.28
CA VAL B 50 -49.42 -22.14 -10.06
C VAL B 50 -48.00 -21.61 -10.31
N GLU B 51 -47.13 -21.71 -9.31
CA GLU B 51 -45.74 -21.29 -9.43
C GLU B 51 -44.83 -22.47 -9.68
N HIS B 52 -43.57 -22.19 -9.97
CA HIS B 52 -42.60 -23.27 -10.16
C HIS B 52 -41.17 -22.86 -9.83
N SER B 53 -40.30 -23.85 -9.73
CA SER B 53 -38.89 -23.61 -9.48
C SER B 53 -38.18 -23.16 -10.75
N ASP B 54 -37.01 -22.56 -10.57
CA ASP B 54 -36.18 -22.12 -11.69
C ASP B 54 -35.56 -23.33 -12.39
N LEU B 55 -35.61 -23.33 -13.73
CA LEU B 55 -35.09 -24.45 -14.51
C LEU B 55 -33.67 -24.79 -14.09
N SER B 56 -33.46 -26.07 -13.79
CA SER B 56 -32.14 -26.60 -13.43
C SER B 56 -32.02 -28.01 -13.98
N PHE B 57 -30.89 -28.66 -13.74
CA PHE B 57 -30.68 -29.97 -14.33
C PHE B 57 -29.72 -30.89 -13.55
N SER B 58 -29.66 -32.15 -13.95
CA SER B 58 -28.91 -33.16 -13.21
C SER B 58 -27.59 -33.50 -13.89
N LYS B 59 -26.81 -34.34 -13.21
CA LYS B 59 -25.52 -34.78 -13.71
C LYS B 59 -25.62 -35.24 -15.17
N ASP B 60 -26.66 -35.99 -15.48
CA ASP B 60 -26.86 -36.51 -16.83
C ASP B 60 -27.46 -35.49 -17.82
N TRP B 61 -27.46 -34.22 -17.43
CA TRP B 61 -27.98 -33.12 -18.26
C TRP B 61 -29.50 -33.03 -18.38
N SER B 62 -30.22 -33.92 -17.70
CA SER B 62 -31.68 -33.89 -17.76
C SER B 62 -32.24 -32.84 -16.79
N PHE B 63 -33.41 -32.31 -17.12
CA PHE B 63 -33.98 -31.17 -16.41
C PHE B 63 -34.92 -31.59 -15.28
N TYR B 64 -35.09 -30.71 -14.30
CA TYR B 64 -36.14 -30.89 -13.30
C TYR B 64 -36.83 -29.58 -12.97
N LEU B 65 -38.10 -29.69 -12.63
CA LEU B 65 -38.92 -28.54 -12.24
C LEU B 65 -39.90 -28.97 -11.15
N LEU B 66 -40.13 -28.08 -10.19
CA LEU B 66 -41.19 -28.28 -9.23
C LEU B 66 -42.28 -27.22 -9.43
N TYR B 67 -43.50 -27.66 -9.76
CA TYR B 67 -44.65 -26.76 -9.78
C TYR B 67 -45.44 -26.96 -8.49
N TYR B 68 -45.97 -25.87 -7.94
CA TYR B 68 -46.62 -25.93 -6.65
C TYR B 68 -47.65 -24.85 -6.43
N THR B 69 -48.46 -25.02 -5.38
CA THR B 69 -49.55 -24.10 -5.05
C THR B 69 -50.13 -24.41 -3.69
N GLU B 70 -50.48 -23.37 -2.93
CA GLU B 70 -51.17 -23.57 -1.66
C GLU B 70 -52.55 -24.16 -1.94
N PHE B 71 -52.97 -25.09 -1.08
CA PHE B 71 -54.31 -25.66 -1.19
C PHE B 71 -54.76 -26.22 0.17
N THR B 72 -56.05 -26.49 0.30
CA THR B 72 -56.56 -27.14 1.49
C THR B 72 -57.32 -28.38 1.08
N PRO B 73 -56.82 -29.56 1.50
CA PRO B 73 -57.39 -30.84 1.09
C PRO B 73 -58.73 -31.15 1.77
N THR B 74 -59.61 -31.81 1.03
CA THR B 74 -60.84 -32.36 1.58
C THR B 74 -60.90 -33.82 1.18
N GLU B 75 -61.88 -34.56 1.70
CA GLU B 75 -61.98 -35.98 1.38
C GLU B 75 -62.54 -36.21 -0.02
N LYS B 76 -63.32 -35.25 -0.50
CA LYS B 76 -63.99 -35.39 -1.79
C LYS B 76 -63.14 -34.95 -2.97
N ASP B 77 -62.48 -33.80 -2.83
CA ASP B 77 -61.71 -33.17 -3.91
C ASP B 77 -60.63 -34.06 -4.55
N GLU B 78 -60.65 -34.12 -5.87
CA GLU B 78 -59.63 -34.82 -6.64
C GLU B 78 -58.59 -33.82 -7.13
N TYR B 79 -57.31 -34.13 -6.97
CA TYR B 79 -56.25 -33.29 -7.50
C TYR B 79 -55.34 -34.10 -8.41
N ALA B 80 -54.79 -33.46 -9.43
CA ALA B 80 -53.93 -34.15 -10.36
C ALA B 80 -52.87 -33.22 -10.95
N CYS B 81 -52.02 -33.77 -11.81
CA CYS B 81 -51.01 -33.01 -12.49
C CYS B 81 -51.04 -33.37 -13.96
N ARG B 82 -51.33 -32.40 -14.82
CA ARG B 82 -51.36 -32.64 -16.25
C ARG B 82 -50.05 -32.17 -16.87
N VAL B 83 -49.42 -33.04 -17.65
CA VAL B 83 -48.12 -32.75 -18.19
C VAL B 83 -48.10 -33.06 -19.67
N ASN B 84 -47.52 -32.16 -20.46
CA ASN B 84 -47.26 -32.44 -21.85
C ASN B 84 -45.80 -32.12 -22.17
N HIS B 85 -45.27 -32.84 -23.16
CA HIS B 85 -43.86 -32.75 -23.52
C HIS B 85 -43.75 -33.23 -24.96
N VAL B 86 -42.63 -32.92 -25.63
CA VAL B 86 -42.43 -33.38 -26.99
C VAL B 86 -42.56 -34.91 -27.07
N THR B 87 -42.06 -35.59 -26.05
CA THR B 87 -42.00 -37.05 -26.05
C THR B 87 -43.36 -37.70 -25.77
N LEU B 88 -44.35 -36.90 -25.42
CA LEU B 88 -45.70 -37.39 -25.19
C LEU B 88 -46.61 -37.07 -26.38
N SER B 89 -47.35 -38.08 -26.83
CA SER B 89 -48.31 -37.91 -27.91
C SER B 89 -49.55 -37.22 -27.38
N GLN B 90 -49.87 -37.46 -26.11
CA GLN B 90 -50.96 -36.77 -25.46
C GLN B 90 -50.63 -36.51 -23.99
N PRO B 91 -51.12 -35.39 -23.46
CA PRO B 91 -50.85 -35.03 -22.06
C PRO B 91 -51.02 -36.21 -21.12
N LYS B 92 -50.05 -36.42 -20.23
CA LYS B 92 -50.18 -37.45 -19.21
C LYS B 92 -50.74 -36.81 -17.95
N ILE B 93 -51.80 -37.40 -17.40
CA ILE B 93 -52.38 -36.93 -16.15
C ILE B 93 -52.07 -37.92 -15.05
N VAL B 94 -51.54 -37.42 -13.95
CA VAL B 94 -51.20 -38.29 -12.83
C VAL B 94 -51.98 -37.83 -11.60
N LYS B 95 -52.84 -38.72 -11.10
CA LYS B 95 -53.67 -38.39 -9.95
C LYS B 95 -52.85 -38.27 -8.68
N TRP B 96 -53.27 -37.37 -7.80
CA TRP B 96 -52.66 -37.24 -6.50
C TRP B 96 -53.21 -38.27 -5.53
N ASP B 97 -52.37 -39.23 -5.15
CA ASP B 97 -52.69 -40.21 -4.13
C ASP B 97 -52.07 -39.75 -2.81
N ARG B 98 -52.87 -39.64 -1.75
CA ARG B 98 -52.36 -39.03 -0.51
C ARG B 98 -51.46 -39.95 0.33
N ASP B 99 -51.20 -41.16 -0.13
CA ASP B 99 -50.22 -42.04 0.49
C ASP B 99 -49.40 -42.75 -0.58
N MET B 100 -49.36 -42.14 -1.75
CA MET B 100 -48.78 -42.75 -2.95
C MET B 100 -47.40 -43.32 -2.72
N ARG C 1 -19.71 -17.26 -6.51
CA ARG C 1 -19.48 -16.22 -7.50
C ARG C 1 -19.51 -16.79 -8.91
N TYR C 2 -20.44 -16.28 -9.73
CA TYR C 2 -20.60 -16.75 -11.11
C TYR C 2 -19.27 -16.74 -11.85
N PRO C 3 -19.06 -17.73 -12.72
CA PRO C 3 -17.81 -17.85 -13.47
C PRO C 3 -17.51 -16.63 -14.36
N LEU C 4 -16.24 -16.29 -14.45
CA LEU C 4 -15.75 -15.24 -15.33
C LEU C 4 -15.44 -15.87 -16.68
N THR C 5 -16.25 -15.57 -17.68
CA THR C 5 -16.29 -16.37 -18.90
C THR C 5 -15.49 -15.80 -20.05
N PHE C 6 -14.33 -15.24 -19.75
CA PHE C 6 -13.42 -14.79 -20.80
C PHE C 6 -12.98 -15.97 -21.64
N GLY C 7 -13.07 -15.80 -22.96
CA GLY C 7 -12.62 -16.81 -23.89
C GLY C 7 -13.53 -18.02 -24.07
N TRP C 8 -14.71 -17.99 -23.44
CA TRP C 8 -15.61 -19.13 -23.52
C TRP C 8 -16.26 -19.31 -24.90
N CYS C 9 -16.05 -18.36 -25.80
CA CYS C 9 -16.59 -18.51 -27.17
C CYS C 9 -16.17 -19.84 -27.79
N PHE C 10 -17.10 -20.45 -28.52
CA PHE C 10 -16.78 -21.68 -29.24
C PHE C 10 -15.97 -21.33 -30.49
N GLY D 1 11.08 -28.30 22.72
CA GLY D 1 10.33 -27.72 23.82
C GLY D 1 10.39 -26.20 23.83
N SER D 2 10.26 -25.62 25.02
CA SER D 2 10.26 -24.17 25.17
C SER D 2 11.62 -23.56 24.82
N HIS D 3 11.63 -22.26 24.56
CA HIS D 3 12.87 -21.54 24.32
C HIS D 3 12.81 -20.17 24.97
N SER D 4 13.93 -19.46 24.96
CA SER D 4 14.00 -18.16 25.63
C SER D 4 15.01 -17.25 24.96
N MET D 5 14.82 -15.94 25.13
CA MET D 5 15.80 -14.96 24.74
C MET D 5 16.06 -14.05 25.94
N ARG D 6 17.32 -13.70 26.17
CA ARG D 6 17.66 -12.82 27.28
C ARG D 6 18.73 -11.80 26.90
N TYR D 7 18.51 -10.57 27.30
CA TYR D 7 19.59 -9.59 27.28
C TYR D 7 19.98 -9.28 28.72
N PHE D 8 21.28 -9.26 28.97
CA PHE D 8 21.81 -8.95 30.29
C PHE D 8 22.76 -7.81 30.09
N SER D 9 22.59 -6.76 30.88
CA SER D 9 23.48 -5.62 30.80
C SER D 9 23.97 -5.26 32.19
N THR D 10 25.20 -4.80 32.26
CA THR D 10 25.80 -4.49 33.54
C THR D 10 26.53 -3.15 33.44
N SER D 11 26.12 -2.21 34.28
CA SER D 11 26.75 -0.90 34.32
C SER D 11 27.42 -0.71 35.66
N VAL D 12 28.73 -0.45 35.62
CA VAL D 12 29.51 -0.32 36.82
C VAL D 12 30.20 1.03 36.84
N SER D 13 29.79 1.90 37.77
CA SER D 13 30.45 3.19 37.93
C SER D 13 31.86 2.99 38.49
N ARG D 14 32.74 3.92 38.14
CA ARG D 14 34.12 3.90 38.63
C ARG D 14 34.60 5.32 38.86
N PRO D 15 34.26 5.88 40.03
CA PRO D 15 34.42 7.30 40.39
C PRO D 15 35.85 7.83 40.21
N GLY D 16 35.96 9.03 39.66
CA GLY D 16 37.26 9.65 39.42
C GLY D 16 38.12 8.84 38.46
N ARG D 17 37.48 7.97 37.69
CA ARG D 17 38.21 7.08 36.80
C ARG D 17 37.55 7.07 35.43
N GLY D 18 36.48 7.85 35.29
CA GLY D 18 35.79 8.00 34.02
C GLY D 18 34.33 7.62 34.07
N GLU D 19 33.76 7.40 32.88
CA GLU D 19 32.37 6.99 32.75
C GLU D 19 32.20 5.51 33.11
N PRO D 20 31.01 5.16 33.61
CA PRO D 20 30.70 3.76 33.93
C PRO D 20 30.88 2.85 32.72
N ARG D 21 31.40 1.64 32.98
CA ARG D 21 31.57 0.65 31.94
C ARG D 21 30.25 -0.09 31.73
N PHE D 22 29.83 -0.19 30.47
CA PHE D 22 28.57 -0.82 30.13
C PHE D 22 28.85 -2.07 29.31
N ILE D 23 28.39 -3.20 29.81
CA ILE D 23 28.55 -4.45 29.07
C ILE D 23 27.20 -5.15 28.96
N ALA D 24 26.78 -5.37 27.73
CA ALA D 24 25.51 -6.01 27.51
C ALA D 24 25.75 -7.25 26.69
N VAL D 25 24.95 -8.27 26.95
CA VAL D 25 25.17 -9.56 26.33
C VAL D 25 23.79 -10.13 26.05
N GLY D 26 23.68 -10.90 24.98
CA GLY D 26 22.39 -11.45 24.57
C GLY D 26 22.41 -12.95 24.34
N TYR D 27 21.36 -13.63 24.79
CA TYR D 27 21.28 -15.08 24.72
C TYR D 27 20.02 -15.61 24.07
N VAL D 28 20.17 -16.74 23.39
CA VAL D 28 19.05 -17.60 23.03
C VAL D 28 19.29 -18.92 23.76
N ASP D 29 18.41 -19.27 24.68
CA ASP D 29 18.64 -20.44 25.53
C ASP D 29 19.95 -20.30 26.30
N ASP D 30 20.80 -21.32 26.20
CA ASP D 30 22.08 -21.34 26.88
C ASP D 30 23.21 -20.92 25.94
N THR D 31 22.86 -20.25 24.85
CA THR D 31 23.85 -19.79 23.88
C THR D 31 23.88 -18.28 23.71
N GLN D 32 25.04 -17.69 23.93
CA GLN D 32 25.22 -16.27 23.70
C GLN D 32 25.41 -16.00 22.20
N PHE D 33 24.81 -14.92 21.72
CA PHE D 33 24.92 -14.58 20.31
C PHE D 33 25.36 -13.14 20.02
N VAL D 34 25.23 -12.25 21.02
CA VAL D 34 25.70 -10.87 20.85
C VAL D 34 26.32 -10.24 22.10
N ARG D 35 27.10 -9.20 21.87
CA ARG D 35 27.65 -8.40 22.95
C ARG D 35 27.79 -6.94 22.55
N PHE D 36 27.71 -6.06 23.54
CA PHE D 36 28.14 -4.69 23.37
C PHE D 36 28.97 -4.28 24.58
N ASP D 37 30.10 -3.65 24.31
CA ASP D 37 31.04 -3.27 25.36
C ASP D 37 31.44 -1.82 25.15
N SER D 38 31.02 -0.95 26.07
CA SER D 38 31.23 0.49 25.94
C SER D 38 32.70 0.89 25.94
N ASP D 39 33.58 -0.03 26.34
CA ASP D 39 35.00 0.28 26.36
C ASP D 39 35.71 -0.30 25.15
N ALA D 40 34.96 -0.99 24.30
CA ALA D 40 35.52 -1.54 23.07
C ALA D 40 35.62 -0.47 21.99
N ALA D 41 36.48 -0.70 21.00
CA ALA D 41 36.70 0.29 19.95
C ALA D 41 35.54 0.36 18.95
N SER D 42 34.96 -0.79 18.61
CA SER D 42 33.95 -0.83 17.57
C SER D 42 32.78 0.08 17.90
N GLN D 43 32.40 0.11 19.16
CA GLN D 43 31.29 0.93 19.61
C GLN D 43 30.04 0.52 18.83
N ARG D 44 29.97 -0.78 18.54
CA ARG D 44 28.80 -1.36 17.88
C ARG D 44 28.39 -2.64 18.56
N MET D 45 27.15 -3.06 18.31
CA MET D 45 26.68 -4.37 18.73
C MET D 45 27.41 -5.42 17.89
N GLU D 46 28.11 -6.34 18.56
CA GLU D 46 28.92 -7.33 17.86
C GLU D 46 28.29 -8.72 17.90
N PRO D 47 28.56 -9.54 16.87
CA PRO D 47 28.08 -10.92 16.83
C PRO D 47 28.92 -11.85 17.70
N ARG D 48 28.29 -12.84 18.30
CA ARG D 48 28.99 -13.78 19.17
C ARG D 48 28.55 -15.20 18.88
N ALA D 49 27.99 -15.39 17.68
CA ALA D 49 27.57 -16.70 17.22
C ALA D 49 27.41 -16.63 15.71
N PRO D 50 27.83 -17.69 15.00
CA PRO D 50 27.89 -17.63 13.54
C PRO D 50 26.53 -17.39 12.90
N TRP D 51 25.46 -17.90 13.50
CA TRP D 51 24.14 -17.83 12.86
C TRP D 51 23.52 -16.43 12.84
N ILE D 52 24.03 -15.53 13.68
CA ILE D 52 23.53 -14.16 13.68
C ILE D 52 24.34 -13.29 12.72
N GLU D 53 25.44 -13.81 12.22
CA GLU D 53 26.29 -13.04 11.32
C GLU D 53 25.59 -12.79 9.99
N GLN D 54 24.55 -13.59 9.71
CA GLN D 54 23.83 -13.49 8.46
C GLN D 54 22.91 -12.26 8.40
N GLU D 55 22.59 -11.70 9.56
CA GLU D 55 21.86 -10.43 9.62
C GLU D 55 22.64 -9.36 8.87
N GLY D 56 21.92 -8.56 8.08
CA GLY D 56 22.54 -7.49 7.29
C GLY D 56 22.85 -6.25 8.10
N PRO D 57 23.51 -5.26 7.48
CA PRO D 57 23.95 -4.05 8.18
C PRO D 57 22.81 -3.34 8.89
N GLU D 58 21.58 -3.53 8.40
CA GLU D 58 20.43 -2.87 8.98
C GLU D 58 20.21 -3.33 10.42
N TYR D 59 20.17 -4.64 10.59
CA TYR D 59 20.09 -5.25 11.92
C TYR D 59 21.17 -4.70 12.87
N TRP D 60 22.40 -4.58 12.39
CA TRP D 60 23.48 -4.12 13.24
C TRP D 60 23.32 -2.64 13.57
N ASP D 61 22.88 -1.86 12.60
CA ASP D 61 22.65 -0.44 12.81
C ASP D 61 21.53 -0.19 13.82
N GLU D 62 20.38 -0.84 13.63
CA GLU D 62 19.27 -0.65 14.56
C GLU D 62 19.61 -1.16 15.96
N GLU D 63 20.24 -2.33 16.03
CA GLU D 63 20.59 -2.92 17.31
C GLU D 63 21.64 -2.07 18.04
N THR D 64 22.69 -1.67 17.33
CA THR D 64 23.67 -0.76 17.91
C THR D 64 22.97 0.46 18.52
N GLY D 65 22.16 1.15 17.71
CA GLY D 65 21.37 2.27 18.19
C GLY D 65 20.62 1.97 19.48
N LYS D 66 19.87 0.88 19.52
CA LYS D 66 19.07 0.57 20.70
C LYS D 66 19.95 0.36 21.93
N VAL D 67 20.97 -0.48 21.79
CA VAL D 67 21.83 -0.80 22.93
C VAL D 67 22.61 0.43 23.37
N LYS D 68 22.88 1.31 22.43
CA LYS D 68 23.65 2.52 22.73
C LYS D 68 22.79 3.51 23.51
N ALA D 69 21.49 3.51 23.21
CA ALA D 69 20.54 4.34 23.92
C ALA D 69 20.40 3.84 25.36
N HIS D 70 20.25 2.54 25.52
CA HIS D 70 20.14 1.95 26.85
C HIS D 70 21.36 2.27 27.72
N SER D 71 22.56 2.12 27.14
CA SER D 71 23.79 2.38 27.89
C SER D 71 23.82 3.79 28.45
N GLN D 72 23.47 4.76 27.61
CA GLN D 72 23.42 6.14 28.05
C GLN D 72 22.42 6.38 29.17
N THR D 73 21.24 5.79 29.09
CA THR D 73 20.27 6.04 30.15
C THR D 73 20.63 5.33 31.44
N ASP D 74 21.28 4.16 31.36
CA ASP D 74 21.73 3.49 32.58
C ASP D 74 22.87 4.25 33.23
N ARG D 75 23.70 4.87 32.40
CA ARG D 75 24.75 5.74 32.92
C ARG D 75 24.09 6.81 33.80
N GLU D 76 23.08 7.46 33.25
CA GLU D 76 22.30 8.43 34.00
C GLU D 76 21.66 7.78 35.22
N ASN D 77 21.06 6.60 35.01
CA ASN D 77 20.40 5.88 36.08
C ASN D 77 21.27 5.64 37.31
N LEU D 78 22.54 5.36 37.10
CA LEU D 78 23.45 5.25 38.23
C LEU D 78 23.44 6.55 39.04
N ARG D 79 23.56 7.69 38.35
CA ARG D 79 23.55 8.99 39.03
C ARG D 79 22.25 9.24 39.77
N ILE D 80 21.15 8.79 39.19
CA ILE D 80 19.85 9.01 39.80
C ILE D 80 19.66 8.16 41.06
N ALA D 81 20.07 6.89 41.00
CA ALA D 81 20.03 6.04 42.17
C ALA D 81 20.90 6.60 43.29
N LEU D 82 22.10 7.05 42.95
CA LEU D 82 22.99 7.71 43.91
C LEU D 82 22.25 8.78 44.71
N ARG D 83 21.58 9.68 44.00
CA ARG D 83 20.88 10.77 44.65
C ARG D 83 19.63 10.24 45.34
N TYR D 84 18.96 9.28 44.72
CA TYR D 84 17.78 8.70 45.33
C TYR D 84 18.13 8.13 46.70
N TYR D 85 19.33 7.56 46.82
CA TYR D 85 19.76 6.91 48.05
C TYR D 85 20.66 7.81 48.89
N ASN D 86 20.90 9.01 48.40
CA ASN D 86 21.90 9.90 48.99
C ASN D 86 23.19 9.17 49.34
N GLN D 87 23.78 8.48 48.38
CA GLN D 87 25.02 7.77 48.62
C GLN D 87 26.23 8.62 48.20
N SER D 88 27.40 8.27 48.73
CA SER D 88 28.62 8.97 48.36
C SER D 88 29.05 8.59 46.95
N GLU D 89 29.52 9.57 46.19
CA GLU D 89 30.02 9.29 44.85
C GLU D 89 31.49 8.89 44.87
N ALA D 90 31.98 8.56 46.05
CA ALA D 90 33.35 8.05 46.18
C ALA D 90 33.34 6.54 45.96
N GLY D 91 32.16 5.94 46.05
CA GLY D 91 32.03 4.50 45.95
C GLY D 91 31.46 4.02 44.62
N SER D 92 31.98 2.89 44.16
CA SER D 92 31.51 2.28 42.92
C SER D 92 30.15 1.62 43.13
N HIS D 93 29.31 1.67 42.10
CA HIS D 93 28.00 1.02 42.18
C HIS D 93 27.66 0.26 40.89
N THR D 94 26.65 -0.60 40.98
CA THR D 94 26.32 -1.50 39.88
C THR D 94 24.84 -1.44 39.55
N LEU D 95 24.53 -1.38 38.26
CA LEU D 95 23.15 -1.49 37.81
C LEU D 95 23.05 -2.59 36.76
N GLN D 96 22.18 -3.55 37.01
CA GLN D 96 21.99 -4.68 36.12
C GLN D 96 20.58 -4.71 35.58
N MET D 97 20.43 -5.04 34.31
CA MET D 97 19.12 -5.14 33.70
C MET D 97 18.99 -6.49 33.02
N MET D 98 17.81 -7.09 33.17
CA MET D 98 17.51 -8.34 32.50
C MET D 98 16.21 -8.17 31.73
N PHE D 99 16.23 -8.59 30.46
CA PHE D 99 15.07 -8.44 29.60
C PHE D 99 14.97 -9.63 28.67
N GLY D 100 13.75 -10.08 28.39
CA GLY D 100 13.55 -11.18 27.45
C GLY D 100 12.20 -11.85 27.55
N CYS D 101 11.99 -12.85 26.70
CA CYS D 101 10.73 -13.58 26.63
C CYS D 101 10.91 -15.10 26.60
N ASP D 102 9.91 -15.82 27.07
CA ASP D 102 9.86 -17.28 26.92
C ASP D 102 8.76 -17.67 25.93
N VAL D 103 9.06 -18.63 25.06
CA VAL D 103 8.05 -19.19 24.16
C VAL D 103 7.95 -20.70 24.34
N GLY D 104 6.78 -21.25 24.03
CA GLY D 104 6.56 -22.69 24.10
C GLY D 104 7.05 -23.43 22.88
N SER D 105 6.72 -24.71 22.80
CA SER D 105 7.14 -25.55 21.69
C SER D 105 6.51 -25.05 20.40
N ASP D 106 5.32 -24.46 20.52
CA ASP D 106 4.59 -23.96 19.36
C ASP D 106 4.98 -22.53 18.95
N GLY D 107 6.04 -22.00 19.55
CA GLY D 107 6.56 -20.70 19.20
C GLY D 107 5.67 -19.54 19.63
N ARG D 108 4.78 -19.81 20.58
CA ARG D 108 3.86 -18.80 21.06
C ARG D 108 4.27 -18.25 22.43
N PHE D 109 3.99 -16.97 22.65
CA PHE D 109 4.38 -16.29 23.89
C PHE D 109 4.06 -17.11 25.12
N LEU D 110 4.88 -16.95 26.16
CA LEU D 110 4.74 -17.73 27.37
C LEU D 110 4.95 -16.80 28.57
N ARG D 111 6.11 -16.14 28.61
CA ARG D 111 6.41 -15.20 29.68
C ARG D 111 7.32 -14.08 29.19
N GLY D 112 7.28 -12.95 29.90
CA GLY D 112 8.13 -11.82 29.57
C GLY D 112 8.75 -11.21 30.81
N TYR D 113 9.96 -10.70 30.67
CA TYR D 113 10.69 -10.15 31.81
C TYR D 113 11.32 -8.82 31.48
N HIS D 114 11.32 -7.93 32.49
CA HIS D 114 11.96 -6.63 32.39
C HIS D 114 12.26 -6.20 33.82
N GLN D 115 13.51 -6.44 34.25
CA GLN D 115 13.89 -6.27 35.66
C GLN D 115 15.22 -5.53 35.81
N TYR D 116 15.32 -4.74 36.88
CA TYR D 116 16.55 -4.04 37.24
C TYR D 116 17.02 -4.44 38.65
N ALA D 117 18.33 -4.59 38.82
CA ALA D 117 18.91 -4.74 40.15
C ALA D 117 19.93 -3.64 40.41
N TYR D 118 19.92 -3.09 41.62
CA TYR D 118 20.91 -2.11 42.02
C TYR D 118 21.81 -2.72 43.10
N ASP D 119 23.11 -2.66 42.87
CA ASP D 119 24.09 -3.27 43.76
C ASP D 119 23.75 -4.72 44.12
N GLY D 120 23.24 -5.45 43.12
CA GLY D 120 23.05 -6.88 43.26
C GLY D 120 21.78 -7.28 43.99
N LYS D 121 20.88 -6.33 44.18
CA LYS D 121 19.57 -6.66 44.73
C LYS D 121 18.44 -5.94 43.99
N ASP D 122 17.29 -6.58 43.97
CA ASP D 122 16.12 -6.09 43.25
C ASP D 122 15.89 -4.59 43.42
N TYR D 123 15.58 -3.92 42.31
CA TYR D 123 15.21 -2.51 42.36
C TYR D 123 13.79 -2.36 41.85
N ILE D 124 13.58 -2.71 40.58
CA ILE D 124 12.26 -2.65 39.97
C ILE D 124 12.11 -3.79 38.97
N ALA D 125 10.91 -4.35 38.88
CA ALA D 125 10.66 -5.48 37.97
C ALA D 125 9.22 -5.52 37.49
N LEU D 126 9.05 -5.78 36.19
CA LEU D 126 7.71 -5.91 35.61
C LEU D 126 7.09 -7.23 36.04
N LYS D 127 5.85 -7.17 36.52
CA LYS D 127 5.17 -8.37 37.04
C LYS D 127 4.76 -9.38 35.97
N GLU D 128 4.27 -10.53 36.43
CA GLU D 128 3.90 -11.64 35.56
C GLU D 128 2.90 -11.21 34.49
N ASP D 129 1.94 -10.39 34.89
CA ASP D 129 0.88 -9.95 33.98
C ASP D 129 1.29 -8.82 33.04
N LEU D 130 2.53 -8.36 33.16
CA LEU D 130 3.09 -7.34 32.29
C LEU D 130 2.32 -6.03 32.36
N ARG D 131 1.69 -5.75 33.49
CA ARG D 131 0.85 -4.56 33.64
C ARG D 131 1.31 -3.59 34.74
N SER D 132 1.96 -4.14 35.77
CA SER D 132 2.34 -3.33 36.91
C SER D 132 3.77 -3.63 37.35
N TRP D 133 4.34 -2.74 38.16
CA TRP D 133 5.71 -2.90 38.61
C TRP D 133 5.82 -3.34 40.06
N THR D 134 6.85 -4.13 40.37
CA THR D 134 7.22 -4.43 41.74
C THR D 134 8.39 -3.53 42.13
N ALA D 135 8.13 -2.56 43.00
CA ALA D 135 9.17 -1.65 43.47
C ALA D 135 9.75 -2.13 44.80
N ALA D 136 11.01 -2.52 44.76
CA ALA D 136 11.65 -3.14 45.93
C ALA D 136 11.72 -2.22 47.14
N ASP D 137 11.84 -0.92 46.93
CA ASP D 137 11.96 0.01 48.04
C ASP D 137 11.46 1.42 47.72
N MET D 138 11.70 2.36 48.64
CA MET D 138 11.17 3.71 48.52
C MET D 138 11.70 4.42 47.27
N ALA D 139 12.98 4.23 46.97
CA ALA D 139 13.62 4.85 45.82
C ALA D 139 13.02 4.35 44.50
N ALA D 140 12.91 3.03 44.38
CA ALA D 140 12.30 2.41 43.21
C ALA D 140 10.86 2.85 43.02
N GLN D 141 10.19 3.25 44.10
CA GLN D 141 8.80 3.69 43.98
C GLN D 141 8.72 5.05 43.30
N ILE D 142 9.78 5.83 43.42
CA ILE D 142 9.86 7.08 42.69
C ILE D 142 9.87 6.76 41.21
N THR D 143 10.62 5.70 40.87
CA THR D 143 10.74 5.25 39.49
C THR D 143 9.44 4.60 39.01
N LYS D 144 8.86 3.76 39.85
CA LYS D 144 7.60 3.11 39.54
C LYS D 144 6.59 4.16 39.13
N ARG D 145 6.68 5.34 39.74
CA ARG D 145 5.75 6.42 39.42
C ARG D 145 6.11 7.10 38.09
N LYS D 146 7.40 7.31 37.85
CA LYS D 146 7.81 7.81 36.54
C LYS D 146 7.34 6.87 35.44
N TRP D 147 7.68 5.59 35.58
CA TRP D 147 7.36 4.59 34.57
C TRP D 147 5.86 4.47 34.34
N GLU D 148 5.09 4.51 35.42
CA GLU D 148 3.64 4.49 35.32
C GLU D 148 3.12 5.66 34.48
N ALA D 149 3.68 6.85 34.73
CA ALA D 149 3.29 8.05 34.01
C ALA D 149 3.69 7.98 32.55
N ALA D 150 4.78 7.29 32.27
CA ALA D 150 5.32 7.19 30.91
C ALA D 150 4.79 5.98 30.17
N HIS D 151 3.90 5.22 30.81
CA HIS D 151 3.27 4.06 30.18
C HIS D 151 4.27 3.02 29.68
N VAL D 152 5.35 2.83 30.43
CA VAL D 152 6.39 1.87 30.05
C VAL D 152 5.85 0.44 29.98
N ALA D 153 5.07 0.05 30.98
CA ALA D 153 4.49 -1.28 31.03
C ALA D 153 3.75 -1.66 29.75
N GLU D 154 2.79 -0.83 29.32
CA GLU D 154 2.04 -1.13 28.12
C GLU D 154 2.99 -1.25 26.94
N GLN D 155 3.93 -0.32 26.87
CA GLN D 155 4.87 -0.29 25.77
C GLN D 155 5.70 -1.56 25.75
N GLN D 156 6.23 -1.95 26.90
CA GLN D 156 7.08 -3.14 26.99
C GLN D 156 6.28 -4.44 26.81
N ARG D 157 5.07 -4.48 27.36
CA ARG D 157 4.21 -5.64 27.19
C ARG D 157 4.12 -5.96 25.70
N ALA D 158 3.80 -4.92 24.93
CA ALA D 158 3.59 -5.05 23.49
C ALA D 158 4.83 -5.60 22.78
N TYR D 159 6.00 -5.11 23.19
CA TYR D 159 7.28 -5.51 22.60
C TYR D 159 7.59 -6.98 22.91
N LEU D 160 7.48 -7.32 24.18
CA LEU D 160 7.71 -8.68 24.63
C LEU D 160 6.81 -9.65 23.90
N GLU D 161 5.51 -9.33 23.84
CA GLU D 161 4.53 -10.23 23.25
C GLU D 161 4.63 -10.24 21.74
N GLY D 162 5.30 -9.23 21.18
CA GLY D 162 5.39 -9.09 19.74
C GLY D 162 6.79 -9.21 19.16
N THR D 163 7.50 -8.08 19.11
CA THR D 163 8.84 -8.03 18.52
C THR D 163 9.77 -9.10 19.11
N CYS D 164 9.71 -9.28 20.43
CA CYS D 164 10.55 -10.24 21.11
C CYS D 164 10.29 -11.69 20.69
N VAL D 165 9.03 -12.15 20.79
CA VAL D 165 8.76 -13.54 20.46
C VAL D 165 9.05 -13.79 18.99
N ASP D 166 8.68 -12.85 18.13
CA ASP D 166 8.92 -13.01 16.70
C ASP D 166 10.41 -13.16 16.42
N GLY D 167 11.22 -12.28 17.00
CA GLY D 167 12.66 -12.35 16.85
C GLY D 167 13.22 -13.67 17.32
N LEU D 168 12.68 -14.19 18.42
CA LEU D 168 13.08 -15.49 18.96
C LEU D 168 12.77 -16.60 17.96
N ARG D 169 11.60 -16.51 17.33
CA ARG D 169 11.24 -17.43 16.26
C ARG D 169 12.22 -17.32 15.10
N ARG D 170 12.49 -16.09 14.66
CA ARG D 170 13.48 -15.90 13.59
C ARG D 170 14.82 -16.50 13.97
N TYR D 171 15.31 -16.20 15.17
CA TYR D 171 16.60 -16.71 15.62
C TYR D 171 16.65 -18.23 15.63
N LEU D 172 15.69 -18.86 16.31
CA LEU D 172 15.61 -20.32 16.38
C LEU D 172 15.59 -20.99 15.01
N GLU D 173 15.22 -20.23 13.98
CA GLU D 173 15.23 -20.73 12.60
C GLU D 173 16.58 -20.54 11.92
N ASN D 174 17.05 -19.30 11.90
CA ASN D 174 18.31 -18.97 11.25
C ASN D 174 19.48 -19.75 11.85
N GLY D 175 19.25 -20.32 13.03
CA GLY D 175 20.28 -21.08 13.73
C GLY D 175 19.75 -22.46 14.12
N LYS D 176 18.85 -22.98 13.30
CA LYS D 176 18.21 -24.27 13.55
C LYS D 176 19.21 -25.36 13.92
N GLU D 177 20.21 -25.56 13.07
CA GLU D 177 21.12 -26.69 13.23
C GLU D 177 21.97 -26.60 14.48
N THR D 178 21.96 -25.44 15.13
CA THR D 178 22.72 -25.26 16.35
C THR D 178 21.77 -25.12 17.54
N LEU D 179 20.85 -24.18 17.44
CA LEU D 179 19.97 -23.83 18.56
C LEU D 179 18.95 -24.91 18.92
N GLN D 180 18.56 -25.70 17.93
CA GLN D 180 17.59 -26.77 18.16
C GLN D 180 18.27 -28.13 18.16
N ARG D 181 19.58 -28.11 18.06
CA ARG D 181 20.42 -29.28 18.30
C ARG D 181 20.22 -29.75 19.74
N THR D 182 20.34 -31.05 19.95
CA THR D 182 20.31 -31.61 21.29
C THR D 182 21.50 -32.55 21.47
N ASP D 183 22.30 -32.31 22.51
CA ASP D 183 23.51 -33.11 22.75
C ASP D 183 23.43 -33.91 24.03
N PRO D 184 23.34 -35.23 23.91
CA PRO D 184 23.33 -36.09 25.10
C PRO D 184 24.66 -35.98 25.82
N PRO D 185 24.65 -36.11 27.14
CA PRO D 185 25.92 -36.16 27.87
C PRO D 185 26.66 -37.46 27.56
N LYS D 186 27.97 -37.35 27.32
CA LYS D 186 28.85 -38.50 27.32
C LYS D 186 29.23 -38.79 28.77
N THR D 187 28.79 -39.93 29.29
CA THR D 187 28.98 -40.23 30.72
C THR D 187 30.07 -41.24 31.02
N HIS D 188 30.49 -41.28 32.29
CA HIS D 188 31.43 -42.29 32.78
C HIS D 188 31.72 -42.08 34.27
N MET D 189 32.11 -43.15 34.96
CA MET D 189 32.49 -43.06 36.39
C MET D 189 33.99 -43.06 36.58
N THR D 190 34.45 -42.48 37.67
CA THR D 190 35.83 -42.60 38.07
C THR D 190 35.91 -43.00 39.54
N HIS D 191 37.03 -43.60 39.91
CA HIS D 191 37.24 -44.10 41.27
C HIS D 191 38.45 -43.39 41.86
N HIS D 192 38.35 -42.99 43.12
CA HIS D 192 39.42 -42.26 43.77
C HIS D 192 39.50 -42.61 45.24
N PRO D 193 40.46 -43.47 45.60
CA PRO D 193 40.62 -43.84 47.01
C PRO D 193 41.05 -42.65 47.86
N ILE D 194 40.39 -42.46 49.01
CA ILE D 194 40.82 -41.47 49.98
C ILE D 194 41.84 -42.13 50.91
N SER D 195 41.40 -43.21 51.54
CA SER D 195 42.24 -44.00 52.42
C SER D 195 42.09 -45.47 52.06
N ASP D 196 42.54 -46.34 52.95
CA ASP D 196 42.42 -47.77 52.73
C ASP D 196 41.01 -48.28 53.10
N HIS D 197 40.15 -47.35 53.50
CA HIS D 197 38.80 -47.71 53.95
C HIS D 197 37.70 -46.93 53.23
N GLU D 198 38.09 -45.90 52.48
CA GLU D 198 37.12 -45.09 51.75
C GLU D 198 37.60 -44.64 50.37
N ALA D 199 36.65 -44.46 49.45
CA ALA D 199 36.95 -44.04 48.11
C ALA D 199 35.84 -43.16 47.54
N THR D 200 36.21 -42.27 46.64
CA THR D 200 35.26 -41.37 46.00
C THR D 200 34.78 -41.97 44.69
N LEU D 201 33.46 -42.12 44.54
CA LEU D 201 32.90 -42.45 43.24
C LEU D 201 32.42 -41.15 42.61
N ARG D 202 32.92 -40.84 41.42
CA ARG D 202 32.51 -39.62 40.73
C ARG D 202 31.87 -39.92 39.38
N CYS D 203 30.65 -39.41 39.18
CA CYS D 203 29.89 -39.66 37.98
C CYS D 203 29.92 -38.45 37.03
N TRP D 204 30.43 -38.67 35.83
CA TRP D 204 30.64 -37.60 34.86
C TRP D 204 29.56 -37.49 33.78
N ALA D 205 29.28 -36.25 33.37
CA ALA D 205 28.49 -35.97 32.18
C ALA D 205 29.26 -34.89 31.41
N LEU D 206 29.45 -35.09 30.11
CA LEU D 206 30.35 -34.23 29.33
C LEU D 206 29.80 -33.88 27.95
N GLY D 207 30.10 -32.67 27.49
CA GLY D 207 29.72 -32.20 26.17
C GLY D 207 28.23 -32.25 25.87
N PHE D 208 27.40 -31.88 26.84
CA PHE D 208 25.95 -31.87 26.63
C PHE D 208 25.36 -30.47 26.43
N TYR D 209 24.17 -30.42 25.84
CA TYR D 209 23.45 -29.18 25.58
C TYR D 209 21.99 -29.49 25.33
N PRO D 210 21.07 -28.67 25.90
CA PRO D 210 21.31 -27.51 26.76
C PRO D 210 21.85 -27.90 28.14
N ALA D 211 22.11 -26.88 28.96
CA ALA D 211 22.75 -27.08 30.27
C ALA D 211 21.90 -27.82 31.29
N GLU D 212 20.60 -27.97 31.03
CA GLU D 212 19.73 -28.61 32.00
C GLU D 212 20.05 -30.10 32.14
N ILE D 213 20.21 -30.55 33.37
CA ILE D 213 20.57 -31.94 33.64
C ILE D 213 20.31 -32.34 35.09
N THR D 214 20.04 -33.62 35.31
CA THR D 214 19.89 -34.14 36.66
C THR D 214 20.86 -35.28 36.90
N LEU D 215 21.71 -35.12 37.92
CA LEU D 215 22.66 -36.16 38.32
C LEU D 215 22.38 -36.57 39.76
N THR D 216 22.11 -37.85 39.97
CA THR D 216 21.83 -38.34 41.32
C THR D 216 22.58 -39.63 41.63
N TRP D 217 22.87 -39.84 42.92
CA TRP D 217 23.45 -41.09 43.38
C TRP D 217 22.43 -41.89 44.18
N GLN D 218 22.54 -43.21 44.12
CA GLN D 218 21.65 -44.07 44.89
C GLN D 218 22.37 -45.29 45.48
N ARG D 219 22.31 -45.39 46.81
CA ARG D 219 22.84 -46.55 47.52
C ARG D 219 21.78 -47.66 47.55
N ASP D 220 21.98 -48.68 46.73
CA ASP D 220 21.00 -49.76 46.59
C ASP D 220 19.59 -49.22 46.32
N GLY D 221 19.49 -48.31 45.36
CA GLY D 221 18.20 -47.77 44.95
C GLY D 221 17.56 -46.85 45.98
N GLU D 222 18.37 -46.01 46.60
CA GLU D 222 17.88 -45.10 47.64
C GLU D 222 18.67 -43.81 47.54
N ASP D 223 17.97 -42.68 47.63
CA ASP D 223 18.60 -41.38 47.43
C ASP D 223 19.70 -41.04 48.44
N GLN D 224 20.69 -40.28 47.98
CA GLN D 224 21.83 -39.91 48.80
C GLN D 224 22.09 -38.41 48.70
N THR D 225 21.01 -37.64 48.57
CA THR D 225 21.11 -36.22 48.26
C THR D 225 21.93 -35.43 49.28
N GLN D 226 21.92 -35.88 50.53
CA GLN D 226 22.62 -35.17 51.60
C GLN D 226 24.11 -35.52 51.63
N ASP D 227 24.49 -36.64 51.03
CA ASP D 227 25.88 -37.12 51.08
C ASP D 227 26.54 -37.08 49.70
N THR D 228 25.82 -36.54 48.73
CA THR D 228 26.34 -36.43 47.38
C THR D 228 26.95 -35.05 47.16
N GLU D 229 28.14 -34.99 46.59
CA GLU D 229 28.72 -33.72 46.17
C GLU D 229 28.35 -33.43 44.72
N LEU D 230 27.79 -32.25 44.51
CA LEU D 230 27.33 -31.85 43.18
C LEU D 230 28.05 -30.54 42.82
N VAL D 231 28.63 -30.47 41.64
CA VAL D 231 29.26 -29.21 41.24
C VAL D 231 28.34 -28.41 40.33
N GLU D 232 28.42 -27.08 40.45
CA GLU D 232 27.66 -26.22 39.59
C GLU D 232 27.97 -26.61 38.14
N THR D 233 26.92 -26.73 37.33
CA THR D 233 27.09 -27.02 35.91
C THR D 233 28.01 -25.95 35.32
N ARG D 234 28.81 -26.33 34.34
CA ARG D 234 29.87 -25.45 33.87
C ARG D 234 30.09 -25.51 32.36
N PRO D 235 30.45 -24.37 31.77
CA PRO D 235 30.75 -24.26 30.33
C PRO D 235 31.98 -25.07 29.93
N ALA D 236 31.88 -25.80 28.83
CA ALA D 236 33.02 -26.53 28.31
C ALA D 236 33.90 -25.60 27.49
N GLY D 237 33.36 -24.45 27.13
CA GLY D 237 34.08 -23.46 26.34
C GLY D 237 33.84 -23.62 24.85
N ASP D 238 32.97 -24.56 24.48
CA ASP D 238 32.71 -24.82 23.07
C ASP D 238 31.23 -24.95 22.77
N GLY D 239 30.38 -24.46 23.68
CA GLY D 239 28.95 -24.52 23.47
C GLY D 239 28.30 -25.75 24.08
N THR D 240 29.10 -26.55 24.80
CA THR D 240 28.57 -27.69 25.54
C THR D 240 28.86 -27.52 27.01
N PHE D 241 28.29 -28.39 27.84
CA PHE D 241 28.46 -28.26 29.28
C PHE D 241 28.97 -29.53 29.95
N GLN D 242 29.40 -29.38 31.20
CA GLN D 242 29.90 -30.49 32.00
C GLN D 242 29.31 -30.43 33.39
N LYS D 243 29.23 -31.58 34.05
CA LYS D 243 28.83 -31.63 35.44
C LYS D 243 29.25 -32.97 36.03
N TRP D 244 29.50 -33.01 37.34
CA TRP D 244 29.76 -34.29 37.99
C TRP D 244 29.20 -34.39 39.41
N ALA D 245 28.72 -35.58 39.75
CA ALA D 245 28.18 -35.86 41.06
C ALA D 245 29.03 -36.94 41.73
N ALA D 246 29.32 -36.77 43.01
CA ALA D 246 30.24 -37.68 43.67
C ALA D 246 29.78 -38.10 45.07
N VAL D 247 30.13 -39.32 45.45
CA VAL D 247 29.83 -39.82 46.78
C VAL D 247 31.05 -40.44 47.42
N VAL D 248 31.19 -40.27 48.72
CA VAL D 248 32.20 -40.98 49.49
C VAL D 248 31.68 -42.38 49.78
N VAL D 249 32.53 -43.38 49.60
CA VAL D 249 32.11 -44.77 49.74
C VAL D 249 33.07 -45.57 50.62
N PRO D 250 32.51 -46.37 51.55
CA PRO D 250 33.31 -47.30 52.36
C PRO D 250 33.78 -48.46 51.49
N SER D 251 35.06 -48.79 51.56
CA SER D 251 35.62 -49.87 50.74
C SER D 251 34.75 -51.13 50.77
N GLY D 252 34.51 -51.70 49.59
CA GLY D 252 33.72 -52.90 49.48
C GLY D 252 32.30 -52.63 49.04
N GLU D 253 31.76 -51.50 49.47
CA GLU D 253 30.37 -51.16 49.18
C GLU D 253 30.16 -50.48 47.82
N GLU D 254 31.24 -50.28 47.06
CA GLU D 254 31.14 -49.59 45.77
C GLU D 254 29.94 -50.02 44.95
N GLN D 255 29.84 -51.31 44.65
CA GLN D 255 28.80 -51.78 43.73
C GLN D 255 27.38 -51.55 44.26
N ARG D 256 27.25 -51.21 45.55
CA ARG D 256 25.96 -50.86 46.12
C ARG D 256 25.43 -49.56 45.53
N TYR D 257 26.34 -48.70 45.05
CA TYR D 257 25.97 -47.39 44.53
C TYR D 257 25.69 -47.38 43.03
N THR D 258 24.73 -46.56 42.63
CA THR D 258 24.38 -46.38 41.22
C THR D 258 24.21 -44.89 40.86
N CYS D 259 24.68 -44.52 39.69
CA CYS D 259 24.56 -43.15 39.22
C CYS D 259 23.41 -43.02 38.21
N HIS D 260 22.60 -41.98 38.36
CA HIS D 260 21.46 -41.78 37.45
C HIS D 260 21.51 -40.43 36.74
N VAL D 261 21.28 -40.45 35.44
CA VAL D 261 21.49 -39.27 34.61
C VAL D 261 20.31 -38.96 33.72
N GLN D 262 19.71 -37.79 33.92
CA GLN D 262 18.60 -37.34 33.06
C GLN D 262 19.00 -36.12 32.27
N HIS D 263 18.80 -36.17 30.96
CA HIS D 263 19.05 -35.01 30.11
C HIS D 263 18.16 -35.04 28.87
N GLU D 264 17.79 -33.85 28.41
CA GLU D 264 16.89 -33.71 27.28
C GLU D 264 17.22 -34.68 26.14
N GLY D 265 18.50 -34.82 25.83
CA GLY D 265 18.93 -35.62 24.69
C GLY D 265 19.12 -37.10 24.96
N LEU D 266 18.61 -37.58 26.08
CA LEU D 266 18.64 -39.00 26.41
C LEU D 266 17.23 -39.60 26.37
N PRO D 267 16.96 -40.45 25.37
CA PRO D 267 15.67 -41.14 25.29
C PRO D 267 15.23 -41.69 26.64
N LYS D 268 16.16 -42.32 27.36
CA LYS D 268 15.86 -42.85 28.68
C LYS D 268 16.95 -42.54 29.69
N PRO D 269 16.56 -42.34 30.96
CA PRO D 269 17.50 -42.08 32.04
C PRO D 269 18.59 -43.14 32.07
N LEU D 270 19.85 -42.71 31.98
CA LEU D 270 20.97 -43.63 32.09
C LEU D 270 21.22 -44.03 33.53
N THR D 271 21.76 -45.23 33.72
CA THR D 271 22.19 -45.69 35.03
C THR D 271 23.59 -46.26 34.88
N LEU D 272 24.51 -45.79 35.73
CA LEU D 272 25.89 -46.26 35.68
C LEU D 272 26.27 -47.01 36.95
N ARG D 273 27.09 -48.05 36.80
CA ARG D 273 27.53 -48.83 37.94
C ARG D 273 29.04 -49.04 37.86
N TRP D 274 29.70 -49.11 39.02
CA TRP D 274 31.15 -49.25 39.04
C TRP D 274 31.61 -50.68 38.74
N MET E 1 23.86 -4.16 50.53
CA MET E 1 25.07 -4.11 49.71
C MET E 1 26.01 -5.27 50.08
N ILE E 2 25.43 -6.45 50.31
CA ILE E 2 26.21 -7.62 50.69
C ILE E 2 26.99 -8.15 49.49
N GLN E 3 28.24 -8.54 49.72
CA GLN E 3 29.12 -8.99 48.64
C GLN E 3 29.22 -10.50 48.64
N ARG E 4 29.24 -11.09 47.43
CA ARG E 4 29.30 -12.54 47.30
C ARG E 4 30.64 -12.96 46.72
N THR E 5 31.25 -13.97 47.34
CA THR E 5 32.56 -14.44 46.91
C THR E 5 32.49 -15.45 45.75
N PRO E 6 33.50 -15.44 44.89
CA PRO E 6 33.52 -16.29 43.69
C PRO E 6 33.67 -17.77 44.00
N LYS E 7 32.91 -18.59 43.29
CA LYS E 7 33.18 -20.02 43.22
C LYS E 7 34.17 -20.23 42.09
N ILE E 8 35.06 -21.23 42.25
CA ILE E 8 36.11 -21.47 41.27
C ILE E 8 36.19 -22.93 40.86
N GLN E 9 36.15 -23.17 39.55
CA GLN E 9 36.40 -24.49 39.01
C GLN E 9 37.44 -24.40 37.90
N VAL E 10 38.53 -25.13 38.04
CA VAL E 10 39.53 -25.18 36.99
C VAL E 10 39.57 -26.58 36.41
N TYR E 11 39.64 -26.68 35.09
CA TYR E 11 39.44 -27.94 34.42
C TYR E 11 39.61 -27.77 32.92
N SER E 12 39.79 -28.90 32.24
CA SER E 12 39.99 -28.89 30.80
C SER E 12 38.67 -29.01 30.06
N ARG E 13 38.65 -28.52 28.82
CA ARG E 13 37.47 -28.65 27.97
C ARG E 13 37.22 -30.12 27.68
N HIS E 14 38.26 -30.80 27.20
CA HIS E 14 38.20 -32.22 26.92
C HIS E 14 39.00 -32.99 27.95
N PRO E 15 38.68 -34.28 28.15
CA PRO E 15 39.45 -35.11 29.08
C PRO E 15 40.92 -35.06 28.73
N ALA E 16 41.77 -35.03 29.76
CA ALA E 16 43.18 -34.79 29.57
C ALA E 16 43.90 -36.05 29.08
N GLU E 17 44.82 -35.85 28.15
CA GLU E 17 45.76 -36.89 27.77
C GLU E 17 47.02 -36.26 27.20
N ASN E 18 48.14 -36.52 27.86
CA ASN E 18 49.41 -35.87 27.55
C ASN E 18 49.76 -35.86 26.07
N GLY E 19 50.32 -34.73 25.61
CA GLY E 19 50.72 -34.57 24.23
C GLY E 19 49.57 -34.13 23.33
N LYS E 20 48.38 -34.03 23.90
CA LYS E 20 47.21 -33.61 23.13
C LYS E 20 46.80 -32.17 23.44
N SER E 21 46.65 -31.36 22.39
CA SER E 21 46.20 -29.98 22.54
C SER E 21 44.81 -29.95 23.15
N ASN E 22 44.62 -29.06 24.12
CA ASN E 22 43.35 -28.96 24.84
C ASN E 22 43.05 -27.50 25.16
N PHE E 23 42.14 -27.29 26.11
CA PHE E 23 41.83 -25.97 26.61
C PHE E 23 41.69 -26.02 28.12
N LEU E 24 42.42 -25.15 28.80
CA LEU E 24 42.35 -25.06 30.24
C LEU E 24 41.34 -23.99 30.61
N ASN E 25 40.36 -24.36 31.42
CA ASN E 25 39.29 -23.45 31.78
C ASN E 25 39.34 -23.09 33.26
N CYS E 26 39.01 -21.85 33.56
CA CYS E 26 38.81 -21.44 34.94
C CYS E 26 37.51 -20.67 35.05
N TYR E 27 36.49 -21.34 35.56
CA TYR E 27 35.15 -20.77 35.62
C TYR E 27 34.91 -20.17 36.99
N VAL E 28 34.61 -18.88 37.01
CA VAL E 28 34.31 -18.18 38.27
C VAL E 28 32.86 -17.69 38.25
N SER E 29 32.16 -17.91 39.35
CA SER E 29 30.72 -17.67 39.38
C SER E 29 30.22 -17.29 40.76
N GLY E 30 28.97 -16.87 40.83
CA GLY E 30 28.33 -16.52 42.08
C GLY E 30 28.98 -15.38 42.83
N PHE E 31 29.74 -14.54 42.14
CA PHE E 31 30.35 -13.40 42.81
C PHE E 31 29.62 -12.06 42.59
N HIS E 32 29.97 -11.08 43.41
CA HIS E 32 29.43 -9.73 43.33
C HIS E 32 30.17 -8.87 44.34
N PRO E 33 30.70 -7.72 43.89
CA PRO E 33 30.51 -7.17 42.55
C PRO E 33 31.34 -7.87 41.48
N SER E 34 31.29 -7.32 40.27
CA SER E 34 31.85 -7.98 39.10
C SER E 34 33.36 -7.80 38.93
N ASP E 35 33.93 -6.74 39.51
CA ASP E 35 35.39 -6.58 39.48
C ASP E 35 36.06 -7.85 39.99
N ILE E 36 36.95 -8.42 39.19
CA ILE E 36 37.60 -9.67 39.57
C ILE E 36 38.93 -9.88 38.84
N GLU E 37 39.89 -10.49 39.52
CA GLU E 37 41.19 -10.76 38.94
C GLU E 37 41.41 -12.26 38.74
N VAL E 38 41.66 -12.68 37.51
CA VAL E 38 41.84 -14.09 37.23
C VAL E 38 43.07 -14.41 36.39
N ASP E 39 43.90 -15.32 36.88
CA ASP E 39 45.07 -15.76 36.13
C ASP E 39 45.14 -17.27 36.01
N LEU E 40 45.75 -17.72 34.92
CA LEU E 40 46.07 -19.13 34.76
C LEU E 40 47.59 -19.31 34.87
N LEU E 41 48.01 -20.13 35.84
CA LEU E 41 49.43 -20.31 36.08
C LEU E 41 49.94 -21.63 35.50
N LYS E 42 51.06 -21.55 34.79
CA LYS E 42 51.79 -22.75 34.40
C LYS E 42 52.99 -22.89 35.33
N ASN E 43 52.97 -23.90 36.19
CA ASN E 43 54.01 -24.07 37.18
C ASN E 43 54.19 -22.80 38.01
N GLY E 44 53.08 -22.27 38.51
CA GLY E 44 53.11 -21.11 39.39
C GLY E 44 53.44 -19.82 38.67
N GLU E 45 53.67 -19.91 37.37
CA GLU E 45 54.06 -18.76 36.56
C GLU E 45 52.91 -18.30 35.66
N ARG E 46 52.53 -17.03 35.77
CA ARG E 46 51.42 -16.47 35.00
C ARG E 46 51.49 -16.77 33.50
N ILE E 47 50.37 -17.17 32.93
CA ILE E 47 50.26 -17.42 31.50
C ILE E 47 49.82 -16.14 30.79
N GLU E 48 50.36 -15.89 29.60
CA GLU E 48 50.19 -14.58 28.96
C GLU E 48 48.86 -14.38 28.22
N LYS E 49 48.63 -15.14 27.16
CA LYS E 49 47.46 -14.87 26.33
C LYS E 49 46.20 -15.61 26.77
N VAL E 50 45.64 -15.16 27.90
CA VAL E 50 44.44 -15.76 28.47
C VAL E 50 43.19 -14.96 28.08
N GLU E 51 42.25 -15.61 27.42
CA GLU E 51 41.00 -14.97 27.04
C GLU E 51 39.91 -15.25 28.05
N HIS E 52 38.78 -14.57 27.91
CA HIS E 52 37.65 -14.81 28.79
C HIS E 52 36.34 -14.43 28.13
N SER E 53 35.24 -14.96 28.66
CA SER E 53 33.93 -14.70 28.12
C SER E 53 33.41 -13.32 28.53
N ASP E 54 32.39 -12.85 27.82
CA ASP E 54 31.75 -11.58 28.12
C ASP E 54 30.98 -11.64 29.44
N LEU E 55 31.16 -10.64 30.28
CA LEU E 55 30.50 -10.60 31.58
C LEU E 55 29.00 -10.82 31.45
N SER E 56 28.48 -11.77 32.24
CA SER E 56 27.06 -12.09 32.29
C SER E 56 26.69 -12.47 33.72
N PHE E 57 25.41 -12.72 33.97
CA PHE E 57 24.97 -13.05 35.33
C PHE E 57 23.78 -14.00 35.44
N SER E 58 23.55 -14.52 36.63
CA SER E 58 22.52 -15.53 36.85
C SER E 58 21.24 -14.91 37.36
N LYS E 59 20.22 -15.74 37.54
CA LYS E 59 18.93 -15.29 38.05
C LYS E 59 19.07 -14.50 39.34
N ASP E 60 19.99 -14.92 40.20
CA ASP E 60 20.19 -14.25 41.49
C ASP E 60 21.07 -12.99 41.39
N TRP E 61 21.26 -12.51 40.16
CA TRP E 61 22.07 -11.32 39.88
C TRP E 61 23.58 -11.50 40.05
N SER E 62 24.03 -12.69 40.44
CA SER E 62 25.48 -12.90 40.60
C SER E 62 26.13 -13.21 39.25
N PHE E 63 27.41 -12.88 39.15
CA PHE E 63 28.12 -12.94 37.86
C PHE E 63 28.82 -14.27 37.63
N TYR E 64 29.09 -14.58 36.37
CA TYR E 64 29.99 -15.67 36.03
C TYR E 64 30.90 -15.27 34.89
N LEU E 65 32.00 -16.02 34.74
CA LEU E 65 33.05 -15.64 33.82
C LEU E 65 33.93 -16.85 33.55
N LEU E 66 34.17 -17.13 32.27
CA LEU E 66 35.06 -18.23 31.90
C LEU E 66 36.36 -17.70 31.32
N TYR E 67 37.46 -17.93 32.03
CA TYR E 67 38.79 -17.66 31.49
C TYR E 67 39.33 -18.94 30.89
N TYR E 68 40.07 -18.83 29.79
CA TYR E 68 40.55 -20.00 29.08
C TYR E 68 41.77 -19.73 28.21
N THR E 69 42.45 -20.81 27.84
CA THR E 69 43.63 -20.73 26.98
C THR E 69 44.01 -22.11 26.43
N GLU E 70 44.35 -22.14 25.15
CA GLU E 70 44.86 -23.36 24.53
C GLU E 70 46.14 -23.81 25.24
N PHE E 71 46.25 -25.12 25.48
CA PHE E 71 47.46 -25.67 26.10
C PHE E 71 47.64 -27.16 25.76
N THR E 72 48.79 -27.71 26.13
CA THR E 72 49.05 -29.14 25.97
C THR E 72 49.55 -29.72 27.28
N PRO E 73 48.76 -30.61 27.90
CA PRO E 73 49.08 -31.18 29.21
C PRO E 73 50.22 -32.19 29.16
N THR E 74 51.05 -32.17 30.19
CA THR E 74 52.09 -33.18 30.37
C THR E 74 51.95 -33.73 31.78
N GLU E 75 52.64 -34.83 32.06
CA GLU E 75 52.56 -35.47 33.37
C GLU E 75 53.21 -34.61 34.46
N LYS E 76 54.24 -33.86 34.08
CA LYS E 76 55.00 -33.08 35.06
C LYS E 76 54.39 -31.71 35.38
N ASP E 77 53.93 -31.01 34.36
CA ASP E 77 53.48 -29.62 34.49
C ASP E 77 52.31 -29.41 35.45
N GLU E 78 52.47 -28.48 36.39
CA GLU E 78 51.40 -28.08 37.30
C GLU E 78 50.65 -26.89 36.70
N TYR E 79 49.31 -26.94 36.75
CA TYR E 79 48.51 -25.81 36.30
C TYR E 79 47.54 -25.37 37.40
N ALA E 80 47.31 -24.08 37.48
CA ALA E 80 46.41 -23.56 38.50
C ALA E 80 45.63 -22.34 38.01
N CYS E 81 44.77 -21.84 38.88
CA CYS E 81 44.00 -20.64 38.59
C CYS E 81 44.07 -19.74 39.80
N ARG E 82 44.57 -18.51 39.61
CA ARG E 82 44.72 -17.57 40.70
C ARG E 82 43.63 -16.52 40.59
N VAL E 83 42.90 -16.32 41.69
CA VAL E 83 41.74 -15.46 41.68
C VAL E 83 41.79 -14.48 42.83
N ASN E 84 41.57 -13.21 42.53
CA ASN E 84 41.38 -12.23 43.59
C ASN E 84 40.06 -11.49 43.39
N HIS E 85 39.47 -11.03 44.48
CA HIS E 85 38.17 -10.40 44.48
C HIS E 85 38.09 -9.56 45.75
N VAL E 86 37.17 -8.60 45.80
CA VAL E 86 37.01 -7.75 46.98
C VAL E 86 36.80 -8.56 48.25
N THR E 87 36.11 -9.70 48.12
CA THR E 87 35.74 -10.52 49.26
C THR E 87 36.89 -11.42 49.74
N LEU E 88 37.98 -11.42 48.99
CA LEU E 88 39.14 -12.23 49.35
C LEU E 88 40.25 -11.35 49.91
N SER E 89 40.74 -11.71 51.09
CA SER E 89 41.81 -10.97 51.74
C SER E 89 43.12 -11.22 51.02
N GLN E 90 43.22 -12.39 50.40
CA GLN E 90 44.37 -12.74 49.59
C GLN E 90 43.95 -13.64 48.44
N PRO E 91 44.67 -13.57 47.31
CA PRO E 91 44.33 -14.39 46.14
C PRO E 91 44.17 -15.86 46.50
N LYS E 92 43.09 -16.48 46.04
CA LYS E 92 42.88 -17.91 46.22
C LYS E 92 43.41 -18.64 45.00
N ILE E 93 44.29 -19.63 45.24
CA ILE E 93 44.83 -20.44 44.15
C ILE E 93 44.23 -21.82 44.17
N VAL E 94 43.66 -22.24 43.04
CA VAL E 94 43.02 -23.54 42.95
C VAL E 94 43.76 -24.37 41.92
N LYS E 95 44.33 -25.49 42.36
CA LYS E 95 45.13 -26.32 41.46
C LYS E 95 44.24 -27.07 40.49
N TRP E 96 44.79 -27.35 39.31
CA TRP E 96 44.09 -28.16 38.33
C TRP E 96 44.33 -29.63 38.61
N ASP E 97 43.26 -30.31 39.02
CA ASP E 97 43.28 -31.76 39.20
C ASP E 97 42.61 -32.37 37.98
N ARG E 98 43.31 -33.21 37.24
CA ARG E 98 42.77 -33.71 35.98
C ARG E 98 41.62 -34.71 36.14
N ASP E 99 41.28 -35.03 37.39
CA ASP E 99 40.09 -35.82 37.68
C ASP E 99 39.29 -35.20 38.82
N MET E 100 39.42 -33.88 38.95
CA MET E 100 38.83 -33.15 40.07
C MET E 100 37.36 -33.48 40.30
N ARG F 1 16.24 -9.32 19.52
CA ARG F 1 16.26 -7.90 19.26
C ARG F 1 16.31 -7.10 20.58
N TYR F 2 17.40 -6.36 20.78
CA TYR F 2 17.62 -5.61 22.02
C TYR F 2 16.43 -4.72 22.37
N PRO F 3 16.06 -4.69 23.65
CA PRO F 3 14.91 -3.92 24.12
C PRO F 3 14.98 -2.45 23.71
N LEU F 4 13.83 -1.90 23.30
CA LEU F 4 13.71 -0.49 22.99
C LEU F 4 13.42 0.26 24.30
N THR F 5 14.39 1.07 24.74
CA THR F 5 14.38 1.57 26.11
C THR F 5 13.85 2.98 26.28
N PHE F 6 12.81 3.32 25.52
CA PHE F 6 12.11 4.58 25.73
C PHE F 6 11.53 4.58 27.15
N GLY F 7 11.74 5.69 27.86
CA GLY F 7 11.16 5.87 29.18
C GLY F 7 11.81 5.10 30.31
N TRP F 8 12.95 4.45 30.04
CA TRP F 8 13.63 3.66 31.08
C TRP F 8 14.40 4.49 32.12
N CYS F 9 14.41 5.81 31.98
CA CYS F 9 15.06 6.66 32.98
C CYS F 9 14.44 6.46 34.37
N PHE F 10 15.28 6.47 35.40
CA PHE F 10 14.81 6.33 36.77
C PHE F 10 14.25 7.66 37.26
N GLN G 1 -7.10 7.79 -7.82
CA GLN G 1 -7.55 6.97 -6.69
C GLN G 1 -7.92 5.54 -7.10
N LYS G 2 -8.41 5.37 -8.32
CA LYS G 2 -8.73 4.04 -8.83
C LYS G 2 -7.45 3.22 -8.99
N VAL G 3 -6.46 3.83 -9.64
CA VAL G 3 -5.12 3.26 -9.71
C VAL G 3 -4.14 4.30 -9.21
N THR G 4 -3.28 3.93 -8.27
CA THR G 4 -2.37 4.91 -7.68
C THR G 4 -0.90 4.56 -7.85
N GLN G 5 -0.21 5.42 -8.59
CA GLN G 5 1.24 5.36 -8.74
C GLN G 5 1.85 6.59 -8.06
N ALA G 6 2.24 6.42 -6.80
CA ALA G 6 2.76 7.52 -5.98
C ALA G 6 4.04 8.12 -6.55
N GLN G 7 4.90 7.27 -7.11
CA GLN G 7 6.14 7.74 -7.71
C GLN G 7 5.90 8.46 -9.02
N SER G 8 6.14 9.77 -9.02
CA SER G 8 6.12 10.55 -10.24
C SER G 8 7.35 10.22 -11.07
N SER G 9 8.47 10.00 -10.39
CA SER G 9 9.74 9.80 -11.06
C SER G 9 10.70 8.94 -10.22
N VAL G 10 11.53 8.15 -10.90
CA VAL G 10 12.49 7.28 -10.24
C VAL G 10 13.75 7.13 -11.09
N SER G 11 14.91 7.09 -10.44
CA SER G 11 16.18 6.92 -11.14
C SER G 11 16.94 5.73 -10.60
N MET G 12 17.71 5.07 -11.45
CA MET G 12 18.44 3.89 -11.01
C MET G 12 19.58 3.59 -11.97
N PRO G 13 20.73 3.17 -11.43
CA PRO G 13 21.92 2.83 -12.22
C PRO G 13 21.70 1.63 -13.13
N VAL G 14 22.17 1.76 -14.37
CA VAL G 14 22.15 0.68 -15.33
C VAL G 14 22.69 -0.60 -14.70
N ARG G 15 22.21 -1.75 -15.19
CA ARG G 15 22.61 -3.06 -14.67
C ARG G 15 21.93 -3.42 -13.34
N LYS G 16 21.41 -2.43 -12.64
CA LYS G 16 20.71 -2.66 -11.38
C LYS G 16 19.23 -2.92 -11.62
N ALA G 17 18.48 -3.15 -10.54
CA ALA G 17 17.06 -3.44 -10.67
C ALA G 17 16.23 -2.36 -9.97
N VAL G 18 15.05 -2.09 -10.50
CA VAL G 18 14.18 -1.08 -9.93
C VAL G 18 12.78 -1.66 -9.71
N THR G 19 12.03 -1.04 -8.81
CA THR G 19 10.66 -1.45 -8.53
C THR G 19 9.71 -0.26 -8.64
N LEU G 20 8.73 -0.39 -9.52
CA LEU G 20 7.74 0.64 -9.74
C LEU G 20 6.45 0.26 -9.02
N ASN G 21 6.05 1.08 -8.06
CA ASN G 21 4.93 0.74 -7.19
C ASN G 21 3.57 1.02 -7.82
N CYS G 22 2.57 0.26 -7.38
CA CYS G 22 1.19 0.45 -7.85
C CYS G 22 0.20 -0.06 -6.81
N LEU G 23 -0.76 0.78 -6.46
CA LEU G 23 -1.88 0.38 -5.62
C LEU G 23 -3.17 0.66 -6.37
N TYR G 24 -4.24 -0.05 -6.03
CA TYR G 24 -5.50 0.12 -6.75
C TYR G 24 -6.70 -0.06 -5.83
N GLU G 25 -7.84 0.42 -6.30
CA GLU G 25 -9.10 0.28 -5.56
C GLU G 25 -10.15 -0.37 -6.43
N THR G 26 -10.72 -1.47 -5.95
CA THR G 26 -11.77 -2.16 -6.68
C THR G 26 -12.71 -2.90 -5.74
N SER G 27 -14.00 -2.89 -6.06
CA SER G 27 -14.94 -3.69 -5.30
C SER G 27 -15.26 -5.00 -6.03
N TRP G 28 -14.60 -5.24 -7.16
CA TRP G 28 -14.73 -6.51 -7.87
C TRP G 28 -13.91 -7.58 -7.17
N TRP G 29 -14.37 -8.81 -7.26
CA TRP G 29 -13.61 -9.93 -6.73
C TRP G 29 -12.71 -10.57 -7.79
N SER G 30 -13.04 -10.32 -9.06
CA SER G 30 -12.23 -10.80 -10.16
C SER G 30 -11.74 -9.62 -11.01
N TYR G 31 -10.44 -9.57 -11.29
CA TYR G 31 -9.89 -8.46 -12.05
C TYR G 31 -8.48 -8.75 -12.56
N TYR G 32 -8.00 -7.87 -13.44
CA TYR G 32 -6.65 -8.01 -13.96
C TYR G 32 -5.87 -6.71 -13.78
N ILE G 33 -4.57 -6.83 -13.55
CA ILE G 33 -3.69 -5.67 -13.59
C ILE G 33 -2.77 -5.77 -14.80
N PHE G 34 -2.60 -4.66 -15.51
CA PHE G 34 -1.72 -4.62 -16.67
C PHE G 34 -0.60 -3.58 -16.46
N TRP G 35 0.61 -3.93 -16.89
CA TRP G 35 1.72 -2.99 -16.93
C TRP G 35 2.10 -2.62 -18.37
N TYR G 36 2.12 -1.32 -18.67
CA TYR G 36 2.56 -0.84 -19.97
C TYR G 36 3.80 0.03 -19.83
N LYS G 37 4.58 0.10 -20.90
CA LYS G 37 5.73 0.99 -20.96
C LYS G 37 5.55 1.99 -22.11
N GLN G 38 5.54 3.28 -21.77
CA GLN G 38 5.43 4.33 -22.78
C GLN G 38 6.81 4.86 -23.19
N LEU G 39 7.19 4.55 -24.42
CA LEU G 39 8.43 5.03 -25.01
C LEU G 39 8.42 6.54 -25.12
N PRO G 40 9.61 7.15 -25.19
CA PRO G 40 9.76 8.60 -25.39
C PRO G 40 9.05 9.06 -26.66
N SER G 41 8.91 8.16 -27.63
CA SER G 41 8.13 8.41 -28.83
C SER G 41 6.65 8.58 -28.49
N LYS G 42 6.29 8.23 -27.26
CA LYS G 42 4.91 8.28 -26.78
C LYS G 42 4.15 7.00 -27.14
N GLU G 43 4.87 6.04 -27.70
CA GLU G 43 4.33 4.73 -28.03
C GLU G 43 4.06 3.90 -26.76
N MET G 44 2.81 3.45 -26.61
CA MET G 44 2.36 2.70 -25.44
C MET G 44 2.44 1.21 -25.69
N ILE G 45 3.47 0.54 -25.17
CA ILE G 45 3.63 -0.89 -25.42
C ILE G 45 3.31 -1.75 -24.19
N PHE G 46 2.60 -2.86 -24.42
CA PHE G 46 2.21 -3.76 -23.34
C PHE G 46 3.38 -4.59 -22.83
N LEU G 47 3.43 -4.80 -21.51
CA LEU G 47 4.55 -5.52 -20.89
C LEU G 47 4.16 -6.87 -20.31
N ILE G 48 3.37 -6.84 -19.24
CA ILE G 48 3.01 -8.04 -18.51
C ILE G 48 1.62 -7.83 -17.90
N ARG G 49 0.90 -8.91 -17.60
CA ARG G 49 -0.37 -8.77 -16.91
C ARG G 49 -0.47 -9.72 -15.70
N GLN G 50 -1.30 -9.35 -14.74
CA GLN G 50 -1.47 -10.12 -13.51
C GLN G 50 -2.95 -10.34 -13.23
N GLY G 51 -3.35 -11.60 -13.09
CA GLY G 51 -4.73 -11.89 -12.73
C GLY G 51 -4.92 -12.06 -11.23
N SER G 52 -6.09 -11.68 -10.74
CA SER G 52 -6.38 -11.75 -9.30
C SER G 52 -6.34 -13.15 -8.69
N ASP G 53 -6.21 -14.19 -9.52
CA ASP G 53 -6.17 -15.57 -9.01
C ASP G 53 -4.87 -16.26 -9.38
N GLU G 54 -3.98 -15.53 -10.02
CA GLU G 54 -2.76 -16.14 -10.54
C GLU G 54 -1.57 -15.92 -9.61
N GLN G 55 -0.57 -16.79 -9.73
CA GLN G 55 0.68 -16.60 -9.00
C GLN G 55 1.34 -15.32 -9.52
N ASN G 56 2.44 -14.93 -8.90
CA ASN G 56 3.15 -13.73 -9.32
C ASN G 56 3.62 -13.80 -10.77
N ALA G 57 3.10 -12.90 -11.59
CA ALA G 57 3.44 -12.85 -13.00
C ALA G 57 4.93 -12.58 -13.21
N LYS G 58 5.50 -13.17 -14.25
CA LYS G 58 6.91 -13.06 -14.53
C LYS G 58 7.12 -13.23 -16.03
N SER G 59 7.85 -12.30 -16.64
CA SER G 59 8.05 -12.33 -18.08
C SER G 59 9.33 -11.61 -18.47
N GLY G 60 10.38 -12.39 -18.69
CA GLY G 60 11.68 -11.83 -18.98
C GLY G 60 12.18 -11.08 -17.77
N ARG G 61 12.70 -9.88 -18.00
CA ARG G 61 13.24 -9.09 -16.90
C ARG G 61 12.14 -8.46 -16.07
N TYR G 62 10.90 -8.55 -16.56
CA TYR G 62 9.76 -8.03 -15.84
C TYR G 62 9.20 -9.06 -14.87
N SER G 63 8.86 -8.61 -13.67
CA SER G 63 8.18 -9.46 -12.70
C SER G 63 7.20 -8.63 -11.87
N VAL G 64 6.07 -9.23 -11.50
CA VAL G 64 5.08 -8.54 -10.68
C VAL G 64 5.02 -9.18 -9.30
N ASN G 65 4.97 -8.36 -8.25
CA ASN G 65 4.86 -8.89 -6.91
C ASN G 65 3.45 -8.69 -6.39
N PHE G 66 2.57 -9.62 -6.73
CA PHE G 66 1.16 -9.47 -6.44
C PHE G 66 0.90 -9.68 -4.96
N LYS G 67 0.50 -8.60 -4.29
CA LYS G 67 0.13 -8.66 -2.88
C LYS G 67 -1.35 -8.30 -2.77
N LYS G 68 -2.17 -9.34 -2.93
CA LYS G 68 -3.60 -9.19 -3.14
C LYS G 68 -4.31 -8.53 -1.96
N ALA G 69 -3.99 -8.97 -0.75
CA ALA G 69 -4.66 -8.40 0.41
C ALA G 69 -4.43 -6.89 0.47
N ALA G 70 -3.18 -6.47 0.30
CA ALA G 70 -2.84 -5.05 0.30
C ALA G 70 -3.34 -4.34 -0.95
N LYS G 71 -3.71 -5.12 -1.96
CA LYS G 71 -4.03 -4.61 -3.30
C LYS G 71 -2.83 -3.84 -3.82
N SER G 72 -1.67 -4.51 -3.78
CA SER G 72 -0.42 -3.95 -4.26
C SER G 72 0.14 -4.84 -5.35
N VAL G 73 0.55 -4.22 -6.45
CA VAL G 73 0.91 -4.97 -7.64
C VAL G 73 2.13 -4.31 -8.31
N ALA G 74 3.19 -4.13 -7.55
CA ALA G 74 4.37 -3.42 -8.02
C ALA G 74 5.11 -4.18 -9.12
N LEU G 75 5.59 -3.43 -10.11
CA LEU G 75 6.39 -4.00 -11.19
C LEU G 75 7.86 -3.90 -10.84
N THR G 76 8.61 -4.94 -11.17
CA THR G 76 10.05 -4.93 -10.94
C THR G 76 10.78 -5.33 -12.21
N ILE G 77 11.70 -4.49 -12.65
CA ILE G 77 12.55 -4.87 -13.77
C ILE G 77 14.00 -4.96 -13.33
N SER G 78 14.64 -6.08 -13.65
CA SER G 78 16.01 -6.34 -13.24
C SER G 78 16.95 -6.22 -14.42
N ALA G 79 18.26 -6.18 -14.13
CA ALA G 79 19.27 -6.01 -15.17
C ALA G 79 18.97 -4.83 -16.08
N LEU G 80 18.65 -3.69 -15.47
CA LEU G 80 18.31 -2.48 -16.22
C LEU G 80 19.16 -2.29 -17.47
N GLN G 81 18.55 -1.68 -18.48
CA GLN G 81 19.24 -1.29 -19.69
C GLN G 81 18.92 0.18 -19.95
N LEU G 82 19.80 0.85 -20.69
CA LEU G 82 19.60 2.26 -20.97
C LEU G 82 18.24 2.51 -21.62
N GLU G 83 17.86 1.65 -22.57
CA GLU G 83 16.58 1.82 -23.26
C GLU G 83 15.36 1.47 -22.38
N ASP G 84 15.59 0.92 -21.19
CA ASP G 84 14.52 0.76 -20.21
C ASP G 84 13.94 2.11 -19.83
N SER G 85 14.69 3.17 -20.07
CA SER G 85 14.23 4.52 -19.74
C SER G 85 12.93 4.80 -20.47
N ALA G 86 11.87 4.98 -19.69
CA ALA G 86 10.56 5.25 -20.26
C ALA G 86 9.62 5.60 -19.12
N LYS G 87 8.35 5.80 -19.46
CA LYS G 87 7.32 6.03 -18.47
C LYS G 87 6.47 4.76 -18.34
N TYR G 88 6.32 4.27 -17.11
CA TYR G 88 5.62 3.00 -16.89
C TYR G 88 4.24 3.17 -16.28
N PHE G 89 3.26 2.47 -16.85
CA PHE G 89 1.87 2.66 -16.46
C PHE G 89 1.19 1.41 -15.89
N CYS G 90 0.48 1.61 -14.79
CA CYS G 90 -0.27 0.56 -14.15
C CYS G 90 -1.76 0.70 -14.48
N ALA G 91 -2.41 -0.41 -14.79
CA ALA G 91 -3.81 -0.37 -15.19
C ALA G 91 -4.64 -1.48 -14.56
N LEU G 92 -5.88 -1.15 -14.24
CA LEU G 92 -6.82 -2.07 -13.61
C LEU G 92 -7.91 -2.44 -14.61
N GLY G 93 -8.20 -3.73 -14.72
CA GLY G 93 -9.23 -4.19 -15.64
C GLY G 93 -10.38 -4.89 -14.94
N GLU G 94 -11.59 -4.40 -15.14
CA GLU G 94 -12.78 -4.97 -14.50
C GLU G 94 -13.87 -5.21 -15.53
N LEU G 95 -14.46 -6.40 -15.51
CA LEU G 95 -15.62 -6.67 -16.36
C LEU G 95 -16.70 -5.66 -16.01
N ALA G 96 -17.25 -4.98 -17.02
CA ALA G 96 -18.26 -3.96 -16.79
C ALA G 96 -19.56 -4.54 -16.22
N ARG G 97 -20.38 -3.68 -15.64
CA ARG G 97 -21.67 -4.09 -15.07
C ARG G 97 -22.59 -4.58 -16.18
N SER G 98 -22.33 -4.14 -17.41
CA SER G 98 -23.16 -4.52 -18.55
C SER G 98 -22.76 -5.89 -19.09
N GLY G 99 -21.55 -6.32 -18.72
CA GLY G 99 -21.00 -7.58 -19.23
C GLY G 99 -20.48 -7.43 -20.65
N GLY G 100 -20.65 -6.23 -21.22
CA GLY G 100 -20.31 -5.99 -22.61
C GLY G 100 -18.84 -5.81 -22.93
N TYR G 101 -18.04 -5.41 -21.94
CA TYR G 101 -16.62 -5.18 -22.20
C TYR G 101 -15.83 -5.09 -20.91
N GLN G 102 -14.51 -5.09 -21.04
CA GLN G 102 -13.65 -4.89 -19.89
C GLN G 102 -13.21 -3.43 -19.76
N LYS G 103 -13.63 -2.80 -18.67
CA LYS G 103 -13.25 -1.42 -18.38
C LYS G 103 -11.84 -1.37 -17.78
N VAL G 104 -10.89 -0.82 -18.53
CA VAL G 104 -9.53 -0.67 -18.06
C VAL G 104 -9.25 0.78 -17.64
N THR G 105 -8.71 0.94 -16.43
CA THR G 105 -8.40 2.26 -15.90
C THR G 105 -6.90 2.41 -15.65
N PHE G 106 -6.36 3.55 -16.08
CA PHE G 106 -4.92 3.78 -16.01
C PHE G 106 -4.50 4.69 -14.86
N GLY G 107 -3.38 4.34 -14.22
CA GLY G 107 -2.71 5.25 -13.31
C GLY G 107 -2.00 6.37 -14.07
N THR G 108 -1.41 7.30 -13.33
CA THR G 108 -0.82 8.50 -13.92
C THR G 108 0.62 8.33 -14.41
N GLY G 109 1.21 7.17 -14.16
CA GLY G 109 2.52 6.84 -14.69
C GLY G 109 3.72 7.25 -13.83
N THR G 110 4.81 6.51 -13.97
CA THR G 110 6.07 6.80 -13.28
C THR G 110 7.21 6.83 -14.28
N LYS G 111 7.94 7.95 -14.35
CA LYS G 111 9.07 8.05 -15.26
C LYS G 111 10.29 7.36 -14.67
N LEU G 112 10.76 6.31 -15.35
CA LEU G 112 12.00 5.65 -14.97
C LEU G 112 13.17 6.24 -15.78
N GLN G 113 14.16 6.77 -15.07
CA GLN G 113 15.38 7.21 -15.70
C GLN G 113 16.50 6.29 -15.27
N VAL G 114 17.01 5.49 -16.21
CA VAL G 114 18.15 4.63 -15.92
C VAL G 114 19.43 5.42 -16.16
N ILE G 115 20.35 5.35 -15.20
CA ILE G 115 21.56 6.17 -15.19
C ILE G 115 22.76 5.42 -15.75
N PRO G 116 23.40 6.01 -16.77
CA PRO G 116 24.56 5.38 -17.42
C PRO G 116 25.72 5.25 -16.45
N ASN G 117 26.47 4.17 -16.56
CA ASN G 117 27.69 4.01 -15.78
C ASN G 117 28.91 4.44 -16.60
N ILE G 118 29.34 5.67 -16.43
CA ILE G 118 30.48 6.18 -17.18
C ILE G 118 31.81 5.77 -16.55
N GLN G 119 32.46 4.76 -17.13
CA GLN G 119 33.66 4.17 -16.55
C GLN G 119 34.96 4.85 -16.97
N ASN G 120 34.90 5.61 -18.06
CA ASN G 120 36.08 6.30 -18.57
C ASN G 120 35.83 7.79 -18.81
N PRO G 121 35.49 8.52 -17.74
CA PRO G 121 35.19 9.95 -17.90
C PRO G 121 36.39 10.67 -18.48
N ASP G 122 36.10 11.70 -19.28
CA ASP G 122 37.13 12.60 -19.77
C ASP G 122 36.46 13.96 -19.96
N PRO G 123 35.91 14.51 -18.86
CA PRO G 123 35.13 15.75 -18.91
C PRO G 123 35.90 16.87 -19.63
N ALA G 124 35.23 17.48 -20.59
CA ALA G 124 35.83 18.55 -21.37
C ALA G 124 34.76 19.48 -21.92
N VAL G 125 35.16 20.68 -22.31
CA VAL G 125 34.24 21.60 -22.96
C VAL G 125 34.87 22.04 -24.26
N TYR G 126 34.19 21.74 -25.36
CA TYR G 126 34.72 22.05 -26.68
C TYR G 126 33.86 23.12 -27.33
N GLN G 127 34.40 23.72 -28.38
CA GLN G 127 33.65 24.71 -29.16
C GLN G 127 33.53 24.22 -30.60
N LEU G 128 32.31 24.21 -31.10
CA LEU G 128 32.03 23.69 -32.43
C LEU G 128 31.50 24.82 -33.30
N ARG G 129 32.02 24.91 -34.51
CA ARG G 129 31.65 26.01 -35.40
C ARG G 129 30.64 25.56 -36.46
N ASP G 130 29.72 26.45 -36.80
CA ASP G 130 28.69 26.17 -37.81
C ASP G 130 29.35 25.75 -39.13
N SER G 131 28.81 24.69 -39.72
CA SER G 131 29.30 24.16 -40.99
C SER G 131 29.18 25.19 -42.11
N LYS G 132 28.27 26.14 -41.94
CA LYS G 132 27.99 27.13 -42.97
C LYS G 132 28.52 28.52 -42.61
N SER G 133 28.61 28.80 -41.31
CA SER G 133 29.07 30.10 -40.84
C SER G 133 30.09 29.98 -39.72
N SER G 134 31.35 30.26 -40.04
CA SER G 134 32.46 30.10 -39.10
C SER G 134 32.24 30.81 -37.75
N ASP G 135 31.75 32.04 -37.81
CA ASP G 135 31.58 32.85 -36.60
C ASP G 135 30.60 32.25 -35.61
N LYS G 136 29.49 31.73 -36.12
CA LYS G 136 28.49 31.09 -35.28
C LYS G 136 29.04 29.79 -34.68
N SER G 137 28.96 29.67 -33.36
CA SER G 137 29.47 28.49 -32.69
C SER G 137 28.60 28.02 -31.51
N VAL G 138 28.97 26.88 -30.96
CA VAL G 138 28.20 26.29 -29.87
C VAL G 138 29.17 25.60 -28.91
N CYS G 139 28.80 25.50 -27.65
CA CYS G 139 29.66 24.89 -26.65
C CYS G 139 29.17 23.51 -26.26
N LEU G 140 30.08 22.54 -26.28
CA LEU G 140 29.73 21.16 -25.96
C LEU G 140 30.45 20.68 -24.70
N PHE G 141 29.69 20.54 -23.62
CA PHE G 141 30.21 19.96 -22.39
C PHE G 141 29.94 18.45 -22.45
N THR G 142 31.00 17.65 -22.41
CA THR G 142 30.85 16.22 -22.69
C THR G 142 31.84 15.34 -21.94
N ASP G 143 31.54 14.04 -21.89
CA ASP G 143 32.41 13.02 -21.35
C ASP G 143 32.55 13.05 -19.83
N PHE G 144 31.64 13.76 -19.17
CA PHE G 144 31.56 13.70 -17.72
C PHE G 144 30.75 12.48 -17.31
N ASP G 145 31.00 11.96 -16.11
CA ASP G 145 30.24 10.81 -15.64
C ASP G 145 28.89 11.25 -15.05
N SER G 146 28.11 10.28 -14.59
CA SER G 146 26.73 10.56 -14.21
C SER G 146 26.59 11.31 -12.88
N GLN G 147 27.71 11.58 -12.22
CA GLN G 147 27.68 12.32 -10.97
C GLN G 147 27.52 13.82 -11.24
N THR G 148 27.86 14.24 -12.46
CA THR G 148 27.79 15.65 -12.86
C THR G 148 26.37 16.09 -13.21
N ASN G 149 26.00 17.30 -12.78
CA ASN G 149 24.68 17.84 -13.03
C ASN G 149 24.71 19.19 -13.76
N VAL G 150 23.93 19.30 -14.82
CA VAL G 150 23.93 20.50 -15.65
C VAL G 150 22.82 21.48 -15.27
N SER G 151 23.22 22.64 -14.76
CA SER G 151 22.25 23.67 -14.35
C SER G 151 22.01 24.65 -15.48
N GLN G 152 20.87 25.34 -15.46
CA GLN G 152 20.61 26.43 -16.39
C GLN G 152 21.57 27.57 -16.08
N SER G 153 21.52 28.65 -16.85
CA SER G 153 22.43 29.77 -16.60
C SER G 153 21.74 30.96 -15.93
N LYS G 154 22.55 31.81 -15.30
CA LYS G 154 22.06 33.04 -14.71
C LYS G 154 21.41 33.90 -15.80
N ASP G 155 21.87 33.74 -17.03
CA ASP G 155 21.38 34.52 -18.17
C ASP G 155 20.16 33.86 -18.82
N SER G 156 19.29 34.68 -19.41
CA SER G 156 18.05 34.19 -19.98
C SER G 156 18.16 34.00 -21.49
N ASP G 157 19.14 34.66 -22.10
CA ASP G 157 19.43 34.42 -23.51
C ASP G 157 20.69 33.58 -23.70
N VAL G 158 21.11 32.91 -22.64
CA VAL G 158 22.08 31.83 -22.74
C VAL G 158 21.32 30.50 -22.58
N TYR G 159 21.36 29.67 -23.61
CA TYR G 159 20.59 28.43 -23.62
C TYR G 159 21.43 27.21 -23.29
N ILE G 160 20.94 26.40 -22.36
CA ILE G 160 21.61 25.17 -21.98
C ILE G 160 20.63 24.00 -21.94
N THR G 161 20.94 22.96 -22.70
CA THR G 161 20.13 21.74 -22.72
C THR G 161 20.64 20.79 -21.66
N ASP G 162 19.75 20.00 -21.06
CA ASP G 162 20.19 19.06 -20.04
C ASP G 162 21.00 17.93 -20.66
N LYS G 163 21.73 17.22 -19.82
CA LYS G 163 22.58 16.12 -20.26
C LYS G 163 21.75 14.99 -20.83
N CYS G 164 22.21 14.42 -21.95
CA CYS G 164 21.63 13.17 -22.42
C CYS G 164 22.71 12.23 -22.97
N VAL G 165 22.44 10.93 -22.86
CA VAL G 165 23.44 9.91 -23.15
C VAL G 165 23.35 9.47 -24.60
N LEU G 166 24.51 9.17 -25.19
CA LEU G 166 24.54 8.63 -26.53
C LEU G 166 25.31 7.31 -26.49
N ASP G 167 24.99 6.42 -27.42
CA ASP G 167 25.50 5.07 -27.36
C ASP G 167 26.15 4.70 -28.68
N MET G 168 27.48 4.76 -28.71
CA MET G 168 28.21 4.27 -29.86
C MET G 168 28.30 2.75 -29.73
N ARG G 169 27.17 2.10 -30.05
CA ARG G 169 26.94 0.67 -29.79
C ARG G 169 28.09 -0.25 -30.19
N SER G 170 28.61 -0.07 -31.41
CA SER G 170 29.66 -0.94 -31.91
C SER G 170 30.95 -0.83 -31.10
N MET G 171 31.19 0.34 -30.51
CA MET G 171 32.38 0.55 -29.70
C MET G 171 32.13 0.27 -28.21
N ASP G 172 30.94 -0.20 -27.88
CA ASP G 172 30.55 -0.38 -26.49
C ASP G 172 30.92 0.88 -25.70
N PHE G 173 30.56 2.03 -26.25
CA PHE G 173 30.95 3.31 -25.67
C PHE G 173 29.78 4.28 -25.46
N LYS G 174 29.62 4.74 -24.23
CA LYS G 174 28.60 5.72 -23.89
C LYS G 174 29.23 7.05 -23.49
N SER G 175 28.53 8.15 -23.72
CA SER G 175 29.01 9.46 -23.29
C SER G 175 27.86 10.43 -23.00
N ASN G 176 27.99 11.17 -21.90
CA ASN G 176 27.04 12.23 -21.59
C ASN G 176 27.44 13.50 -22.30
N SER G 177 26.51 14.45 -22.42
CA SER G 177 26.85 15.73 -23.01
C SER G 177 25.71 16.73 -22.92
N ALA G 178 26.07 17.99 -22.71
CA ALA G 178 25.10 19.07 -22.71
C ALA G 178 25.54 20.09 -23.74
N VAL G 179 24.58 20.80 -24.33
CA VAL G 179 24.89 21.83 -25.30
C VAL G 179 24.50 23.19 -24.77
N ALA G 180 25.24 24.23 -25.17
CA ALA G 180 24.91 25.59 -24.79
C ALA G 180 25.21 26.57 -25.93
N TRP G 181 24.32 27.54 -26.10
CA TRP G 181 24.51 28.56 -27.14
C TRP G 181 23.93 29.92 -26.75
N SER G 182 24.44 30.98 -27.38
CA SER G 182 24.03 32.33 -27.05
C SER G 182 24.41 33.34 -28.13
N ASN G 183 23.75 34.49 -28.11
CA ASN G 183 24.12 35.61 -28.98
C ASN G 183 24.90 36.68 -28.23
N LYS G 184 24.79 36.63 -26.90
CA LYS G 184 25.63 37.46 -26.04
C LYS G 184 27.07 37.43 -26.53
N SER G 185 27.64 38.62 -26.75
CA SER G 185 29.02 38.74 -27.19
C SER G 185 29.97 38.26 -26.11
N ASP G 186 29.57 38.47 -24.85
CA ASP G 186 30.36 38.04 -23.71
C ASP G 186 30.25 36.53 -23.45
N PHE G 187 29.47 35.85 -24.28
CA PHE G 187 29.31 34.40 -24.18
C PHE G 187 30.52 33.66 -24.75
N ALA G 188 31.09 32.78 -23.93
CA ALA G 188 32.27 32.02 -24.32
C ALA G 188 32.26 30.66 -23.64
N CYS G 189 32.79 29.66 -24.32
CA CYS G 189 32.78 28.30 -23.76
C CYS G 189 33.48 28.25 -22.42
N ALA G 190 34.43 29.14 -22.21
CA ALA G 190 35.17 29.16 -20.95
C ALA G 190 34.23 29.39 -19.77
N ASN G 191 33.18 30.16 -20.00
CA ASN G 191 32.25 30.51 -18.92
C ASN G 191 30.83 30.00 -19.13
N ALA G 192 30.63 29.14 -20.12
CA ALA G 192 29.29 28.65 -20.46
C ALA G 192 28.65 27.82 -19.35
N PHE G 193 29.34 26.78 -18.91
CA PHE G 193 28.76 25.83 -17.96
C PHE G 193 29.20 26.05 -16.52
N ASN G 194 29.68 27.24 -16.21
CA ASN G 194 30.20 27.48 -14.87
C ASN G 194 29.13 27.94 -13.87
N ASN G 195 27.87 27.80 -14.27
CA ASN G 195 26.77 27.89 -13.32
C ASN G 195 26.39 26.49 -12.87
N SER G 196 27.21 25.52 -13.27
CA SER G 196 27.06 24.13 -12.84
C SER G 196 28.33 23.71 -12.12
N ILE G 197 28.22 22.72 -11.25
CA ILE G 197 29.40 22.14 -10.62
C ILE G 197 30.01 21.09 -11.55
N ILE G 198 31.18 21.41 -12.10
CA ILE G 198 31.86 20.53 -13.05
C ILE G 198 33.17 20.00 -12.47
N PRO G 199 33.58 18.79 -12.90
CA PRO G 199 34.81 18.18 -12.38
C PRO G 199 35.98 19.15 -12.50
N GLU G 200 36.77 19.30 -11.44
CA GLU G 200 37.85 20.30 -11.47
C GLU G 200 38.87 19.96 -12.56
N ASP G 201 38.99 18.68 -12.87
CA ASP G 201 39.89 18.24 -13.93
C ASP G 201 39.23 18.30 -15.31
N THR G 202 38.21 19.14 -15.46
CA THR G 202 37.59 19.33 -16.77
C THR G 202 38.58 19.97 -17.73
N PHE G 203 38.72 19.37 -18.91
CA PHE G 203 39.65 19.84 -19.92
C PHE G 203 39.05 21.01 -20.70
N PHE G 204 39.73 22.16 -20.64
CA PHE G 204 39.34 23.31 -21.44
C PHE G 204 40.43 23.56 -22.47
N PRO G 205 40.31 22.92 -23.65
CA PRO G 205 41.29 23.08 -24.73
C PRO G 205 41.54 24.55 -25.03
N SER G 206 42.74 24.85 -25.50
CA SER G 206 43.12 26.23 -25.82
C SER G 206 42.25 26.84 -26.92
N PRO G 207 42.84 27.62 -27.85
CA PRO G 207 42.03 28.62 -28.54
C PRO G 207 40.56 28.69 -28.08
N SER H 1 -4.16 -11.31 -34.06
CA SER H 1 -3.59 -10.46 -33.02
C SER H 1 -2.30 -9.84 -33.52
N GLN H 2 -2.41 -8.93 -34.49
CA GLN H 2 -1.24 -8.48 -35.25
C GLN H 2 -0.96 -6.98 -35.19
N THR H 3 -1.73 -6.20 -35.93
CA THR H 3 -1.34 -4.82 -36.23
C THR H 3 -2.44 -3.79 -35.97
N ILE H 4 -2.03 -2.64 -35.45
CA ILE H 4 -2.92 -1.49 -35.31
C ILE H 4 -2.16 -0.22 -35.71
N HIS H 5 -2.81 0.63 -36.49
CA HIS H 5 -2.14 1.78 -37.07
C HIS H 5 -3.11 2.95 -37.14
N GLN H 6 -2.70 4.11 -36.62
CA GLN H 6 -3.55 5.29 -36.67
C GLN H 6 -2.84 6.46 -37.36
N TRP H 7 -3.63 7.40 -37.88
CA TRP H 7 -3.09 8.47 -38.71
C TRP H 7 -4.06 9.64 -38.81
N PRO H 8 -3.51 10.86 -38.94
CA PRO H 8 -2.07 11.11 -38.93
C PRO H 8 -1.50 11.09 -37.51
N ALA H 9 -0.18 11.05 -37.37
CA ALA H 9 0.44 10.96 -36.06
C ALA H 9 0.62 12.33 -35.41
N THR H 10 0.75 13.37 -36.24
CA THR H 10 0.95 14.72 -35.71
C THR H 10 0.08 15.73 -36.45
N LEU H 11 -0.58 16.57 -35.69
CA LEU H 11 -1.62 17.42 -36.21
C LEU H 11 -1.47 18.84 -35.68
N VAL H 12 -1.43 19.82 -36.59
CA VAL H 12 -1.48 21.22 -36.19
C VAL H 12 -2.57 21.91 -36.99
N GLN H 13 -3.59 22.39 -36.29
CA GLN H 13 -4.79 22.92 -36.92
C GLN H 13 -5.37 24.11 -36.16
N PRO H 14 -6.00 25.04 -36.88
CA PRO H 14 -6.59 26.22 -36.24
C PRO H 14 -7.94 25.88 -35.61
N VAL H 15 -8.35 26.66 -34.62
CA VAL H 15 -9.66 26.47 -34.01
C VAL H 15 -10.73 26.58 -35.10
N GLY H 16 -11.76 25.74 -34.99
CA GLY H 16 -12.86 25.79 -35.94
C GLY H 16 -12.75 24.78 -37.06
N SER H 17 -11.54 24.35 -37.38
CA SER H 17 -11.34 23.39 -38.47
C SER H 17 -11.84 21.99 -38.09
N PRO H 18 -12.26 21.20 -39.09
CA PRO H 18 -12.73 19.84 -38.80
C PRO H 18 -11.58 18.92 -38.44
N LEU H 19 -11.85 17.90 -37.64
CA LEU H 19 -10.84 16.93 -37.24
C LEU H 19 -11.20 15.52 -37.72
N SER H 20 -10.23 14.80 -38.26
CA SER H 20 -10.47 13.42 -38.65
C SER H 20 -9.27 12.51 -38.43
N LEU H 21 -9.27 11.79 -37.31
CA LEU H 21 -8.29 10.75 -37.05
C LEU H 21 -8.89 9.41 -37.43
N GLU H 22 -8.11 8.59 -38.14
CA GLU H 22 -8.56 7.25 -38.49
C GLU H 22 -7.63 6.19 -37.91
N CYS H 23 -8.19 4.99 -37.69
CA CYS H 23 -7.45 3.87 -37.12
C CYS H 23 -7.81 2.55 -37.79
N THR H 24 -6.83 1.66 -37.91
CA THR H 24 -7.06 0.35 -38.53
C THR H 24 -6.37 -0.76 -37.76
N VAL H 25 -7.00 -1.93 -37.73
CA VAL H 25 -6.40 -3.09 -37.11
C VAL H 25 -6.36 -4.24 -38.12
N GLU H 26 -5.37 -5.11 -37.98
CA GLU H 26 -5.21 -6.24 -38.89
C GLU H 26 -4.94 -7.55 -38.15
N GLY H 27 -5.32 -8.66 -38.75
CA GLY H 27 -4.97 -9.98 -38.25
C GLY H 27 -5.96 -10.55 -37.26
N THR H 28 -7.03 -9.82 -37.03
CA THR H 28 -8.02 -10.20 -36.04
C THR H 28 -9.36 -9.65 -36.52
N SER H 29 -10.45 -10.33 -36.18
CA SER H 29 -11.77 -9.87 -36.61
C SER H 29 -12.70 -9.60 -35.43
N ASN H 30 -13.61 -8.65 -35.62
CA ASN H 30 -14.55 -8.25 -34.58
C ASN H 30 -13.90 -7.94 -33.22
N PRO H 31 -12.85 -7.11 -33.22
CA PRO H 31 -12.15 -6.74 -31.99
C PRO H 31 -12.86 -5.61 -31.25
N ASN H 32 -12.54 -5.43 -29.97
CA ASN H 32 -13.00 -4.25 -29.23
C ASN H 32 -12.08 -3.09 -29.55
N LEU H 33 -12.66 -1.92 -29.82
CA LEU H 33 -11.89 -0.75 -30.17
C LEU H 33 -12.08 0.35 -29.12
N TYR H 34 -11.06 1.20 -28.94
CA TYR H 34 -11.11 2.24 -27.94
C TYR H 34 -10.41 3.52 -28.42
N TRP H 35 -10.92 4.66 -27.96
CA TRP H 35 -10.21 5.92 -28.08
C TRP H 35 -9.82 6.38 -26.69
N TYR H 36 -8.52 6.54 -26.46
CA TYR H 36 -8.02 7.00 -25.18
C TYR H 36 -7.40 8.37 -25.34
N ARG H 37 -7.36 9.14 -24.27
CA ARG H 37 -6.75 10.46 -24.29
C ARG H 37 -5.70 10.62 -23.18
N GLN H 38 -4.58 11.23 -23.52
CA GLN H 38 -3.54 11.52 -22.55
C GLN H 38 -3.34 13.03 -22.49
N ALA H 39 -3.91 13.66 -21.46
CA ALA H 39 -3.64 15.07 -21.19
C ALA H 39 -2.35 15.15 -20.38
N ALA H 40 -1.55 16.17 -20.68
CA ALA H 40 -0.16 16.20 -20.21
C ALA H 40 0.56 14.99 -20.80
N GLY H 41 1.19 14.21 -19.94
CA GLY H 41 1.83 12.98 -20.35
C GLY H 41 1.74 12.02 -19.18
N ARG H 42 0.54 11.90 -18.63
CA ARG H 42 0.33 11.18 -17.37
C ARG H 42 -0.86 10.21 -17.44
N GLY H 43 -2.03 10.66 -17.04
CA GLY H 43 -3.20 9.79 -17.01
C GLY H 43 -3.83 9.53 -18.38
N LEU H 44 -4.30 8.30 -18.59
CA LEU H 44 -5.09 7.96 -19.76
C LEU H 44 -6.59 7.89 -19.45
N GLN H 45 -7.37 8.73 -20.11
CA GLN H 45 -8.82 8.72 -19.97
C GLN H 45 -9.46 8.03 -21.16
N LEU H 46 -10.29 7.02 -20.90
CA LEU H 46 -11.06 6.34 -21.92
C LEU H 46 -12.15 7.27 -22.43
N LEU H 47 -12.13 7.59 -23.72
CA LEU H 47 -13.13 8.47 -24.33
C LEU H 47 -14.28 7.67 -24.94
N PHE H 48 -13.95 6.73 -25.80
CA PHE H 48 -14.94 5.89 -26.46
C PHE H 48 -14.48 4.43 -26.47
N TYR H 49 -15.43 3.52 -26.45
CA TYR H 49 -15.13 2.11 -26.67
C TYR H 49 -16.18 1.53 -27.60
N SER H 50 -15.73 0.68 -28.53
CA SER H 50 -16.62 0.08 -29.52
C SER H 50 -16.64 -1.43 -29.40
N VAL H 51 -17.82 -1.96 -29.07
CA VAL H 51 -17.96 -3.40 -28.89
C VAL H 51 -18.05 -4.14 -30.22
N GLY H 52 -18.56 -3.45 -31.24
CA GLY H 52 -18.64 -4.03 -32.57
C GLY H 52 -19.06 -3.03 -33.64
N ILE H 53 -18.85 -3.39 -34.90
CA ILE H 53 -19.18 -2.53 -36.03
C ILE H 53 -20.49 -1.78 -35.84
N GLY H 54 -20.46 -0.47 -36.07
CA GLY H 54 -21.65 0.37 -35.91
C GLY H 54 -21.89 0.82 -34.49
N GLN H 55 -21.34 0.07 -33.53
CA GLN H 55 -21.52 0.37 -32.11
C GLN H 55 -20.46 1.31 -31.52
N ILE H 56 -20.90 2.45 -31.00
CA ILE H 56 -20.03 3.36 -30.28
C ILE H 56 -20.64 3.66 -28.92
N SER H 57 -19.81 3.63 -27.87
CA SER H 57 -20.27 3.98 -26.53
C SER H 57 -19.22 4.82 -25.81
N SER H 58 -19.66 5.58 -24.81
CA SER H 58 -18.74 6.31 -23.95
C SER H 58 -19.24 6.29 -22.51
N GLU H 59 -18.31 6.39 -21.55
CA GLU H 59 -18.68 6.38 -20.13
C GLU H 59 -19.21 7.76 -19.73
N VAL H 60 -18.42 8.79 -20.02
CA VAL H 60 -18.84 10.17 -19.81
C VAL H 60 -18.98 10.85 -21.16
N PRO H 61 -19.99 11.72 -21.30
CA PRO H 61 -20.27 12.43 -22.57
C PRO H 61 -19.05 13.13 -23.14
N GLN H 62 -18.99 13.26 -24.47
CA GLN H 62 -17.82 13.80 -25.15
C GLN H 62 -18.22 14.86 -26.18
N ASN H 63 -17.30 15.78 -26.48
CA ASN H 63 -17.50 16.74 -27.56
C ASN H 63 -16.98 16.21 -28.89
N LEU H 64 -15.85 15.52 -28.83
CA LEU H 64 -15.35 14.79 -29.99
C LEU H 64 -16.34 13.70 -30.33
N SER H 65 -16.41 13.34 -31.61
CA SER H 65 -17.35 12.32 -32.07
C SER H 65 -16.58 11.11 -32.61
N ALA H 66 -17.10 9.91 -32.36
CA ALA H 66 -16.44 8.69 -32.80
C ALA H 66 -17.35 7.80 -33.64
N SER H 67 -16.77 6.96 -34.49
CA SER H 67 -17.56 6.07 -35.33
C SER H 67 -16.78 4.85 -35.80
N ARG H 68 -17.52 3.81 -36.19
CA ARG H 68 -16.93 2.57 -36.64
C ARG H 68 -17.70 2.01 -37.83
N PRO H 69 -17.44 2.54 -39.04
CA PRO H 69 -18.17 2.17 -40.26
C PRO H 69 -17.82 0.77 -40.76
N GLN H 70 -16.70 0.22 -40.30
CA GLN H 70 -16.35 -1.13 -40.69
C GLN H 70 -15.64 -1.86 -39.56
N ASP H 71 -15.65 -3.18 -39.62
CA ASP H 71 -15.13 -3.97 -38.51
C ASP H 71 -13.79 -3.44 -38.04
N ARG H 72 -12.88 -3.28 -38.98
CA ARG H 72 -11.51 -2.88 -38.65
C ARG H 72 -11.19 -1.43 -39.00
N GLN H 73 -12.23 -0.58 -39.02
CA GLN H 73 -12.04 0.84 -39.31
C GLN H 73 -12.66 1.74 -38.25
N PHE H 74 -11.81 2.51 -37.56
CA PHE H 74 -12.22 3.32 -36.40
C PHE H 74 -11.87 4.79 -36.61
N ILE H 75 -12.74 5.68 -36.16
CA ILE H 75 -12.60 7.12 -36.44
C ILE H 75 -12.86 8.01 -35.22
N LEU H 76 -12.04 9.04 -35.06
CA LEU H 76 -12.29 10.08 -34.06
C LEU H 76 -12.37 11.41 -34.80
N SER H 77 -13.49 12.12 -34.65
CA SER H 77 -13.71 13.31 -35.47
C SER H 77 -14.38 14.49 -34.77
N SER H 78 -14.51 15.57 -35.52
CA SER H 78 -15.18 16.78 -35.07
C SER H 78 -15.46 17.66 -36.27
N LYS H 79 -16.56 18.42 -36.21
CA LYS H 79 -16.87 19.35 -37.29
C LYS H 79 -16.27 20.72 -37.04
N LYS H 80 -15.89 20.99 -35.80
CA LYS H 80 -15.22 22.24 -35.43
C LYS H 80 -14.38 22.06 -34.18
N LEU H 81 -13.07 22.23 -34.30
CA LEU H 81 -12.18 22.02 -33.17
C LEU H 81 -12.23 23.19 -32.18
N LEU H 82 -12.25 22.84 -30.90
CA LEU H 82 -12.15 23.82 -29.82
C LEU H 82 -10.70 23.77 -29.36
N LEU H 83 -10.14 24.90 -28.94
CA LEU H 83 -8.74 24.90 -28.53
C LEU H 83 -8.52 23.96 -27.35
N SER H 84 -9.62 23.50 -26.76
CA SER H 84 -9.55 22.57 -25.64
C SER H 84 -9.39 21.15 -26.15
N ASP H 85 -9.54 20.98 -27.46
CA ASP H 85 -9.43 19.66 -28.08
C ASP H 85 -7.97 19.22 -28.23
N SER H 86 -7.05 20.15 -28.05
CA SER H 86 -5.62 19.81 -28.03
C SER H 86 -5.40 18.61 -27.13
N GLY H 87 -4.45 17.75 -27.51
CA GLY H 87 -4.13 16.58 -26.70
C GLY H 87 -3.50 15.44 -27.47
N PHE H 88 -3.17 14.37 -26.75
CA PHE H 88 -2.61 13.16 -27.36
C PHE H 88 -3.68 12.06 -27.41
N TYR H 89 -4.06 11.65 -28.61
CA TYR H 89 -5.15 10.68 -28.76
C TYR H 89 -4.70 9.31 -29.24
N LEU H 90 -4.92 8.28 -28.42
CA LEU H 90 -4.50 6.94 -28.77
C LEU H 90 -5.67 6.02 -29.17
N CYS H 91 -5.49 5.34 -30.29
CA CYS H 91 -6.40 4.29 -30.71
C CYS H 91 -5.92 3.01 -30.06
N ALA H 92 -6.83 2.09 -29.78
CA ALA H 92 -6.45 0.80 -29.24
C ALA H 92 -7.46 -0.29 -29.55
N TRP H 93 -6.99 -1.54 -29.52
CA TRP H 93 -7.86 -2.66 -29.81
C TRP H 93 -7.65 -3.77 -28.79
N SER H 94 -8.64 -4.64 -28.68
CA SER H 94 -8.49 -5.82 -27.85
C SER H 94 -9.38 -6.93 -28.37
N VAL H 95 -9.04 -8.15 -27.98
CA VAL H 95 -9.89 -9.29 -28.13
C VAL H 95 -11.19 -8.97 -27.40
N SER H 96 -12.29 -9.61 -27.80
CA SER H 96 -13.57 -9.38 -27.13
C SER H 96 -13.68 -10.25 -25.88
N VAL H 97 -14.50 -9.81 -24.94
CA VAL H 97 -14.75 -10.57 -23.73
C VAL H 97 -14.92 -12.07 -24.01
N GLY H 98 -15.71 -12.39 -25.02
CA GLY H 98 -15.94 -13.79 -25.38
C GLY H 98 -14.73 -14.48 -25.98
N ALA H 99 -13.88 -13.72 -26.66
CA ALA H 99 -12.76 -14.29 -27.40
C ALA H 99 -11.56 -14.58 -26.51
N GLY H 100 -11.53 -13.96 -25.33
CA GLY H 100 -10.43 -14.17 -24.41
C GLY H 100 -10.38 -13.11 -23.34
N VAL H 101 -9.34 -13.15 -22.51
CA VAL H 101 -9.09 -12.12 -21.51
C VAL H 101 -8.59 -10.88 -22.20
N PRO H 102 -9.40 -9.81 -22.23
CA PRO H 102 -9.04 -8.59 -22.96
C PRO H 102 -7.73 -7.96 -22.49
N THR H 103 -6.79 -7.80 -23.41
CA THR H 103 -5.56 -7.05 -23.15
C THR H 103 -5.43 -5.95 -24.17
N ILE H 104 -5.66 -4.71 -23.75
CA ILE H 104 -5.66 -3.59 -24.66
C ILE H 104 -4.27 -3.31 -25.25
N TYR H 105 -4.21 -3.17 -26.57
CA TYR H 105 -2.97 -2.85 -27.27
C TYR H 105 -3.16 -1.55 -28.04
N PHE H 106 -2.20 -0.64 -27.92
CA PHE H 106 -2.33 0.69 -28.51
C PHE H 106 -1.65 0.87 -29.87
N GLY H 107 -2.18 1.82 -30.64
CA GLY H 107 -1.51 2.32 -31.83
C GLY H 107 -0.53 3.40 -31.43
N GLU H 108 0.04 4.10 -32.40
CA GLU H 108 1.15 5.01 -32.11
C GLU H 108 0.69 6.28 -31.40
N GLY H 109 -0.56 6.67 -31.59
CA GLY H 109 -1.07 7.89 -31.01
C GLY H 109 -0.98 9.04 -31.98
N SER H 110 -1.72 10.10 -31.68
CA SER H 110 -1.75 11.28 -32.53
C SER H 110 -1.67 12.55 -31.68
N TRP H 111 -0.64 13.35 -31.90
CA TRP H 111 -0.55 14.67 -31.28
C TRP H 111 -1.38 15.70 -32.00
N LEU H 112 -2.41 16.21 -31.34
CA LEU H 112 -3.23 17.24 -31.94
C LEU H 112 -3.06 18.56 -31.18
N THR H 113 -2.42 19.51 -31.83
CA THR H 113 -2.31 20.85 -31.26
C THR H 113 -3.24 21.81 -32.01
N VAL H 114 -4.32 22.20 -31.34
CA VAL H 114 -5.21 23.21 -31.88
C VAL H 114 -4.64 24.56 -31.50
N VAL H 115 -4.37 25.38 -32.50
CA VAL H 115 -3.74 26.67 -32.25
C VAL H 115 -4.69 27.84 -32.51
N GLU H 116 -4.73 28.77 -31.55
CA GLU H 116 -5.64 29.90 -31.56
C GLU H 116 -5.27 30.95 -32.60
N ASP H 117 -3.98 31.28 -32.68
CA ASP H 117 -3.50 32.32 -33.58
C ASP H 117 -2.45 31.75 -34.53
N LEU H 118 -2.80 31.58 -35.80
CA LEU H 118 -1.89 30.99 -36.77
C LEU H 118 -0.68 31.90 -37.09
N ASN H 119 -0.74 33.14 -36.64
CA ASN H 119 0.38 34.06 -36.83
C ASN H 119 1.52 33.74 -35.88
N LYS H 120 1.26 32.83 -34.94
CA LYS H 120 2.25 32.41 -33.95
C LYS H 120 3.08 31.25 -34.46
N VAL H 121 2.70 30.70 -35.61
CA VAL H 121 3.33 29.49 -36.14
C VAL H 121 4.61 29.78 -36.92
N PHE H 122 5.70 29.10 -36.54
CA PHE H 122 7.01 29.33 -37.15
C PHE H 122 7.74 28.03 -37.45
N PRO H 123 8.17 27.85 -38.71
CA PRO H 123 8.99 26.69 -39.05
C PRO H 123 10.31 26.83 -38.32
N PRO H 124 11.07 25.75 -38.16
CA PRO H 124 12.35 25.88 -37.48
C PRO H 124 13.43 26.37 -38.43
N GLU H 125 14.55 26.81 -37.87
CA GLU H 125 15.78 26.96 -38.64
C GLU H 125 16.73 25.92 -38.12
N VAL H 126 17.47 25.28 -39.03
CA VAL H 126 18.33 24.18 -38.67
C VAL H 126 19.78 24.50 -39.03
N ALA H 127 20.70 24.21 -38.13
CA ALA H 127 22.11 24.41 -38.39
C ALA H 127 22.93 23.25 -37.83
N VAL H 128 23.94 22.82 -38.59
CA VAL H 128 24.83 21.77 -38.11
C VAL H 128 26.18 22.35 -37.71
N PHE H 129 26.69 21.91 -36.57
CA PHE H 129 27.98 22.41 -36.09
C PHE H 129 29.04 21.31 -36.12
N GLU H 130 30.08 21.53 -36.91
CA GLU H 130 31.10 20.52 -37.13
C GLU H 130 31.95 20.27 -35.89
N PRO H 131 32.51 19.06 -35.77
CA PRO H 131 33.36 18.64 -34.65
C PRO H 131 34.57 19.56 -34.49
N SER H 132 35.02 19.72 -33.24
CA SER H 132 36.20 20.53 -32.97
C SER H 132 37.45 19.67 -33.09
N GLU H 133 38.58 20.30 -33.42
CA GLU H 133 39.85 19.58 -33.52
C GLU H 133 40.37 19.18 -32.15
N ALA H 134 40.03 19.98 -31.14
CA ALA H 134 40.42 19.65 -29.77
C ALA H 134 39.87 18.28 -29.38
N GLU H 135 38.56 18.09 -29.57
CA GLU H 135 37.93 16.80 -29.30
C GLU H 135 38.66 15.70 -30.04
N ILE H 136 38.77 15.85 -31.35
CA ILE H 136 39.43 14.85 -32.19
C ILE H 136 40.79 14.46 -31.62
N SER H 137 41.57 15.44 -31.17
CA SER H 137 42.90 15.19 -30.62
C SER H 137 42.85 14.52 -29.25
N HIS H 138 41.90 14.94 -28.44
CA HIS H 138 41.82 14.52 -27.05
C HIS H 138 41.17 13.13 -26.90
N THR H 139 40.23 12.81 -27.79
CA THR H 139 39.41 11.61 -27.65
C THR H 139 39.41 10.68 -28.85
N GLN H 140 39.84 11.19 -30.01
CA GLN H 140 39.81 10.42 -31.26
C GLN H 140 38.37 10.17 -31.73
N LYS H 141 37.45 11.02 -31.26
CA LYS H 141 36.04 10.95 -31.66
C LYS H 141 35.59 12.32 -32.12
N ALA H 142 34.46 12.37 -32.81
CA ALA H 142 33.97 13.63 -33.39
C ALA H 142 32.46 13.81 -33.20
N THR H 143 32.10 14.85 -32.45
CA THR H 143 30.70 15.12 -32.16
C THR H 143 30.15 16.27 -33.00
N LEU H 144 29.12 15.99 -33.79
CA LEU H 144 28.39 17.04 -34.47
C LEU H 144 27.21 17.47 -33.60
N VAL H 145 26.77 18.71 -33.76
CA VAL H 145 25.61 19.19 -33.03
C VAL H 145 24.60 19.78 -34.00
N CYS H 146 23.32 19.43 -33.81
CA CYS H 146 22.25 20.01 -34.61
C CYS H 146 21.39 20.92 -33.75
N LEU H 147 20.94 22.02 -34.35
CA LEU H 147 20.25 23.06 -33.63
C LEU H 147 19.03 23.52 -34.43
N ALA H 148 17.84 23.21 -33.91
CA ALA H 148 16.60 23.70 -34.50
C ALA H 148 16.08 24.82 -33.61
N THR H 149 15.77 25.96 -34.22
CA THR H 149 15.49 27.17 -33.46
C THR H 149 14.23 27.89 -33.94
N GLY H 150 13.59 28.60 -33.01
CA GLY H 150 12.48 29.48 -33.33
C GLY H 150 11.28 28.84 -34.02
N PHE H 151 10.92 27.63 -33.61
CA PHE H 151 9.77 26.97 -34.23
C PHE H 151 8.56 26.90 -33.30
N PHE H 152 7.37 27.03 -33.89
CA PHE H 152 6.12 26.92 -33.15
C PHE H 152 5.04 26.37 -34.07
N PRO H 153 4.27 25.39 -33.60
CA PRO H 153 4.25 24.92 -32.21
C PRO H 153 5.24 23.79 -31.89
N ASP H 154 5.00 23.16 -30.75
CA ASP H 154 5.85 22.13 -30.16
C ASP H 154 6.41 21.06 -31.10
N HIS H 155 5.54 20.28 -31.73
CA HIS H 155 5.94 18.96 -32.22
C HIS H 155 6.64 18.85 -33.56
N VAL H 156 7.95 18.63 -33.51
CA VAL H 156 8.77 18.40 -34.67
C VAL H 156 9.56 17.10 -34.48
N GLU H 157 9.98 16.48 -35.58
CA GLU H 157 10.80 15.28 -35.51
C GLU H 157 12.19 15.53 -36.11
N LEU H 158 13.20 15.40 -35.27
CA LEU H 158 14.59 15.60 -35.69
C LEU H 158 15.25 14.25 -35.92
N SER H 159 15.83 14.08 -37.09
CA SER H 159 16.55 12.85 -37.41
C SER H 159 17.92 13.18 -38.02
N TRP H 160 18.87 12.29 -37.81
CA TRP H 160 20.16 12.38 -38.48
C TRP H 160 20.19 11.42 -39.67
N TRP H 161 20.84 11.84 -40.74
CA TRP H 161 20.93 11.04 -41.95
C TRP H 161 22.34 11.05 -42.46
N VAL H 162 23.01 9.91 -42.37
CA VAL H 162 24.39 9.79 -42.79
C VAL H 162 24.51 8.99 -44.06
N ASN H 163 25.10 9.60 -45.09
CA ASN H 163 25.24 8.95 -46.38
C ASN H 163 23.91 8.42 -46.93
N GLY H 164 22.82 9.11 -46.59
CA GLY H 164 21.52 8.77 -47.15
C GLY H 164 20.69 7.82 -46.30
N LYS H 165 21.30 7.31 -45.22
CA LYS H 165 20.59 6.41 -44.33
C LYS H 165 20.39 7.08 -42.97
N GLU H 166 19.19 6.96 -42.41
CA GLU H 166 18.94 7.48 -41.07
C GLU H 166 19.85 6.76 -40.09
N VAL H 167 20.25 7.44 -39.02
CA VAL H 167 21.13 6.84 -38.03
C VAL H 167 20.55 6.99 -36.63
N HIS H 168 20.83 6.00 -35.77
CA HIS H 168 20.36 6.06 -34.39
C HIS H 168 21.51 5.85 -33.42
N SER H 169 22.45 5.00 -33.81
CA SER H 169 23.63 4.74 -32.99
C SER H 169 24.53 5.97 -32.92
N GLY H 170 24.88 6.35 -31.70
CA GLY H 170 25.74 7.49 -31.47
C GLY H 170 24.99 8.81 -31.40
N VAL H 171 23.67 8.74 -31.35
CA VAL H 171 22.85 9.94 -31.35
C VAL H 171 22.07 10.13 -30.05
N CYS H 172 21.88 11.39 -29.67
CA CYS H 172 21.05 11.72 -28.53
C CYS H 172 20.41 13.08 -28.77
N THR H 173 19.09 13.13 -28.61
CA THR H 173 18.33 14.35 -28.84
C THR H 173 17.59 14.69 -27.56
N ASP H 174 17.56 15.97 -27.22
CA ASP H 174 16.87 16.42 -26.02
C ASP H 174 15.49 15.78 -25.91
N PRO H 175 15.17 15.25 -24.72
CA PRO H 175 13.87 14.64 -24.43
C PRO H 175 12.71 15.49 -24.96
N GLN H 176 12.84 16.81 -24.87
CA GLN H 176 11.84 17.71 -25.43
C GLN H 176 12.42 19.09 -25.70
N PRO H 177 11.74 19.89 -26.53
CA PRO H 177 12.22 21.24 -26.88
C PRO H 177 12.16 22.19 -25.69
N LEU H 178 13.10 23.12 -25.62
CA LEU H 178 13.09 24.16 -24.59
C LEU H 178 12.46 25.43 -25.15
N LYS H 179 11.89 26.26 -24.26
CA LYS H 179 11.31 27.54 -24.66
C LYS H 179 12.41 28.60 -24.80
N GLU H 180 12.44 29.28 -25.95
CA GLU H 180 13.43 30.32 -26.17
C GLU H 180 13.18 31.52 -25.25
N GLN H 181 11.92 31.76 -24.92
CA GLN H 181 11.54 32.81 -23.97
C GLN H 181 10.46 32.32 -23.00
N PRO H 182 10.88 31.59 -21.96
CA PRO H 182 10.00 30.89 -21.01
C PRO H 182 8.91 31.78 -20.44
N ALA H 183 9.16 33.09 -20.45
CA ALA H 183 8.15 34.06 -20.02
C ALA H 183 6.93 34.00 -20.94
N LEU H 184 7.13 34.40 -22.18
CA LEU H 184 6.09 34.44 -23.20
C LEU H 184 5.22 33.17 -23.19
N ASN H 185 3.94 33.31 -23.50
CA ASN H 185 3.00 32.18 -23.42
C ASN H 185 2.89 31.42 -24.75
N ASP H 186 3.61 31.89 -25.76
CA ASP H 186 3.66 31.25 -27.06
C ASP H 186 5.09 31.29 -27.54
N SER H 187 6.01 31.07 -26.61
CA SER H 187 7.43 31.09 -26.93
C SER H 187 7.71 30.13 -28.08
N ARG H 188 8.56 30.56 -29.02
CA ARG H 188 9.06 29.66 -30.04
C ARG H 188 10.00 28.69 -29.34
N TYR H 189 10.16 27.49 -29.91
CA TYR H 189 10.96 26.46 -29.27
C TYR H 189 12.32 26.25 -29.93
N ALA H 190 13.21 25.60 -29.20
CA ALA H 190 14.51 25.19 -29.75
C ALA H 190 14.79 23.75 -29.34
N LEU H 191 15.62 23.08 -30.13
CA LEU H 191 15.95 21.68 -29.89
C LEU H 191 17.38 21.40 -30.35
N SER H 192 18.13 20.65 -29.56
CA SER H 192 19.48 20.30 -29.96
C SER H 192 19.68 18.79 -29.97
N SER H 193 20.60 18.34 -30.81
CA SER H 193 20.91 16.92 -30.90
C SER H 193 22.40 16.70 -31.21
N ARG H 194 22.93 15.57 -30.76
CA ARG H 194 24.32 15.22 -31.01
C ARG H 194 24.45 13.94 -31.83
N LEU H 195 25.43 13.95 -32.73
CA LEU H 195 25.84 12.72 -33.42
C LEU H 195 27.34 12.58 -33.22
N ARG H 196 27.75 11.48 -32.61
CA ARG H 196 29.17 11.25 -32.40
C ARG H 196 29.64 10.10 -33.26
N VAL H 197 30.72 10.34 -34.01
CA VAL H 197 31.37 9.28 -34.78
C VAL H 197 32.85 9.27 -34.45
N SER H 198 33.58 8.31 -35.01
CA SER H 198 35.02 8.24 -34.81
C SER H 198 35.71 9.32 -35.66
N ALA H 199 36.92 9.68 -35.26
CA ALA H 199 37.66 10.72 -35.98
C ALA H 199 37.82 10.34 -37.44
N THR H 200 38.28 9.12 -37.67
CA THR H 200 38.52 8.61 -39.01
C THR H 200 37.28 8.74 -39.87
N PHE H 201 36.11 8.49 -39.29
CA PHE H 201 34.86 8.61 -40.04
C PHE H 201 34.65 10.06 -40.50
N TRP H 202 34.68 10.99 -39.54
CA TRP H 202 34.52 12.41 -39.85
C TRP H 202 35.59 12.90 -40.83
N GLN H 203 36.77 12.31 -40.76
CA GLN H 203 37.89 12.74 -41.59
C GLN H 203 37.82 12.24 -43.04
N ASN H 204 36.81 11.41 -43.33
CA ASN H 204 36.58 10.93 -44.68
C ASN H 204 35.69 11.90 -45.46
N PRO H 205 36.26 12.52 -46.51
CA PRO H 205 35.47 13.50 -47.27
C PRO H 205 34.40 12.82 -48.12
N ARG H 206 34.30 11.50 -48.06
CA ARG H 206 33.26 10.80 -48.80
C ARG H 206 32.01 10.62 -47.95
N ASN H 207 32.06 11.15 -46.73
CA ASN H 207 30.99 11.03 -45.77
C ASN H 207 30.13 12.29 -45.65
N HIS H 208 28.85 12.13 -45.93
CA HIS H 208 27.91 13.24 -45.93
C HIS H 208 26.96 13.15 -44.74
N PHE H 209 26.98 14.19 -43.91
CA PHE H 209 26.16 14.26 -42.72
C PHE H 209 25.03 15.26 -42.90
N ARG H 210 23.81 14.84 -42.60
CA ARG H 210 22.68 15.73 -42.72
C ARG H 210 21.75 15.63 -41.51
N CYS H 211 21.31 16.77 -41.02
CA CYS H 211 20.33 16.84 -39.96
C CYS H 211 19.00 17.31 -40.54
N GLN H 212 17.94 16.55 -40.28
CA GLN H 212 16.63 16.85 -40.85
C GLN H 212 15.61 17.05 -39.75
N VAL H 213 14.74 18.04 -39.95
CA VAL H 213 13.69 18.34 -38.99
C VAL H 213 12.35 18.46 -39.69
N GLN H 214 11.47 17.48 -39.46
CA GLN H 214 10.12 17.54 -39.97
C GLN H 214 9.33 18.52 -39.11
N PHE H 215 8.63 19.44 -39.76
CA PHE H 215 7.83 20.44 -39.06
C PHE H 215 6.37 20.32 -39.45
N TYR H 216 5.49 20.41 -38.46
CA TYR H 216 4.06 20.38 -38.74
C TYR H 216 3.46 21.76 -38.45
N GLY H 217 2.82 22.33 -39.46
CA GLY H 217 2.22 23.65 -39.36
C GLY H 217 0.96 23.73 -40.20
N LEU H 218 0.82 24.82 -40.96
CA LEU H 218 -0.38 25.04 -41.76
C LEU H 218 -0.40 24.17 -43.01
N SER H 219 -1.59 24.03 -43.58
CA SER H 219 -1.75 23.32 -44.84
C SER H 219 -1.74 24.32 -45.98
N GLU H 220 -1.71 23.80 -47.20
CA GLU H 220 -1.76 24.65 -48.39
C GLU H 220 -3.09 25.36 -48.42
N ASN H 221 -4.08 24.73 -47.79
CA ASN H 221 -5.43 25.25 -47.81
C ASN H 221 -5.72 26.28 -46.72
N ASP H 222 -4.97 26.22 -45.61
CA ASP H 222 -5.13 27.23 -44.56
C ASP H 222 -4.87 28.59 -45.17
N GLU H 223 -5.68 29.58 -44.80
CA GLU H 223 -5.50 30.92 -45.36
C GLU H 223 -4.36 31.65 -44.66
N TRP H 224 -3.67 32.52 -45.40
CA TRP H 224 -2.51 33.24 -44.87
C TRP H 224 -2.38 34.61 -45.55
N THR H 225 -2.20 35.64 -44.73
CA THR H 225 -2.20 37.02 -45.25
C THR H 225 -0.96 37.82 -44.85
N GLN H 226 -0.14 37.25 -43.98
CA GLN H 226 1.08 37.92 -43.52
C GLN H 226 2.13 38.05 -44.61
N ASP H 227 3.12 38.89 -44.37
CA ASP H 227 4.19 39.11 -45.34
C ASP H 227 5.09 37.89 -45.48
N ARG H 228 5.65 37.43 -44.36
CA ARG H 228 6.58 36.30 -44.36
C ARG H 228 5.98 35.05 -44.99
N ALA H 229 6.84 34.15 -45.46
CA ALA H 229 6.38 32.93 -46.10
C ALA H 229 5.46 32.10 -45.18
N LYS H 230 4.46 31.47 -45.79
CA LYS H 230 3.48 30.66 -45.08
C LYS H 230 4.15 29.51 -44.32
N PRO H 231 3.86 29.39 -43.01
CA PRO H 231 4.45 28.38 -42.12
C PRO H 231 3.83 26.99 -42.30
N VAL H 232 3.81 26.51 -43.53
CA VAL H 232 3.24 25.21 -43.85
C VAL H 232 4.08 24.05 -43.29
N THR H 233 3.45 22.88 -43.19
CA THR H 233 4.18 21.66 -42.86
C THR H 233 5.29 21.49 -43.88
N GLN H 234 6.49 21.16 -43.41
CA GLN H 234 7.66 21.13 -44.29
C GLN H 234 8.83 20.49 -43.58
N ILE H 235 9.93 20.31 -44.33
CA ILE H 235 11.16 19.78 -43.77
C ILE H 235 12.30 20.76 -43.94
N VAL H 236 13.08 20.95 -42.88
CA VAL H 236 14.24 21.83 -42.95
C VAL H 236 15.51 21.04 -42.62
N SER H 237 16.53 21.18 -43.45
CA SER H 237 17.75 20.40 -43.32
C SER H 237 18.99 21.29 -43.35
N ALA H 238 20.05 20.79 -42.73
CA ALA H 238 21.34 21.45 -42.75
C ALA H 238 22.38 20.34 -42.79
N GLU H 239 23.48 20.56 -43.49
CA GLU H 239 24.41 19.47 -43.72
C GLU H 239 25.89 19.84 -43.63
N ALA H 240 26.72 18.79 -43.65
CA ALA H 240 28.16 18.95 -43.58
C ALA H 240 28.83 17.72 -44.18
N TRP H 241 30.03 17.91 -44.70
CA TRP H 241 30.81 16.80 -45.25
C TRP H 241 32.00 16.53 -44.33
N GLY H 242 32.47 15.29 -44.34
CA GLY H 242 33.70 14.98 -43.64
C GLY H 242 34.86 15.76 -44.23
N ARG H 243 35.96 15.86 -43.48
CA ARG H 243 37.13 16.56 -43.97
C ARG H 243 38.37 16.22 -43.15
N ALA H 244 39.53 16.30 -43.79
CA ALA H 244 40.78 15.85 -43.19
C ALA H 244 41.58 17.00 -42.62
N ASP H 245 41.89 17.97 -43.48
CA ASP H 245 42.79 19.07 -43.12
C ASP H 245 44.18 18.55 -42.79
N GLN I 1 9.53 9.17 -0.35
CA GLN I 1 9.71 7.72 -0.39
C GLN I 1 9.65 7.14 1.02
N LYS I 2 10.28 7.83 1.97
CA LYS I 2 10.28 7.38 3.36
C LYS I 2 8.85 7.29 3.88
N VAL I 3 8.09 8.36 3.69
CA VAL I 3 6.67 8.38 4.01
C VAL I 3 5.90 8.83 2.78
N THR I 4 4.82 8.12 2.47
CA THR I 4 4.10 8.41 1.23
C THR I 4 2.61 8.66 1.43
N GLN I 5 2.20 9.90 1.19
CA GLN I 5 0.79 10.27 1.18
C GLN I 5 0.38 10.58 -0.27
N ALA I 6 -0.18 9.56 -0.94
CA ALA I 6 -0.54 9.68 -2.36
C ALA I 6 -1.59 10.76 -2.62
N GLN I 7 -2.59 10.86 -1.74
CA GLN I 7 -3.61 11.89 -1.86
C GLN I 7 -3.05 13.27 -1.55
N SER I 8 -3.00 14.15 -2.54
CA SER I 8 -2.63 15.52 -2.29
C SER I 8 -3.86 16.26 -1.77
N SER I 9 -5.04 15.83 -2.18
CA SER I 9 -6.28 16.47 -1.78
C SER I 9 -7.46 15.50 -1.73
N VAL I 10 -8.35 15.70 -0.75
CA VAL I 10 -9.55 14.89 -0.59
C VAL I 10 -10.70 15.75 -0.08
N SER I 11 -11.91 15.49 -0.60
CA SER I 11 -13.10 16.21 -0.15
C SER I 11 -14.16 15.22 0.30
N MET I 12 -14.97 15.61 1.28
CA MET I 12 -15.97 14.72 1.85
C MET I 12 -17.04 15.52 2.59
N PRO I 13 -18.32 15.12 2.44
CA PRO I 13 -19.45 15.78 3.09
C PRO I 13 -19.39 15.74 4.61
N VAL I 14 -19.72 16.86 5.24
CA VAL I 14 -19.83 16.95 6.69
C VAL I 14 -20.65 15.77 7.23
N ARG I 15 -20.33 15.35 8.45
CA ARG I 15 -21.02 14.25 9.12
C ARG I 15 -20.64 12.86 8.59
N LYS I 16 -19.92 12.83 7.46
CA LYS I 16 -19.43 11.58 6.92
C LYS I 16 -18.06 11.27 7.49
N ALA I 17 -17.47 10.16 7.04
CA ALA I 17 -16.14 9.80 7.49
C ALA I 17 -15.18 9.75 6.31
N VAL I 18 -13.94 10.17 6.54
CA VAL I 18 -12.93 10.09 5.50
C VAL I 18 -11.74 9.25 5.99
N THR I 19 -10.99 8.70 5.04
CA THR I 19 -9.79 7.97 5.35
C THR I 19 -8.60 8.58 4.60
N LEU I 20 -7.61 9.03 5.36
CA LEU I 20 -6.39 9.58 4.80
C LEU I 20 -5.30 8.51 4.77
N ASN I 21 -4.78 8.24 3.58
CA ASN I 21 -3.85 7.13 3.39
C ASN I 21 -2.41 7.48 3.72
N CYS I 22 -1.66 6.48 4.19
CA CYS I 22 -0.24 6.64 4.47
C CYS I 22 0.49 5.32 4.27
N LEU I 23 1.58 5.36 3.51
CA LEU I 23 2.47 4.23 3.36
C LEU I 23 3.88 4.68 3.76
N TYR I 24 4.67 3.76 4.33
CA TYR I 24 6.03 4.12 4.76
C TYR I 24 7.07 3.08 4.42
N GLU I 25 8.33 3.50 4.44
CA GLU I 25 9.46 2.62 4.17
C GLU I 25 10.43 2.66 5.34
N THR I 26 10.74 1.50 5.91
CA THR I 26 11.69 1.43 7.02
C THR I 26 12.32 0.05 7.11
N SER I 27 13.58 0.02 7.55
CA SER I 27 14.26 -1.25 7.78
C SER I 27 14.33 -1.56 9.28
N TRP I 28 13.77 -0.68 10.09
CA TRP I 28 13.69 -0.91 11.53
C TRP I 28 12.58 -1.89 11.84
N TRP I 29 12.78 -2.70 12.86
CA TRP I 29 11.70 -3.57 13.32
C TRP I 29 10.86 -2.88 14.39
N SER I 30 11.39 -1.79 14.93
CA SER I 30 10.66 -1.01 15.92
C SER I 30 10.54 0.44 15.48
N TYR I 31 9.33 0.99 15.59
CA TYR I 31 9.10 2.36 15.14
C TYR I 31 7.70 2.85 15.53
N TYR I 32 7.45 4.13 15.29
CA TYR I 32 6.15 4.70 15.57
C TYR I 32 5.66 5.49 14.37
N ILE I 33 4.33 5.52 14.18
CA ILE I 33 3.73 6.42 13.21
C ILE I 33 2.97 7.49 13.96
N PHE I 34 3.10 8.74 13.51
CA PHE I 34 2.39 9.85 14.12
C PHE I 34 1.52 10.55 13.07
N TRP I 35 0.32 10.93 13.46
CA TRP I 35 -0.54 11.74 12.60
C TRP I 35 -0.67 13.17 13.15
N TYR I 36 -0.43 14.15 12.29
CA TYR I 36 -0.60 15.55 12.67
C TYR I 36 -1.66 16.24 11.83
N LYS I 37 -2.14 17.37 12.33
CA LYS I 37 -3.18 18.15 11.68
C LYS I 37 -2.68 19.59 11.61
N GLN I 38 -2.44 20.08 10.39
CA GLN I 38 -2.04 21.47 10.20
C GLN I 38 -3.24 22.35 9.90
N LEU I 39 -3.58 23.21 10.86
CA LEU I 39 -4.66 24.19 10.70
C LEU I 39 -4.31 25.19 9.62
N PRO I 40 -5.33 25.86 9.07
CA PRO I 40 -5.13 26.91 8.08
C PRO I 40 -4.22 28.02 8.62
N SER I 41 -4.22 28.20 9.93
CA SER I 41 -3.28 29.11 10.58
C SER I 41 -1.82 28.66 10.38
N LYS I 42 -1.64 27.43 9.90
CA LYS I 42 -0.32 26.84 9.69
C LYS I 42 0.23 26.16 10.95
N GLU I 43 -0.61 26.08 11.97
CA GLU I 43 -0.26 25.44 13.23
C GLU I 43 -0.35 23.91 13.14
N MET I 44 0.74 23.24 13.53
CA MET I 44 0.83 21.79 13.45
C MET I 44 0.47 21.14 14.79
N ILE I 45 -0.72 20.59 14.92
CA ILE I 45 -1.11 19.97 16.19
C ILE I 45 -1.10 18.44 16.13
N PHE I 46 -0.62 17.81 17.20
CA PHE I 46 -0.53 16.36 17.25
C PHE I 46 -1.90 15.72 17.42
N LEU I 47 -2.13 14.60 16.73
CA LEU I 47 -3.43 13.93 16.77
C LEU I 47 -3.39 12.60 17.52
N ILE I 48 -2.67 11.64 16.96
CA ILE I 48 -2.65 10.27 17.48
C ILE I 48 -1.37 9.60 17.02
N ARG I 49 -0.88 8.61 17.78
CA ARG I 49 0.27 7.85 17.31
C ARG I 49 0.07 6.33 17.39
N GLN I 50 0.81 5.61 16.55
CA GLN I 50 0.66 4.18 16.42
C GLN I 50 2.03 3.53 16.58
N GLY I 51 2.14 2.59 17.52
CA GLY I 51 3.37 1.85 17.68
C GLY I 51 3.36 0.54 16.92
N SER I 52 4.51 0.18 16.34
CA SER I 52 4.62 -1.04 15.54
C SER I 52 4.23 -2.34 16.25
N ASP I 53 4.11 -2.32 17.58
CA ASP I 53 3.73 -3.51 18.34
C ASP I 53 2.33 -3.38 18.92
N GLU I 54 1.68 -2.26 18.66
CA GLU I 54 0.43 -1.97 19.34
C GLU I 54 -0.77 -2.28 18.47
N GLN I 55 -1.91 -2.49 19.12
CA GLN I 55 -3.16 -2.67 18.40
C GLN I 55 -3.50 -1.35 17.71
N ASN I 56 -4.52 -1.36 16.86
CA ASN I 56 -4.97 -0.17 16.17
C ASN I 56 -5.26 0.98 17.11
N ALA I 57 -4.54 2.08 16.94
CA ALA I 57 -4.73 3.27 17.76
C ALA I 57 -6.12 3.88 17.53
N LYS I 58 -6.69 4.43 18.59
CA LYS I 58 -8.02 4.99 18.55
C LYS I 58 -8.11 6.09 19.58
N SER I 59 -8.54 7.28 19.15
CA SER I 59 -8.57 8.44 20.02
C SER I 59 -9.62 9.41 19.55
N GLY I 60 -10.77 9.38 20.22
CA GLY I 60 -11.90 10.19 19.82
C GLY I 60 -12.35 9.78 18.44
N ARG I 61 -12.55 10.76 17.57
CA ARG I 61 -13.03 10.49 16.22
C ARG I 61 -11.92 9.97 15.32
N TYR I 62 -10.70 10.02 15.84
CA TYR I 62 -9.55 9.51 15.09
C TYR I 62 -9.35 8.03 15.35
N SER I 63 -9.07 7.28 14.30
CA SER I 63 -8.66 5.89 14.41
C SER I 63 -7.60 5.57 13.36
N VAL I 64 -6.69 4.65 13.68
CA VAL I 64 -5.68 4.23 12.72
C VAL I 64 -5.90 2.77 12.33
N ASN I 65 -5.83 2.47 11.04
CA ASN I 65 -5.93 1.08 10.58
C ASN I 65 -4.55 0.54 10.27
N PHE I 66 -3.87 0.05 11.30
CA PHE I 66 -2.48 -0.38 11.17
C PHE I 66 -2.39 -1.71 10.45
N LYS I 67 -1.83 -1.68 9.24
CA LYS I 67 -1.60 -2.89 8.46
C LYS I 67 -0.10 -3.06 8.29
N LYS I 68 0.50 -3.75 9.25
CA LYS I 68 1.94 -3.79 9.43
C LYS I 68 2.69 -4.46 8.28
N ALA I 69 2.20 -5.61 7.84
CA ALA I 69 2.83 -6.29 6.72
C ALA I 69 2.87 -5.39 5.50
N ALA I 70 1.75 -4.74 5.19
CA ALA I 70 1.68 -3.84 4.04
C ALA I 70 2.44 -2.54 4.31
N LYS I 71 2.75 -2.29 5.58
CA LYS I 71 3.30 -1.01 6.01
C LYS I 71 2.37 0.11 5.57
N SER I 72 1.11 -0.03 5.96
CA SER I 72 0.08 0.95 5.67
C SER I 72 -0.58 1.35 6.99
N VAL I 73 -0.68 2.65 7.22
CA VAL I 73 -1.13 3.16 8.51
C VAL I 73 -2.09 4.35 8.30
N ALA I 74 -3.23 4.06 7.68
CA ALA I 74 -4.18 5.10 7.31
C ALA I 74 -4.93 5.67 8.51
N LEU I 75 -5.17 6.98 8.47
CA LEU I 75 -5.97 7.66 9.49
C LEU I 75 -7.44 7.78 9.05
N THR I 76 -8.37 7.52 9.96
CA THR I 76 -9.77 7.70 9.66
C THR I 76 -10.42 8.67 10.64
N ILE I 77 -11.02 9.74 10.11
CA ILE I 77 -11.79 10.66 10.93
C ILE I 77 -13.27 10.36 10.69
N SER I 78 -14.02 10.13 11.76
CA SER I 78 -15.44 9.82 11.63
C SER I 78 -16.27 11.01 12.10
N ALA I 79 -17.55 11.03 11.70
CA ALA I 79 -18.44 12.15 12.02
C ALA I 79 -17.83 13.52 11.73
N LEU I 80 -17.33 13.67 10.51
CA LEU I 80 -16.65 14.90 10.12
C LEU I 80 -17.33 16.17 10.64
N GLN I 81 -16.52 17.14 11.03
CA GLN I 81 -17.00 18.47 11.36
C GLN I 81 -16.34 19.43 10.40
N LEU I 82 -16.94 20.60 10.26
CA LEU I 82 -16.45 21.58 9.30
C LEU I 82 -15.02 22.01 9.65
N GLU I 83 -14.74 22.18 10.94
CA GLU I 83 -13.42 22.59 11.37
C GLU I 83 -12.36 21.49 11.25
N ASP I 84 -12.80 20.29 10.83
CA ASP I 84 -11.87 19.22 10.50
C ASP I 84 -11.04 19.59 9.26
N SER I 85 -11.48 20.61 8.53
CA SER I 85 -10.80 21.00 7.31
C SER I 85 -9.40 21.50 7.62
N ALA I 86 -8.41 20.78 7.14
CA ALA I 86 -7.02 21.10 7.42
C ALA I 86 -6.14 20.23 6.55
N LYS I 87 -4.84 20.44 6.62
CA LYS I 87 -3.89 19.57 5.95
C LYS I 87 -3.32 18.55 6.95
N TYR I 88 -3.50 17.26 6.67
CA TYR I 88 -3.12 16.20 7.58
C TYR I 88 -1.79 15.53 7.20
N PHE I 89 -0.88 15.41 8.15
CA PHE I 89 0.47 14.88 7.89
C PHE I 89 0.79 13.57 8.60
N CYS I 90 1.41 12.65 7.88
CA CYS I 90 1.79 11.37 8.42
C CYS I 90 3.31 11.34 8.64
N ALA I 91 3.74 10.84 9.79
CA ALA I 91 5.16 10.86 10.13
C ALA I 91 5.66 9.54 10.70
N LEU I 92 6.90 9.22 10.38
CA LEU I 92 7.55 7.98 10.81
C LEU I 92 8.69 8.30 11.78
N GLY I 93 8.70 7.58 12.92
CA GLY I 93 9.74 7.78 13.91
C GLY I 93 10.60 6.54 14.14
N GLU I 94 11.90 6.69 13.94
CA GLU I 94 12.85 5.60 14.15
C GLU I 94 13.95 6.03 15.12
N LEU I 95 14.35 5.14 16.02
CA LEU I 95 15.47 5.44 16.90
C LEU I 95 16.74 5.57 16.05
N ALA I 96 17.43 6.69 16.16
CA ALA I 96 18.67 6.89 15.40
C ALA I 96 19.69 5.80 15.72
N ARG I 97 20.58 5.51 14.77
CA ARG I 97 21.62 4.51 14.97
C ARG I 97 22.67 4.99 15.97
N SER I 98 22.58 6.27 16.33
CA SER I 98 23.45 6.84 17.35
C SER I 98 22.86 6.58 18.74
N GLY I 99 21.56 6.25 18.77
CA GLY I 99 20.85 6.05 20.02
C GLY I 99 20.51 7.37 20.68
N GLY I 100 20.94 8.47 20.07
CA GLY I 100 20.82 9.79 20.67
C GLY I 100 19.43 10.41 20.63
N TYR I 101 18.62 10.04 19.65
CA TYR I 101 17.31 10.65 19.51
C TYR I 101 16.41 9.90 18.55
N GLN I 102 15.13 10.27 18.57
CA GLN I 102 14.19 9.73 17.60
C GLN I 102 14.13 10.60 16.36
N LYS I 103 14.52 10.00 15.24
CA LYS I 103 14.48 10.65 13.94
C LYS I 103 13.07 10.49 13.37
N VAL I 104 12.39 11.61 13.17
CA VAL I 104 11.03 11.58 12.64
C VAL I 104 10.97 12.18 11.24
N THR I 105 10.36 11.44 10.32
CA THR I 105 10.24 11.89 8.94
C THR I 105 8.78 12.13 8.56
N PHE I 106 8.53 13.24 7.88
CA PHE I 106 7.18 13.64 7.53
C PHE I 106 6.84 13.37 6.06
N GLY I 107 5.63 12.90 5.82
CA GLY I 107 5.07 12.83 4.47
C GLY I 107 4.69 14.22 4.00
N THR I 108 4.27 14.33 2.74
CA THR I 108 4.02 15.62 2.13
C THR I 108 2.63 16.19 2.41
N GLY I 109 1.79 15.40 3.09
CA GLY I 109 0.49 15.87 3.52
C GLY I 109 -0.65 15.75 2.52
N THR I 110 -1.86 15.59 3.05
CA THR I 110 -3.08 15.53 2.28
C THR I 110 -4.03 16.58 2.85
N LYS I 111 -4.56 17.47 2.02
CA LYS I 111 -5.50 18.47 2.54
C LYS I 111 -6.95 18.01 2.45
N LEU I 112 -7.60 17.99 3.60
CA LEU I 112 -9.00 17.57 3.71
C LEU I 112 -9.94 18.76 3.64
N GLN I 113 -10.82 18.74 2.65
CA GLN I 113 -11.89 19.71 2.56
C GLN I 113 -13.19 19.01 2.92
N VAL I 114 -13.79 19.37 4.05
CA VAL I 114 -15.13 18.87 4.35
C VAL I 114 -16.17 19.83 3.79
N ILE I 115 -17.14 19.26 3.09
CA ILE I 115 -18.13 20.04 2.35
C ILE I 115 -19.38 20.28 3.19
N PRO I 116 -19.78 21.55 3.33
CA PRO I 116 -20.95 21.92 4.13
C PRO I 116 -22.20 21.34 3.50
N ASN I 117 -23.16 20.92 4.32
CA ASN I 117 -24.44 20.48 3.80
C ASN I 117 -25.49 21.60 3.90
N ILE I 118 -25.71 22.30 2.81
CA ILE I 118 -26.67 23.40 2.81
C ILE I 118 -28.10 22.91 2.57
N GLN I 119 -28.91 22.93 3.62
CA GLN I 119 -30.26 22.38 3.55
C GLN I 119 -31.32 23.40 3.13
N ASN I 120 -31.01 24.68 3.31
CA ASN I 120 -31.95 25.74 2.97
C ASN I 120 -31.37 26.76 1.98
N PRO I 121 -30.97 26.29 0.79
CA PRO I 121 -30.34 27.17 -0.20
C PRO I 121 -31.25 28.32 -0.57
N ASP I 122 -30.65 29.48 -0.85
CA ASP I 122 -31.37 30.64 -1.33
C ASP I 122 -30.43 31.46 -2.21
N PRO I 123 -29.88 30.83 -3.26
CA PRO I 123 -28.86 31.46 -4.10
C PRO I 123 -29.28 32.84 -4.60
N ALA I 124 -28.40 33.81 -4.44
CA ALA I 124 -28.68 35.19 -4.82
C ALA I 124 -27.40 35.95 -5.08
N VAL I 125 -27.51 37.02 -5.86
CA VAL I 125 -26.38 37.91 -6.09
C VAL I 125 -26.76 39.30 -5.63
N TYR I 126 -26.01 39.83 -4.67
CA TYR I 126 -26.34 41.12 -4.12
C TYR I 126 -25.21 42.10 -4.42
N GLN I 127 -25.53 43.38 -4.31
CA GLN I 127 -24.55 44.42 -4.49
C GLN I 127 -24.36 45.18 -3.19
N LEU I 128 -23.11 45.37 -2.79
CA LEU I 128 -22.79 46.01 -1.54
C LEU I 128 -21.95 47.25 -1.82
N ARG I 129 -22.35 48.38 -1.27
CA ARG I 129 -21.66 49.62 -1.51
C ARG I 129 -20.67 49.94 -0.39
N ASP I 130 -19.57 50.60 -0.76
CA ASP I 130 -18.54 50.99 0.19
C ASP I 130 -19.15 51.86 1.29
N SER I 131 -18.80 51.56 2.54
CA SER I 131 -19.28 52.32 3.68
C SER I 131 -18.79 53.78 3.63
N LYS I 132 -17.73 54.00 2.86
CA LYS I 132 -17.13 55.32 2.72
C LYS I 132 -17.51 55.98 1.40
N SER I 133 -17.49 55.22 0.31
CA SER I 133 -17.77 55.76 -1.01
C SER I 133 -18.85 54.97 -1.72
N SER I 134 -20.06 55.53 -1.74
CA SER I 134 -21.24 54.86 -2.31
C SER I 134 -21.06 54.34 -3.74
N ASP I 135 -20.32 55.06 -4.57
CA ASP I 135 -20.08 54.62 -5.94
C ASP I 135 -19.32 53.31 -6.02
N LYS I 136 -18.29 53.18 -5.19
CA LYS I 136 -17.52 51.94 -5.13
C LYS I 136 -18.40 50.80 -4.58
N SER I 137 -18.41 49.68 -5.28
CA SER I 137 -19.26 48.55 -4.88
C SER I 137 -18.65 47.19 -5.20
N VAL I 138 -19.25 46.14 -4.64
CA VAL I 138 -18.74 44.79 -4.77
C VAL I 138 -19.94 43.85 -4.90
N CYS I 139 -19.75 42.74 -5.58
CA CYS I 139 -20.84 41.80 -5.80
C CYS I 139 -20.70 40.56 -4.93
N LEU I 140 -21.79 40.15 -4.30
CA LEU I 140 -21.76 38.98 -3.42
C LEU I 140 -22.69 37.88 -3.91
N PHE I 141 -22.10 36.76 -4.32
CA PHE I 141 -22.88 35.59 -4.70
C PHE I 141 -22.93 34.65 -3.50
N THR I 142 -24.12 34.43 -2.95
CA THR I 142 -24.23 33.74 -1.67
C THR I 142 -25.48 32.85 -1.55
N ASP I 143 -25.45 31.96 -0.57
CA ASP I 143 -26.61 31.16 -0.19
C ASP I 143 -26.90 29.99 -1.14
N PHE I 144 -25.96 29.71 -2.03
CA PHE I 144 -26.04 28.51 -2.86
C PHE I 144 -25.55 27.31 -2.08
N ASP I 145 -26.07 26.12 -2.39
CA ASP I 145 -25.57 24.93 -1.74
C ASP I 145 -24.23 24.47 -2.34
N SER I 146 -23.66 23.41 -1.78
CA SER I 146 -22.30 23.02 -2.14
C SER I 146 -22.16 22.36 -3.51
N GLN I 147 -23.28 22.15 -4.19
CA GLN I 147 -23.25 21.62 -5.54
C GLN I 147 -22.78 22.68 -6.55
N THR I 148 -22.83 23.94 -6.14
CA THR I 148 -22.46 25.06 -7.00
C THR I 148 -20.95 25.31 -6.97
N ASN I 149 -20.38 25.58 -8.14
CA ASN I 149 -18.95 25.88 -8.26
C ASN I 149 -18.70 27.29 -8.77
N VAL I 150 -17.64 27.91 -8.30
CA VAL I 150 -17.34 29.28 -8.67
C VAL I 150 -16.10 29.39 -9.57
N SER I 151 -16.29 29.89 -10.79
CA SER I 151 -15.21 29.98 -11.76
C SER I 151 -14.61 31.39 -11.80
N GLN I 152 -13.37 31.49 -12.27
CA GLN I 152 -12.74 32.79 -12.48
C GLN I 152 -13.41 33.50 -13.64
N SER I 153 -13.04 34.76 -13.86
CA SER I 153 -13.66 35.54 -14.93
C SER I 153 -12.92 35.38 -16.26
N LYS I 154 -13.65 35.56 -17.36
CA LYS I 154 -13.02 35.62 -18.68
C LYS I 154 -12.09 36.82 -18.70
N ASP I 155 -12.39 37.79 -17.84
CA ASP I 155 -11.64 39.03 -17.73
C ASP I 155 -10.53 38.93 -16.67
N SER I 156 -9.44 39.65 -16.88
CA SER I 156 -8.30 39.60 -15.99
C SER I 156 -8.36 40.65 -14.90
N ASP I 157 -9.10 41.73 -15.15
CA ASP I 157 -9.31 42.75 -14.12
C ASP I 157 -10.71 42.67 -13.50
N VAL I 158 -11.32 41.51 -13.63
CA VAL I 158 -12.49 41.13 -12.83
C VAL I 158 -12.04 40.06 -11.84
N TYR I 159 -12.09 40.40 -10.55
CA TYR I 159 -11.60 39.52 -9.51
C TYR I 159 -12.73 38.72 -8.86
N ILE I 160 -12.54 37.41 -8.79
CA ILE I 160 -13.51 36.55 -8.15
C ILE I 160 -12.82 35.62 -7.16
N THR I 161 -13.28 35.62 -5.92
CA THR I 161 -12.73 34.74 -4.89
C THR I 161 -13.55 33.46 -4.83
N ASP I 162 -12.89 32.35 -4.52
CA ASP I 162 -13.60 31.08 -4.44
C ASP I 162 -14.57 31.08 -3.27
N LYS I 163 -15.52 30.16 -3.31
CA LYS I 163 -16.51 30.03 -2.25
C LYS I 163 -15.85 29.65 -0.94
N CYS I 164 -16.28 30.29 0.14
CA CYS I 164 -15.92 29.79 1.46
C CYS I 164 -17.11 29.84 2.41
N VAL I 165 -17.11 28.92 3.38
CA VAL I 165 -18.25 28.75 4.27
C VAL I 165 -18.16 29.65 5.49
N LEU I 166 -19.33 29.94 6.06
CA LEU I 166 -19.46 30.84 7.17
C LEU I 166 -20.42 30.18 8.15
N ASP I 167 -20.18 30.39 9.44
CA ASP I 167 -20.93 29.67 10.46
C ASP I 167 -21.50 30.63 11.49
N MET I 168 -22.78 30.96 11.35
CA MET I 168 -23.46 31.71 12.38
C MET I 168 -23.90 30.71 13.44
N ARG I 169 -22.94 30.33 14.30
CA ARG I 169 -23.07 29.19 15.21
C ARG I 169 -24.32 29.18 16.08
N SER I 170 -24.67 30.34 16.63
CA SER I 170 -25.82 30.43 17.53
C SER I 170 -27.13 30.20 16.78
N MET I 171 -27.13 30.40 15.47
CA MET I 171 -28.33 30.17 14.67
C MET I 171 -28.29 28.83 13.95
N ASP I 172 -27.26 28.04 14.22
CA ASP I 172 -27.06 26.78 13.53
C ASP I 172 -27.16 26.99 12.01
N PHE I 173 -26.67 28.13 11.53
CA PHE I 173 -26.82 28.52 10.14
C PHE I 173 -25.50 28.58 9.37
N LYS I 174 -25.45 27.89 8.23
CA LYS I 174 -24.29 27.93 7.35
C LYS I 174 -24.64 28.53 5.99
N SER I 175 -23.69 29.25 5.40
CA SER I 175 -23.89 29.80 4.06
C SER I 175 -22.56 29.88 3.30
N ASN I 176 -22.61 29.53 2.01
CA ASN I 176 -21.45 29.72 1.15
C ASN I 176 -21.53 31.11 0.56
N SER I 177 -20.44 31.55 -0.07
CA SER I 177 -20.45 32.83 -0.74
C SER I 177 -19.14 33.10 -1.44
N ALA I 178 -19.23 33.81 -2.56
CA ALA I 178 -18.07 34.26 -3.30
C ALA I 178 -18.16 35.77 -3.43
N VAL I 179 -17.03 36.41 -3.66
CA VAL I 179 -17.00 37.85 -3.82
C VAL I 179 -16.35 38.17 -5.15
N ALA I 180 -16.87 39.19 -5.83
CA ALA I 180 -16.30 39.62 -7.10
C ALA I 180 -16.26 41.14 -7.17
N TRP I 181 -15.15 41.68 -7.65
CA TRP I 181 -15.04 43.12 -7.83
C TRP I 181 -14.24 43.51 -9.08
N SER I 182 -14.44 44.74 -9.55
CA SER I 182 -13.78 45.21 -10.76
C SER I 182 -13.83 46.73 -10.90
N ASN I 183 -12.93 47.27 -11.70
CA ASN I 183 -12.95 48.69 -12.04
C ASN I 183 -13.56 48.91 -13.42
N LYS I 184 -13.66 47.82 -14.18
CA LYS I 184 -14.33 47.84 -15.46
C LYS I 184 -15.70 48.48 -15.34
N SER I 185 -15.96 49.48 -16.18
CA SER I 185 -17.23 50.21 -16.17
C SER I 185 -18.37 49.28 -16.57
N ASP I 186 -18.10 48.36 -17.48
CA ASP I 186 -19.10 47.40 -17.94
C ASP I 186 -19.38 46.32 -16.89
N PHE I 187 -18.66 46.37 -15.77
CA PHE I 187 -18.84 45.38 -14.69
C PHE I 187 -20.09 45.64 -13.87
N ALA I 188 -20.94 44.62 -13.76
CA ALA I 188 -22.20 44.73 -13.04
C ALA I 188 -22.58 43.40 -12.43
N CYS I 189 -23.24 43.44 -11.28
CA CYS I 189 -23.57 42.21 -10.58
C CYS I 189 -24.36 41.24 -11.45
N ALA I 190 -25.15 41.76 -12.37
CA ALA I 190 -25.97 40.91 -13.22
C ALA I 190 -25.11 39.99 -14.09
N ASN I 191 -23.87 40.39 -14.33
CA ASN I 191 -22.99 39.64 -15.21
C ASN I 191 -21.69 39.17 -14.56
N ALA I 192 -21.53 39.45 -13.27
CA ALA I 192 -20.30 39.11 -12.56
C ALA I 192 -20.00 37.62 -12.50
N PHE I 193 -20.98 36.82 -12.07
CA PHE I 193 -20.77 35.40 -11.84
C PHE I 193 -21.30 34.52 -12.96
N ASN I 194 -21.37 35.05 -14.17
CA ASN I 194 -22.01 34.31 -15.26
C ASN I 194 -21.04 33.46 -16.09
N ASN I 195 -19.79 33.41 -15.65
CA ASN I 195 -18.83 32.46 -16.18
C ASN I 195 -18.84 31.20 -15.32
N SER I 196 -19.84 31.12 -14.44
CA SER I 196 -20.05 29.97 -13.58
C SER I 196 -21.41 29.36 -13.89
N ILE I 197 -21.57 28.08 -13.56
CA ILE I 197 -22.89 27.47 -13.60
C ILE I 197 -23.59 27.74 -12.28
N ILE I 198 -24.56 28.66 -12.31
CA ILE I 198 -25.30 29.02 -11.10
C ILE I 198 -26.73 28.48 -11.15
N PRO I 199 -27.33 28.24 -9.99
CA PRO I 199 -28.70 27.70 -9.93
C PRO I 199 -29.63 28.57 -10.78
N GLU I 200 -30.51 27.95 -11.57
CA GLU I 200 -31.37 28.72 -12.46
C GLU I 200 -32.28 29.67 -11.67
N ASP I 201 -32.68 29.24 -10.48
CA ASP I 201 -33.55 30.04 -9.63
C ASP I 201 -32.77 31.02 -8.75
N THR I 202 -31.56 31.41 -9.18
CA THR I 202 -30.77 32.39 -8.44
C THR I 202 -31.45 33.76 -8.46
N PHE I 203 -31.57 34.36 -7.28
CA PHE I 203 -32.28 35.61 -7.10
C PHE I 203 -31.42 36.82 -7.50
N PHE I 204 -31.91 37.60 -8.47
CA PHE I 204 -31.23 38.81 -8.87
C PHE I 204 -32.10 40.03 -8.55
N PRO I 205 -31.92 40.61 -7.36
CA PRO I 205 -32.68 41.80 -6.96
C PRO I 205 -32.44 42.98 -7.90
N SER I 206 -33.49 43.76 -8.14
CA SER I 206 -33.38 44.96 -8.95
C SER I 206 -33.42 46.22 -8.06
N PRO I 207 -32.57 47.21 -8.36
CA PRO I 207 -31.63 47.37 -9.49
C PRO I 207 -30.72 46.17 -9.71
N SER J 1 5.03 18.74 30.23
CA SER J 1 4.49 18.66 28.89
C SER J 1 3.43 19.75 28.68
N GLN J 2 3.88 21.00 28.66
CA GLN J 2 2.92 22.11 28.66
C GLN J 2 2.97 23.01 27.41
N THR J 3 3.97 23.89 27.33
CA THR J 3 3.92 25.00 26.40
C THR J 3 5.18 25.19 25.55
N ILE J 4 4.98 25.50 24.27
CA ILE J 4 6.07 25.88 23.37
C ILE J 4 5.68 27.10 22.56
N HIS J 5 6.57 28.09 22.50
CA HIS J 5 6.25 29.37 21.89
C HIS J 5 7.46 29.89 21.14
N GLN J 6 7.25 30.31 19.89
CA GLN J 6 8.33 30.87 19.09
C GLN J 6 7.91 32.23 18.52
N TRP J 7 8.91 33.04 18.15
CA TRP J 7 8.65 34.43 17.78
C TRP J 7 9.84 35.04 17.05
N PRO J 8 9.58 36.01 16.15
CA PRO J 8 8.24 36.46 15.77
C PRO J 8 7.57 35.43 14.86
N ALA J 9 6.26 35.56 14.65
CA ALA J 9 5.53 34.61 13.82
C ALA J 9 5.62 34.96 12.34
N THR J 10 5.70 36.25 12.03
CA THR J 10 5.78 36.68 10.64
C THR J 10 6.92 37.68 10.45
N LEU J 11 7.69 37.46 9.40
CA LEU J 11 8.93 38.20 9.20
C LEU J 11 9.11 38.60 7.74
N VAL J 12 9.27 39.90 7.50
CA VAL J 12 9.60 40.41 6.17
C VAL J 12 10.90 41.20 6.22
N GLN J 13 11.92 40.70 5.54
CA GLN J 13 13.27 41.29 5.62
C GLN J 13 14.01 41.26 4.28
N PRO J 14 14.88 42.25 4.05
CA PRO J 14 15.65 42.33 2.80
C PRO J 14 16.80 41.33 2.80
N VAL J 15 17.28 40.98 1.61
CA VAL J 15 18.43 40.09 1.51
C VAL J 15 19.61 40.78 2.19
N GLY J 16 20.43 39.99 2.88
CA GLY J 16 21.58 40.53 3.56
C GLY J 16 21.36 40.75 5.04
N SER J 17 20.14 41.12 5.45
CA SER J 17 19.85 41.39 6.85
C SER J 17 19.99 40.15 7.73
N PRO J 18 20.32 40.35 9.02
CA PRO J 18 20.47 39.26 9.99
C PRO J 18 19.12 38.62 10.31
N LEU J 19 19.14 37.35 10.71
CA LEU J 19 17.93 36.65 11.12
C LEU J 19 18.04 36.15 12.55
N SER J 20 16.96 36.29 13.31
CA SER J 20 16.93 35.71 14.64
C SER J 20 15.52 35.25 15.05
N LEU J 21 15.26 33.96 14.90
CA LEU J 21 14.06 33.37 15.47
C LEU J 21 14.43 32.76 16.82
N GLU J 22 13.54 32.93 17.80
CA GLU J 22 13.77 32.35 19.11
C GLU J 22 12.57 31.52 19.56
N CYS J 23 12.83 30.55 20.43
CA CYS J 23 11.81 29.63 20.87
C CYS J 23 11.96 29.27 22.36
N THR J 24 10.84 29.02 23.01
CA THR J 24 10.84 28.65 24.43
C THR J 24 9.87 27.50 24.69
N VAL J 25 10.22 26.64 25.65
CA VAL J 25 9.30 25.61 26.10
C VAL J 25 9.13 25.73 27.61
N GLU J 26 7.93 25.42 28.10
CA GLU J 26 7.67 25.49 29.54
C GLU J 26 7.02 24.21 30.07
N GLY J 27 7.30 23.89 31.33
CA GLY J 27 6.65 22.78 32.01
C GLY J 27 7.36 21.44 31.85
N THR J 28 8.60 21.49 31.39
CA THR J 28 9.37 20.28 31.16
C THR J 28 10.84 20.66 31.15
N SER J 29 11.71 19.74 31.54
CA SER J 29 13.13 20.06 31.62
C SER J 29 13.97 19.15 30.73
N ASN J 30 15.06 19.71 30.21
CA ASN J 30 15.94 19.00 29.29
C ASN J 30 15.21 18.26 28.17
N PRO J 31 14.35 18.97 27.43
CA PRO J 31 13.63 18.35 26.32
C PRO J 31 14.53 18.29 25.10
N ASN J 32 14.17 17.44 24.13
CA ASN J 32 14.81 17.50 22.82
C ASN J 32 14.15 18.64 22.06
N LEU J 33 14.96 19.42 21.35
CA LEU J 33 14.43 20.51 20.55
C LEU J 33 14.77 20.30 19.08
N TYR J 34 13.91 20.81 18.21
CA TYR J 34 14.13 20.67 16.77
C TYR J 34 13.74 21.93 16.02
N TRP J 35 14.44 22.17 14.90
CA TRP J 35 14.02 23.15 13.93
C TRP J 35 13.61 22.43 12.64
N TYR J 36 12.35 22.60 12.25
CA TYR J 36 11.86 22.02 11.01
C TYR J 36 11.58 23.12 9.99
N ARG J 37 11.63 22.75 8.71
CA ARG J 37 11.31 23.68 7.64
C ARG J 37 10.18 23.13 6.76
N GLN J 38 9.35 24.03 6.24
CA GLN J 38 8.25 23.63 5.37
C GLN J 38 8.28 24.50 4.12
N ALA J 39 8.91 24.00 3.07
CA ALA J 39 8.87 24.65 1.76
C ALA J 39 7.54 24.29 1.10
N ALA J 40 6.96 25.25 0.38
CA ALA J 40 5.58 25.14 -0.06
C ALA J 40 4.69 25.01 1.18
N GLY J 41 3.63 24.23 1.06
CA GLY J 41 2.76 23.96 2.19
C GLY J 41 2.65 22.46 2.35
N ARG J 42 3.81 21.80 2.36
CA ARG J 42 3.89 20.35 2.28
C ARG J 42 4.99 19.81 3.19
N GLY J 43 5.59 18.68 2.78
CA GLY J 43 6.63 18.01 3.55
C GLY J 43 7.54 18.88 4.42
N LEU J 44 7.68 18.47 5.68
CA LEU J 44 8.59 19.11 6.63
C LEU J 44 9.98 18.48 6.60
N GLN J 45 11.01 19.33 6.51
CA GLN J 45 12.39 18.88 6.56
C GLN J 45 13.02 19.26 7.90
N LEU J 46 13.71 18.30 8.52
CA LEU J 46 14.40 18.57 9.78
C LEU J 46 15.72 19.27 9.51
N LEU J 47 15.88 20.48 10.06
CA LEU J 47 17.11 21.25 9.91
C LEU J 47 18.10 20.94 11.02
N PHE J 48 17.64 21.09 12.26
CA PHE J 48 18.49 20.90 13.42
C PHE J 48 17.74 20.15 14.51
N TYR J 49 18.48 19.39 15.30
CA TYR J 49 17.93 18.79 16.50
C TYR J 49 18.92 18.98 17.65
N SER J 50 18.41 19.28 18.83
CA SER J 50 19.25 19.49 20.00
C SER J 50 18.89 18.51 21.08
N VAL J 51 19.86 17.69 21.47
CA VAL J 51 19.58 16.65 22.44
C VAL J 51 19.83 17.15 23.86
N GLY J 52 20.44 18.32 23.98
CA GLY J 52 20.66 18.94 25.27
C GLY J 52 21.34 20.30 25.17
N ILE J 53 21.27 21.08 26.25
CA ILE J 53 21.84 22.42 26.27
C ILE J 53 23.26 22.49 25.69
N GLY J 54 23.49 23.48 24.83
CA GLY J 54 24.77 23.64 24.18
C GLY J 54 24.98 22.71 22.99
N GLN J 55 24.12 21.72 22.86
CA GLN J 55 24.26 20.71 21.81
C GLN J 55 23.37 20.94 20.58
N ILE J 56 24.02 21.17 19.44
CA ILE J 56 23.32 21.36 18.17
C ILE J 56 23.83 20.34 17.16
N SER J 57 22.92 19.54 16.61
CA SER J 57 23.28 18.62 15.53
C SER J 57 22.40 18.82 14.31
N SER J 58 22.92 18.46 13.14
CA SER J 58 22.12 18.44 11.91
C SER J 58 22.46 17.22 11.08
N GLU J 59 21.45 16.69 10.39
CA GLU J 59 21.65 15.55 9.50
C GLU J 59 22.38 16.00 8.23
N VAL J 60 21.75 16.91 7.49
CA VAL J 60 22.39 17.53 6.34
C VAL J 60 22.91 18.90 6.74
N PRO J 61 24.06 19.31 6.19
CA PRO J 61 24.64 20.63 6.50
C PRO J 61 23.69 21.76 6.14
N GLN J 62 23.61 22.77 7.02
CA GLN J 62 22.72 23.91 6.82
C GLN J 62 23.52 25.19 6.67
N ASN J 63 22.86 26.23 6.16
CA ASN J 63 23.48 27.55 6.08
C ASN J 63 23.01 28.45 7.23
N LEU J 64 21.78 28.20 7.68
CA LEU J 64 21.28 28.84 8.89
C LEU J 64 22.04 28.30 10.09
N SER J 65 22.16 29.11 11.14
CA SER J 65 22.80 28.65 12.37
C SER J 65 21.76 28.38 13.45
N ALA J 66 22.04 27.41 14.30
CA ALA J 66 21.16 27.05 15.41
C ALA J 66 21.95 27.07 16.71
N SER J 67 21.29 27.37 17.82
CA SER J 67 21.96 27.40 19.11
C SER J 67 21.01 27.13 20.27
N ARG J 68 21.58 26.69 21.39
CA ARG J 68 20.78 26.42 22.58
C ARG J 68 21.55 26.86 23.83
N PRO J 69 21.56 28.17 24.09
CA PRO J 69 22.30 28.76 25.22
C PRO J 69 21.72 28.35 26.56
N GLN J 70 20.45 28.04 26.62
CA GLN J 70 19.84 27.59 27.86
C GLN J 70 18.94 26.40 27.62
N ASP J 71 18.62 25.68 28.68
CA ASP J 71 17.87 24.45 28.54
C ASP J 71 16.66 24.68 27.66
N ARG J 72 15.86 25.67 28.02
CA ARG J 72 14.58 25.89 27.35
C ARG J 72 14.63 27.10 26.43
N GLN J 73 15.82 27.40 25.91
CA GLN J 73 16.00 28.51 24.98
C GLN J 73 16.67 28.06 23.67
N PHE J 74 15.90 28.13 22.58
CA PHE J 74 16.35 27.63 21.27
C PHE J 74 16.34 28.77 20.26
N ILE J 75 17.34 28.81 19.38
CA ILE J 75 17.51 29.91 18.44
C ILE J 75 17.82 29.41 17.04
N LEU J 76 17.22 30.05 16.04
CA LEU J 76 17.60 29.82 14.65
C LEU J 76 17.98 31.17 14.08
N SER J 77 19.14 31.25 13.43
CA SER J 77 19.67 32.56 13.04
C SER J 77 20.52 32.57 11.77
N SER J 78 20.94 33.78 11.41
CA SER J 78 21.81 34.00 10.26
C SER J 78 22.40 35.39 10.37
N LYS J 79 23.59 35.57 9.80
CA LYS J 79 24.23 36.88 9.82
C LYS J 79 23.95 37.67 8.54
N LYS J 80 23.57 36.96 7.49
CA LYS J 80 23.11 37.56 6.24
C LYS J 80 22.11 36.62 5.59
N LEU J 81 20.89 37.09 5.38
CA LEU J 81 19.85 36.25 4.80
C LEU J 81 20.03 36.10 3.29
N LEU J 82 19.91 34.86 2.82
CA LEU J 82 19.92 34.59 1.40
C LEU J 82 18.49 34.62 0.91
N LEU J 83 18.28 35.12 -0.30
CA LEU J 83 16.94 35.17 -0.88
C LEU J 83 16.29 33.79 -0.83
N SER J 84 17.13 32.77 -0.69
CA SER J 84 16.68 31.37 -0.68
C SER J 84 16.19 30.98 0.70
N ASP J 85 16.48 31.82 1.68
CA ASP J 85 16.15 31.53 3.07
C ASP J 85 14.66 31.67 3.37
N SER J 86 13.92 32.27 2.45
CA SER J 86 12.47 32.34 2.57
C SER J 86 11.89 30.98 2.93
N GLY J 87 10.85 30.97 3.76
CA GLY J 87 10.19 29.72 4.12
C GLY J 87 9.44 29.77 5.45
N PHE J 88 8.85 28.63 5.81
CA PHE J 88 8.13 28.49 7.08
C PHE J 88 8.95 27.65 8.07
N TYR J 89 9.32 28.24 9.20
CA TYR J 89 10.20 27.56 10.14
C TYR J 89 9.51 27.22 11.46
N LEU J 90 9.49 25.95 11.80
CA LEU J 90 8.82 25.52 13.02
C LEU J 90 9.79 25.07 14.11
N CYS J 91 9.52 25.53 15.32
CA CYS J 91 10.22 25.07 16.50
C CYS J 91 9.45 23.85 17.00
N ALA J 92 10.14 22.94 17.69
CA ALA J 92 9.47 21.77 18.23
C ALA J 92 10.23 21.14 19.40
N TRP J 93 9.49 20.47 20.28
CA TRP J 93 10.10 19.83 21.44
C TRP J 93 9.58 18.41 21.62
N SER J 94 10.31 17.61 22.40
CA SER J 94 9.84 16.29 22.81
C SER J 94 10.55 15.85 24.09
N VAL J 95 10.01 14.84 24.75
CA VAL J 95 10.71 14.24 25.86
C VAL J 95 11.92 13.54 25.25
N SER J 96 12.94 13.32 26.06
CA SER J 96 14.14 12.63 25.60
C SER J 96 13.84 11.16 25.50
N VAL J 97 14.60 10.47 24.66
CA VAL J 97 14.52 9.02 24.52
C VAL J 97 14.43 8.33 25.88
N GLY J 98 15.17 8.86 26.86
CA GLY J 98 15.14 8.30 28.20
C GLY J 98 13.83 8.57 28.92
N ALA J 99 13.27 9.75 28.68
CA ALA J 99 12.09 10.21 29.41
C ALA J 99 10.81 9.51 28.99
N GLY J 100 10.79 8.99 27.76
CA GLY J 100 9.64 8.27 27.26
C GLY J 100 9.67 8.14 25.75
N VAL J 101 8.58 7.68 25.16
CA VAL J 101 8.43 7.64 23.70
C VAL J 101 8.31 9.06 23.18
N PRO J 102 9.31 9.50 22.38
CA PRO J 102 9.28 10.89 21.90
C PRO J 102 8.10 11.18 20.98
N THR J 103 7.35 12.23 21.30
CA THR J 103 6.30 12.70 20.42
C THR J 103 6.53 14.19 20.18
N ILE J 104 7.03 14.53 19.01
CA ILE J 104 7.33 15.91 18.69
C ILE J 104 6.07 16.79 18.71
N TYR J 105 6.14 17.89 19.46
CA TYR J 105 5.06 18.87 19.50
C TYR J 105 5.56 20.20 18.97
N PHE J 106 4.79 20.85 18.11
CA PHE J 106 5.27 22.06 17.43
C PHE J 106 4.79 23.39 18.03
N GLY J 107 5.63 24.41 17.90
CA GLY J 107 5.23 25.78 18.15
C GLY J 107 4.43 26.33 16.98
N GLU J 108 4.13 27.62 16.98
CA GLU J 108 3.22 28.19 15.99
C GLU J 108 3.82 28.26 14.58
N GLY J 109 5.13 28.50 14.50
CA GLY J 109 5.79 28.62 13.22
C GLY J 109 6.12 30.06 12.91
N SER J 110 6.90 30.27 11.86
CA SER J 110 7.34 31.61 11.49
C SER J 110 7.47 31.77 9.98
N TRP J 111 6.63 32.64 9.40
CA TRP J 111 6.74 32.98 8.00
C TRP J 111 7.90 33.92 7.79
N LEU J 112 8.88 33.48 7.02
CA LEU J 112 10.01 34.33 6.71
C LEU J 112 10.04 34.59 5.21
N THR J 113 9.73 35.82 4.83
CA THR J 113 9.81 36.21 3.44
C THR J 113 11.00 37.16 3.27
N VAL J 114 12.03 36.67 2.57
CA VAL J 114 13.18 37.50 2.24
C VAL J 114 12.91 38.12 0.89
N VAL J 115 12.93 39.45 0.82
CA VAL J 115 12.62 40.15 -0.42
C VAL J 115 13.86 40.74 -1.07
N GLU J 116 13.96 40.55 -2.38
CA GLU J 116 15.11 41.05 -3.14
C GLU J 116 15.08 42.56 -3.25
N ASP J 117 13.89 43.11 -3.46
CA ASP J 117 13.73 44.54 -3.70
C ASP J 117 12.61 45.12 -2.83
N LEU J 118 12.98 45.95 -1.85
CA LEU J 118 12.00 46.54 -0.95
C LEU J 118 11.08 47.51 -1.68
N ASN J 119 11.48 47.93 -2.86
CA ASN J 119 10.67 48.83 -3.68
C ASN J 119 9.36 48.19 -4.11
N LYS J 120 9.27 46.87 -3.97
CA LYS J 120 8.08 46.11 -4.36
C LYS J 120 7.10 45.93 -3.21
N VAL J 121 7.49 46.39 -2.02
CA VAL J 121 6.66 46.20 -0.82
C VAL J 121 5.57 47.27 -0.71
N PHE J 122 4.33 46.83 -0.53
CA PHE J 122 3.18 47.73 -0.47
C PHE J 122 2.21 47.36 0.63
N PRO J 123 1.94 48.32 1.54
CA PRO J 123 0.94 48.07 2.58
C PRO J 123 -0.39 47.91 1.90
N PRO J 124 -1.36 47.28 2.57
CA PRO J 124 -2.67 47.08 1.93
C PRO J 124 -3.57 48.31 2.07
N GLU J 125 -4.62 48.36 1.27
CA GLU J 125 -5.70 49.31 1.48
C GLU J 125 -6.94 48.51 1.87
N VAL J 126 -7.67 49.01 2.85
CA VAL J 126 -8.80 48.26 3.39
C VAL J 126 -10.12 49.00 3.20
N ALA J 127 -11.15 48.25 2.84
CA ALA J 127 -12.48 48.82 2.63
C ALA J 127 -13.57 47.88 3.16
N VAL J 128 -14.57 48.44 3.82
CA VAL J 128 -15.73 47.68 4.27
C VAL J 128 -16.93 48.02 3.41
N PHE J 129 -17.69 47.01 3.01
CA PHE J 129 -18.87 47.23 2.17
C PHE J 129 -20.15 46.83 2.88
N GLU J 130 -21.00 47.80 3.16
CA GLU J 130 -22.21 47.57 3.94
C GLU J 130 -23.17 46.63 3.22
N PRO J 131 -23.91 45.82 4.00
CA PRO J 131 -24.90 44.85 3.49
C PRO J 131 -25.99 45.52 2.67
N SER J 132 -26.50 44.84 1.66
CA SER J 132 -27.54 45.38 0.79
C SER J 132 -28.91 45.23 1.42
N GLU J 133 -29.83 46.11 1.06
CA GLU J 133 -31.21 46.05 1.57
C GLU J 133 -31.95 44.87 0.97
N ALA J 134 -31.58 44.49 -0.25
CA ALA J 134 -32.19 43.34 -0.89
C ALA J 134 -31.96 42.08 -0.04
N GLU J 135 -30.71 41.86 0.36
CA GLU J 135 -30.39 40.73 1.23
C GLU J 135 -31.23 40.75 2.50
N ILE J 136 -31.22 41.91 3.17
CA ILE J 136 -31.99 42.07 4.40
C ILE J 136 -33.46 41.72 4.20
N SER J 137 -34.00 42.03 3.03
CA SER J 137 -35.40 41.75 2.72
C SER J 137 -35.61 40.27 2.43
N HIS J 138 -34.68 39.68 1.72
CA HIS J 138 -34.84 38.32 1.22
C HIS J 138 -34.51 37.25 2.28
N THR J 139 -33.60 37.57 3.19
CA THR J 139 -33.05 36.57 4.11
C THR J 139 -33.14 36.98 5.58
N GLN J 140 -33.35 38.27 5.83
CA GLN J 140 -33.35 38.80 7.18
C GLN J 140 -31.96 38.69 7.82
N LYS J 141 -30.94 38.58 6.96
CA LYS J 141 -29.54 38.58 7.41
C LYS J 141 -28.77 39.67 6.70
N ALA J 142 -27.60 40.01 7.23
CA ALA J 142 -26.80 41.11 6.70
C ALA J 142 -25.33 40.74 6.56
N THR J 143 -24.81 40.82 5.35
CA THR J 143 -23.44 40.45 5.09
C THR J 143 -22.55 41.65 4.80
N LEU J 144 -21.53 41.85 5.62
CA LEU J 144 -20.50 42.84 5.30
C LEU J 144 -19.37 42.14 4.54
N VAL J 145 -18.71 42.88 3.67
CA VAL J 145 -17.54 42.36 2.97
C VAL J 145 -16.33 43.26 3.20
N CYS J 146 -15.18 42.64 3.46
CA CYS J 146 -13.94 43.40 3.63
C CYS J 146 -12.97 43.12 2.48
N LEU J 147 -12.25 44.16 2.07
CA LEU J 147 -11.43 44.08 0.87
C LEU J 147 -10.07 44.71 1.11
N ALA J 148 -9.03 43.87 1.17
CA ALA J 148 -7.66 44.36 1.28
C ALA J 148 -6.99 44.25 -0.08
N THR J 149 -6.39 45.35 -0.54
CA THR J 149 -5.91 45.41 -1.93
C THR J 149 -4.50 45.96 -2.04
N GLY J 150 -3.79 45.54 -3.09
CA GLY J 150 -2.50 46.10 -3.45
C GLY J 150 -1.38 45.93 -2.45
N PHE J 151 -1.35 44.82 -1.73
CA PHE J 151 -0.30 44.63 -0.73
C PHE J 151 0.75 43.60 -1.16
N PHE J 152 1.99 43.87 -0.76
CA PHE J 152 3.12 42.97 -0.98
C PHE J 152 4.13 43.17 0.13
N PRO J 153 4.62 42.06 0.71
CA PRO J 153 4.36 40.70 0.25
C PRO J 153 3.11 40.05 0.82
N ASP J 154 3.16 38.72 0.79
CA ASP J 154 2.07 37.78 0.99
C ASP J 154 1.31 37.85 2.32
N HIS J 155 2.03 37.74 3.43
CA HIS J 155 1.39 37.36 4.69
C HIS J 155 0.90 38.51 5.56
N VAL J 156 -0.42 38.68 5.56
CA VAL J 156 -1.10 39.66 6.39
C VAL J 156 -2.15 38.93 7.21
N GLU J 157 -2.67 39.60 8.23
CA GLU J 157 -3.68 39.02 9.09
C GLU J 157 -4.93 39.88 9.14
N LEU J 158 -6.00 39.39 8.53
CA LEU J 158 -7.29 40.08 8.53
C LEU J 158 -8.15 39.58 9.69
N SER J 159 -8.72 40.51 10.42
CA SER J 159 -9.64 40.17 11.49
C SER J 159 -10.81 41.15 11.53
N TRP J 160 -11.95 40.69 12.01
CA TRP J 160 -13.10 41.54 12.25
C TRP J 160 -13.19 41.89 13.73
N TRP J 161 -13.60 43.12 14.02
CA TRP J 161 -13.72 43.61 15.38
C TRP J 161 -15.04 44.32 15.55
N VAL J 162 -15.95 43.68 16.26
CA VAL J 162 -17.28 44.22 16.49
C VAL J 162 -17.39 44.76 17.90
N ASN J 163 -17.73 46.04 18.02
CA ASN J 163 -17.88 46.67 19.32
C ASN J 163 -16.66 46.44 20.22
N GLY J 164 -15.47 46.41 19.61
CA GLY J 164 -14.23 46.32 20.35
C GLY J 164 -13.71 44.92 20.58
N LYS J 165 -14.57 43.92 20.35
CA LYS J 165 -14.15 42.53 20.53
C LYS J 165 -13.95 41.85 19.17
N GLU J 166 -12.90 41.05 19.05
CA GLU J 166 -12.67 40.31 17.81
C GLU J 166 -13.84 39.35 17.64
N VAL J 167 -14.13 38.97 16.40
CA VAL J 167 -15.24 38.05 16.16
C VAL J 167 -14.80 36.91 15.23
N HIS J 168 -15.34 35.72 15.48
CA HIS J 168 -15.02 34.57 14.63
C HIS J 168 -16.28 33.93 14.07
N SER J 169 -17.36 34.02 14.83
CA SER J 169 -18.64 33.46 14.39
C SER J 169 -19.24 34.29 13.27
N GLY J 170 -19.67 33.63 12.20
CA GLY J 170 -20.28 34.30 11.07
C GLY J 170 -19.26 34.90 10.12
N VAL J 171 -17.99 34.52 10.27
CA VAL J 171 -16.93 35.08 9.44
C VAL J 171 -16.27 34.03 8.55
N CYS J 172 -15.91 34.45 7.35
CA CYS J 172 -15.12 33.61 6.46
C CYS J 172 -14.14 34.47 5.67
N THR J 173 -12.87 34.11 5.72
CA THR J 173 -11.84 34.81 4.97
C THR J 173 -11.22 33.85 3.97
N ASP J 174 -10.89 34.36 2.78
CA ASP J 174 -10.28 33.54 1.75
C ASP J 174 -9.10 32.75 2.29
N PRO J 175 -9.02 31.45 1.93
CA PRO J 175 -7.92 30.58 2.35
C PRO J 175 -6.56 31.24 2.17
N GLN J 176 -6.39 31.99 1.09
CA GLN J 176 -5.14 32.71 0.83
C GLN J 176 -5.38 33.84 -0.18
N PRO J 177 -4.48 34.84 -0.20
CA PRO J 177 -4.65 35.99 -1.10
C PRO J 177 -4.58 35.60 -2.57
N LEU J 178 -5.26 36.35 -3.42
CA LEU J 178 -5.15 36.16 -4.87
C LEU J 178 -4.19 37.21 -5.44
N LYS J 179 -3.56 36.90 -6.57
CA LYS J 179 -2.68 37.87 -7.24
C LYS J 179 -3.51 38.84 -8.09
N GLU J 180 -3.29 40.13 -7.90
CA GLU J 180 -4.03 41.13 -8.67
C GLU J 180 -3.63 41.08 -10.14
N GLN J 181 -2.40 40.66 -10.40
CA GLN J 181 -1.92 40.45 -11.76
C GLN J 181 -1.04 39.20 -11.84
N PRO J 182 -1.69 38.04 -11.97
CA PRO J 182 -1.05 36.71 -11.95
C PRO J 182 0.10 36.59 -12.93
N ALA J 183 0.14 37.50 -13.90
CA ALA J 183 1.27 37.56 -14.83
C ALA J 183 2.53 37.97 -14.08
N LEU J 184 2.56 39.24 -13.64
CA LEU J 184 3.71 39.79 -12.93
C LEU J 184 4.24 38.85 -11.85
N ASN J 185 5.56 38.79 -11.70
CA ASN J 185 6.19 37.88 -10.76
C ASN J 185 6.32 38.47 -9.35
N ASP J 186 6.02 39.76 -9.24
CA ASP J 186 5.97 40.43 -7.95
C ASP J 186 4.64 41.14 -7.80
N SER J 187 3.58 40.46 -8.25
CA SER J 187 2.24 40.99 -8.20
C SER J 187 1.84 41.32 -6.77
N ARG J 188 1.15 42.42 -6.59
CA ARG J 188 0.58 42.76 -5.30
C ARG J 188 -0.67 41.90 -5.10
N TYR J 189 -1.12 41.81 -3.85
CA TYR J 189 -2.18 40.85 -3.52
C TYR J 189 -3.48 41.52 -3.09
N ALA J 190 -4.56 40.75 -3.16
CA ALA J 190 -5.86 41.17 -2.68
C ALA J 190 -6.45 40.06 -1.83
N LEU J 191 -7.27 40.43 -0.85
CA LEU J 191 -7.89 39.45 0.03
C LEU J 191 -9.29 39.93 0.40
N SER J 192 -10.24 39.01 0.49
CA SER J 192 -11.60 39.38 0.87
C SER J 192 -12.11 38.52 2.03
N SER J 193 -13.01 39.10 2.82
CA SER J 193 -13.60 38.40 3.95
C SER J 193 -15.06 38.83 4.12
N ARG J 194 -15.83 37.99 4.81
CA ARG J 194 -17.24 38.24 5.03
C ARG J 194 -17.59 38.14 6.51
N LEU J 195 -18.47 39.04 6.96
CA LEU J 195 -19.06 38.96 8.29
C LEU J 195 -20.56 39.04 8.12
N ARG J 196 -21.26 38.00 8.53
CA ARG J 196 -22.71 37.99 8.40
C ARG J 196 -23.34 38.07 9.78
N VAL J 197 -24.24 39.03 9.95
CA VAL J 197 -25.00 39.14 11.19
C VAL J 197 -26.47 39.18 10.85
N SER J 198 -27.32 39.09 11.87
CA SER J 198 -28.76 39.19 11.65
C SER J 198 -29.10 40.62 11.22
N ALA J 199 -30.22 40.79 10.56
CA ALA J 199 -30.64 42.12 10.11
C ALA J 199 -30.74 43.05 11.31
N THR J 200 -31.40 42.56 12.35
CA THR J 200 -31.60 43.30 13.59
C THR J 200 -30.29 43.90 14.08
N PHE J 201 -29.23 43.10 14.08
CA PHE J 201 -27.94 43.53 14.58
C PHE J 201 -27.41 44.72 13.77
N TRP J 202 -27.33 44.55 12.46
CA TRP J 202 -26.84 45.60 11.57
C TRP J 202 -27.69 46.85 11.65
N GLN J 203 -28.97 46.68 11.97
CA GLN J 203 -29.91 47.79 12.00
C GLN J 203 -29.80 48.64 13.28
N ASN J 204 -28.97 48.19 14.20
CA ASN J 204 -28.75 48.90 15.45
C ASN J 204 -27.58 49.87 15.33
N PRO J 205 -27.87 51.18 15.42
CA PRO J 205 -26.84 52.21 15.24
C PRO J 205 -25.86 52.26 16.40
N ARG J 206 -26.02 51.39 17.39
CA ARG J 206 -25.07 51.33 18.50
C ARG J 206 -23.98 50.31 18.24
N ASN J 207 -24.08 49.63 17.09
CA ASN J 207 -23.13 48.60 16.70
C ASN J 207 -22.05 49.10 15.76
N HIS J 208 -20.80 48.90 16.17
CA HIS J 208 -19.65 49.38 15.41
C HIS J 208 -18.84 48.24 14.81
N PHE J 209 -18.74 48.22 13.48
CA PHE J 209 -18.05 47.16 12.76
C PHE J 209 -16.71 47.66 12.22
N ARG J 210 -15.66 46.90 12.44
CA ARG J 210 -14.35 47.28 11.96
C ARG J 210 -13.59 46.11 11.37
N CYS J 211 -12.95 46.35 10.24
CA CYS J 211 -12.11 45.35 9.61
C CYS J 211 -10.65 45.76 9.77
N GLN J 212 -9.83 44.83 10.24
CA GLN J 212 -8.44 45.14 10.53
C GLN J 212 -7.52 44.23 9.73
N VAL J 213 -6.44 44.81 9.21
CA VAL J 213 -5.44 44.03 8.50
C VAL J 213 -4.06 44.38 9.02
N GLN J 214 -3.45 43.44 9.74
CA GLN J 214 -2.07 43.60 10.16
C GLN J 214 -1.17 43.31 8.97
N PHE J 215 -0.26 44.23 8.69
CA PHE J 215 0.66 44.10 7.57
C PHE J 215 2.08 44.03 8.10
N TYR J 216 2.88 43.16 7.48
CA TYR J 216 4.29 43.07 7.84
C TYR J 216 5.14 43.52 6.66
N GLY J 217 6.02 44.48 6.91
CA GLY J 217 6.89 45.03 5.88
C GLY J 217 8.21 45.44 6.48
N LEU J 218 8.64 46.66 6.17
CA LEU J 218 9.95 47.13 6.62
C LEU J 218 9.92 47.59 8.07
N SER J 219 11.10 47.75 8.66
CA SER J 219 11.23 48.29 9.99
C SER J 219 11.57 49.78 9.90
N GLU J 220 11.44 50.49 11.01
CA GLU J 220 11.79 51.90 11.09
C GLU J 220 13.22 52.06 10.63
N ASN J 221 14.02 51.04 10.88
CA ASN J 221 15.46 51.11 10.65
C ASN J 221 15.89 50.76 9.22
N ASP J 222 15.02 50.10 8.46
CA ASP J 222 15.31 49.80 7.06
C ASP J 222 15.46 51.11 6.29
N GLU J 223 16.34 51.11 5.30
CA GLU J 223 16.55 52.31 4.47
C GLU J 223 15.42 52.49 3.46
N TRP J 224 15.00 53.74 3.28
CA TRP J 224 13.97 54.08 2.30
C TRP J 224 14.29 55.41 1.63
N THR J 225 14.23 55.44 0.31
CA THR J 225 14.62 56.62 -0.45
C THR J 225 13.49 57.13 -1.33
N GLN J 226 12.48 56.29 -1.56
CA GLN J 226 11.40 56.61 -2.49
C GLN J 226 10.50 57.75 -2.01
N ASP J 227 9.66 58.24 -2.92
CA ASP J 227 8.76 59.35 -2.63
C ASP J 227 7.60 58.94 -1.72
N ARG J 228 6.95 57.82 -2.07
CA ARG J 228 5.80 57.34 -1.31
C ARG J 228 6.20 56.94 0.11
N ALA J 229 5.21 56.94 1.01
CA ALA J 229 5.45 56.61 2.42
C ALA J 229 6.08 55.22 2.59
N LYS J 230 6.98 55.11 3.57
CA LYS J 230 7.68 53.87 3.85
C LYS J 230 6.70 52.74 4.19
N PRO J 231 6.83 51.59 3.50
CA PRO J 231 5.91 50.45 3.67
C PRO J 231 6.19 49.66 4.94
N VAL J 232 6.27 50.35 6.07
CA VAL J 232 6.54 49.72 7.36
C VAL J 232 5.44 48.77 7.83
N THR J 233 5.82 47.80 8.65
CA THR J 233 4.85 46.98 9.36
C THR J 233 3.83 47.92 9.98
N GLN J 234 2.56 47.63 9.79
CA GLN J 234 1.52 48.52 10.26
C GLN J 234 0.17 47.84 10.23
N ILE J 235 -0.84 48.58 10.67
CA ILE J 235 -2.22 48.10 10.65
C ILE J 235 -3.07 49.07 9.85
N VAL J 236 -3.92 48.53 8.98
CA VAL J 236 -4.83 49.35 8.20
C VAL J 236 -6.27 48.91 8.49
N SER J 237 -7.17 49.87 8.71
CA SER J 237 -8.53 49.58 9.14
C SER J 237 -9.58 50.36 8.35
N ALA J 238 -10.75 49.76 8.22
CA ALA J 238 -11.91 50.41 7.63
C ALA J 238 -13.11 50.00 8.46
N GLU J 239 -14.13 50.85 8.53
CA GLU J 239 -15.23 50.57 9.45
C GLU J 239 -16.60 51.03 8.95
N ALA J 240 -17.62 50.69 9.73
CA ALA J 240 -18.99 51.03 9.42
C ALA J 240 -19.85 50.86 10.67
N TRP J 241 -20.86 51.70 10.80
CA TRP J 241 -21.77 51.64 11.94
C TRP J 241 -23.08 50.97 11.54
N GLY J 242 -23.83 50.52 12.54
CA GLY J 242 -25.19 50.04 12.33
C GLY J 242 -26.03 51.15 11.70
N ARG J 243 -27.26 50.81 11.32
CA ARG J 243 -28.00 51.67 10.41
C ARG J 243 -29.42 51.15 10.24
N ALA J 244 -30.41 52.02 10.50
CA ALA J 244 -31.82 51.61 10.42
C ALA J 244 -32.45 52.00 9.09
N ASP J 245 -32.35 53.28 8.75
CA ASP J 245 -32.97 53.82 7.54
C ASP J 245 -34.48 53.56 7.49
#